data_1XU0
#
_entry.id   1XU0
#
_entity_poly.entity_id   1
_entity_poly.type   'polypeptide(L)'
_entity_poly.pdbx_seq_one_letter_code
;GSGYNKQWKPPKSKTNMKSVAIGAAAGAIGGYMLGNAVGRMSYQFNNPMESRYYNDYYNQMPNRVYRPMYRGEEYVSEDR
FVRDCYNMSVTEYIIKPAEGKNNSELNQLDTTVKSQIIREMCITEYRRGS
;
_entity_poly.pdbx_strand_id   A
#
# COMPACT_ATOMS: atom_id res chain seq x y z
N ILE A 29 -14.74 -8.39 -8.33
CA ILE A 29 -13.35 -8.83 -8.34
C ILE A 29 -13.35 -10.37 -8.32
N GLY A 30 -12.68 -10.99 -9.28
CA GLY A 30 -12.59 -12.45 -9.39
C GLY A 30 -11.66 -13.03 -8.33
N GLY A 31 -10.68 -12.24 -7.89
CA GLY A 31 -9.88 -12.45 -6.70
C GLY A 31 -8.84 -11.34 -6.62
N TYR A 32 -8.22 -11.20 -5.45
CA TYR A 32 -7.00 -10.42 -5.31
C TYR A 32 -5.84 -11.33 -5.76
N MET A 33 -4.81 -10.74 -6.36
CA MET A 33 -3.55 -11.42 -6.62
C MET A 33 -2.42 -10.43 -6.38
N LEU A 34 -1.22 -10.92 -6.09
CA LEU A 34 0.02 -10.15 -6.04
C LEU A 34 0.60 -10.13 -7.44
N GLY A 35 0.62 -8.95 -8.06
CA GLY A 35 1.18 -8.72 -9.38
C GLY A 35 2.69 -8.69 -9.29
N ASN A 36 3.25 -7.49 -9.17
CA ASN A 36 4.69 -7.28 -9.17
C ASN A 36 5.07 -6.54 -7.89
N ALA A 37 6.29 -6.80 -7.43
CA ALA A 37 6.88 -6.16 -6.28
C ALA A 37 7.29 -4.73 -6.61
N VAL A 38 7.97 -4.04 -5.68
CA VAL A 38 8.29 -2.63 -5.79
C VAL A 38 9.82 -2.49 -5.69
N GLY A 39 10.40 -2.50 -4.48
CA GLY A 39 11.84 -2.59 -4.25
C GLY A 39 12.37 -1.48 -3.37
N ARG A 40 12.16 -1.59 -2.06
CA ARG A 40 12.54 -0.61 -1.07
C ARG A 40 12.06 0.81 -1.31
N MET A 41 11.07 1.05 -2.18
CA MET A 41 10.55 2.29 -2.70
C MET A 41 11.49 3.51 -2.57
N SER A 42 11.62 4.05 -1.36
CA SER A 42 12.42 5.20 -0.94
C SER A 42 12.29 6.44 -1.83
N TYR A 43 11.09 6.64 -2.42
CA TYR A 43 10.70 7.86 -3.12
C TYR A 43 10.92 9.12 -2.28
N GLN A 44 10.69 10.27 -2.94
CA GLN A 44 10.87 11.61 -2.42
C GLN A 44 10.34 11.75 -0.99
N PHE A 45 9.08 11.36 -0.78
CA PHE A 45 8.23 11.71 0.36
C PHE A 45 8.10 13.22 0.56
N ASN A 46 7.07 13.59 1.31
CA ASN A 46 6.68 14.98 1.56
C ASN A 46 7.43 15.50 2.78
N ASN A 47 7.72 14.60 3.73
CA ASN A 47 8.35 14.91 5.00
C ASN A 47 9.28 13.76 5.34
N PRO A 48 10.44 14.02 5.97
CA PRO A 48 11.44 13.00 6.22
C PRO A 48 10.99 11.97 7.24
N MET A 49 10.03 12.29 8.12
CA MET A 49 9.38 11.30 8.98
C MET A 49 8.84 10.16 8.15
N GLU A 50 8.20 10.45 7.02
CA GLU A 50 7.54 9.43 6.22
C GLU A 50 8.58 8.48 5.64
N SER A 51 9.70 9.05 5.19
CA SER A 51 10.84 8.32 4.65
C SER A 51 11.49 7.45 5.73
N ARG A 52 11.94 8.05 6.84
CA ARG A 52 12.62 7.36 7.91
C ARG A 52 11.71 6.26 8.42
N TYR A 53 10.46 6.60 8.73
CA TYR A 53 9.55 5.63 9.27
C TYR A 53 9.46 4.46 8.30
N TYR A 54 9.21 4.71 7.01
CA TYR A 54 9.14 3.63 6.03
C TYR A 54 10.40 2.77 6.06
N ASN A 55 11.57 3.36 6.25
CA ASN A 55 12.83 2.66 6.15
C ASN A 55 13.14 1.80 7.38
N ASP A 56 12.79 2.28 8.57
CA ASP A 56 12.95 1.48 9.79
C ASP A 56 11.86 0.41 9.85
N TYR A 57 10.64 0.78 9.48
CA TYR A 57 9.45 -0.08 9.53
C TYR A 57 9.34 -0.96 8.29
N TYR A 58 10.31 -0.88 7.38
CA TYR A 58 10.36 -1.57 6.11
C TYR A 58 10.04 -3.06 6.23
N ASN A 59 10.48 -3.66 7.33
CA ASN A 59 10.27 -5.07 7.68
C ASN A 59 8.80 -5.40 7.95
N GLN A 60 8.05 -4.48 8.58
CA GLN A 60 6.62 -4.64 8.80
C GLN A 60 5.83 -4.20 7.58
N MET A 61 6.31 -3.20 6.87
CA MET A 61 5.71 -2.67 5.66
C MET A 61 5.72 -3.73 4.54
N PRO A 62 4.88 -3.58 3.51
CA PRO A 62 4.80 -4.54 2.41
C PRO A 62 6.04 -4.48 1.50
N ASN A 63 6.36 -5.54 0.76
CA ASN A 63 7.48 -5.54 -0.20
C ASN A 63 6.99 -5.46 -1.64
N ARG A 64 5.68 -5.45 -1.84
CA ARG A 64 5.00 -5.58 -3.12
C ARG A 64 3.59 -5.01 -3.01
N VAL A 65 2.82 -5.02 -4.10
CA VAL A 65 1.45 -4.52 -4.09
C VAL A 65 0.51 -5.63 -4.60
N TYR A 66 -0.75 -5.67 -4.14
CA TYR A 66 -1.75 -6.63 -4.60
C TYR A 66 -2.63 -5.93 -5.66
N ARG A 67 -3.44 -6.67 -6.42
CA ARG A 67 -4.20 -6.21 -7.57
C ARG A 67 -5.65 -6.72 -7.56
N PRO A 68 -6.67 -5.86 -7.73
CA PRO A 68 -8.04 -6.27 -8.01
C PRO A 68 -8.17 -6.77 -9.46
N MET A 69 -8.24 -8.08 -9.70
CA MET A 69 -8.57 -8.55 -11.05
C MET A 69 -10.09 -8.47 -11.23
N TYR A 70 -10.49 -7.45 -11.98
CA TYR A 70 -11.83 -7.34 -12.52
C TYR A 70 -11.91 -8.26 -13.74
N ARG A 71 -13.05 -8.90 -13.97
CA ARG A 71 -13.32 -9.65 -15.21
C ARG A 71 -14.16 -8.85 -16.18
N GLY A 72 -14.67 -7.72 -15.71
CA GLY A 72 -15.57 -6.83 -16.40
C GLY A 72 -15.74 -5.60 -15.54
N GLU A 73 -14.76 -4.70 -15.62
CA GLU A 73 -14.78 -3.35 -15.13
C GLU A 73 -15.05 -2.44 -16.32
N GLU A 74 -14.06 -2.29 -17.21
CA GLU A 74 -14.02 -1.43 -18.38
C GLU A 74 -14.35 0.05 -18.14
N TYR A 75 -14.51 0.51 -16.90
CA TYR A 75 -14.92 1.86 -16.55
C TYR A 75 -14.22 2.35 -15.27
N VAL A 76 -12.92 2.06 -15.15
CA VAL A 76 -12.03 2.55 -14.11
C VAL A 76 -10.88 3.33 -14.75
N SER A 77 -10.56 4.45 -14.12
CA SER A 77 -9.37 5.27 -14.32
C SER A 77 -8.43 5.04 -13.15
N GLU A 78 -7.24 5.63 -13.19
CA GLU A 78 -6.16 5.36 -12.25
C GLU A 78 -6.56 5.78 -10.83
N ASP A 79 -7.43 6.76 -10.69
CA ASP A 79 -7.99 7.20 -9.44
C ASP A 79 -8.87 6.12 -8.80
N ARG A 80 -9.69 5.42 -9.58
CA ARG A 80 -10.50 4.29 -9.14
C ARG A 80 -9.64 3.04 -8.94
N PHE A 81 -8.65 2.78 -9.79
CA PHE A 81 -7.76 1.64 -9.60
C PHE A 81 -6.99 1.86 -8.30
N VAL A 82 -6.35 3.03 -8.14
CA VAL A 82 -5.53 3.28 -6.97
C VAL A 82 -6.38 3.21 -5.71
N ARG A 83 -7.60 3.76 -5.66
CA ARG A 83 -8.40 3.62 -4.46
C ARG A 83 -8.78 2.17 -4.23
N ASP A 84 -9.23 1.40 -5.23
CA ASP A 84 -9.78 0.07 -4.96
C ASP A 84 -8.65 -0.86 -4.54
N CYS A 85 -7.50 -0.73 -5.20
CA CYS A 85 -6.25 -1.42 -4.85
C CYS A 85 -5.83 -1.02 -3.43
N TYR A 86 -5.78 0.30 -3.16
CA TYR A 86 -5.47 0.87 -1.85
C TYR A 86 -6.36 0.24 -0.80
N ASN A 87 -7.67 0.21 -1.02
CA ASN A 87 -8.70 -0.18 -0.05
C ASN A 87 -8.50 -1.64 0.41
N MET A 88 -7.91 -2.47 -0.44
CA MET A 88 -7.45 -3.79 -0.05
C MET A 88 -6.13 -3.71 0.70
N SER A 89 -5.10 -3.12 0.08
CA SER A 89 -3.77 -2.96 0.67
C SER A 89 -3.87 -2.48 2.12
N VAL A 90 -4.58 -1.39 2.40
CA VAL A 90 -4.75 -0.86 3.75
C VAL A 90 -5.26 -1.93 4.69
N THR A 91 -6.37 -2.59 4.38
CA THR A 91 -6.94 -3.61 5.26
C THR A 91 -5.91 -4.69 5.57
N GLU A 92 -5.14 -5.11 4.55
CA GLU A 92 -4.11 -6.13 4.66
C GLU A 92 -3.01 -5.75 5.66
N TYR A 93 -2.92 -4.46 6.02
CA TYR A 93 -1.91 -3.93 6.93
C TYR A 93 -2.50 -3.01 7.99
N ILE A 94 -3.80 -3.09 8.26
CA ILE A 94 -4.47 -2.39 9.35
C ILE A 94 -5.30 -3.40 10.13
N ILE A 95 -6.19 -4.11 9.43
CA ILE A 95 -7.12 -5.02 10.08
C ILE A 95 -6.35 -6.28 10.46
N LYS A 96 -5.50 -6.81 9.59
CA LYS A 96 -4.63 -7.95 9.91
C LYS A 96 -3.76 -7.66 11.13
N PRO A 97 -2.94 -6.59 11.16
CA PRO A 97 -2.16 -6.29 12.33
C PRO A 97 -3.02 -5.94 13.56
N ALA A 98 -4.36 -5.83 13.46
CA ALA A 98 -5.20 -5.63 14.62
C ALA A 98 -5.24 -6.86 15.52
N GLU A 99 -4.75 -8.03 15.08
CA GLU A 99 -4.81 -9.31 15.81
C GLU A 99 -4.49 -9.08 17.29
N GLY A 100 -3.34 -8.47 17.58
CA GLY A 100 -3.00 -8.01 18.92
C GLY A 100 -1.77 -7.12 18.87
N LYS A 101 -1.92 -5.90 18.34
CA LYS A 101 -0.90 -4.87 18.26
C LYS A 101 -1.53 -3.54 18.67
N ASN A 102 -1.32 -3.18 19.93
CA ASN A 102 -1.85 -1.98 20.57
C ASN A 102 -0.88 -0.82 20.36
N ASN A 103 -1.04 -0.05 19.29
CA ASN A 103 -0.28 1.16 19.00
C ASN A 103 -0.64 2.30 19.97
N SER A 104 -1.93 2.45 20.26
CA SER A 104 -2.52 3.61 20.89
C SER A 104 -2.02 4.91 20.27
N GLU A 105 -2.59 5.27 19.12
CA GLU A 105 -2.39 6.52 18.40
C GLU A 105 -1.01 6.61 17.75
N LEU A 106 -0.08 5.73 18.13
CA LEU A 106 1.10 5.43 17.35
C LEU A 106 0.73 5.00 15.93
N ASN A 107 -0.49 4.52 15.68
CA ASN A 107 -0.87 4.16 14.33
C ASN A 107 -1.09 5.36 13.44
N GLN A 108 -1.18 6.57 13.97
CA GLN A 108 -1.43 7.74 13.19
C GLN A 108 -0.36 7.92 12.12
N LEU A 109 0.92 7.92 12.49
CA LEU A 109 2.01 8.09 11.55
C LEU A 109 2.13 6.80 10.73
N ASP A 110 1.89 5.63 11.33
CA ASP A 110 1.90 4.35 10.63
C ASP A 110 0.95 4.37 9.45
N THR A 111 -0.30 4.79 9.65
CA THR A 111 -1.29 4.99 8.60
C THR A 111 -0.88 6.14 7.69
N THR A 112 -0.36 7.25 8.21
CA THR A 112 0.05 8.42 7.42
C THR A 112 0.95 7.94 6.28
N VAL A 113 2.08 7.32 6.64
CA VAL A 113 3.03 6.82 5.66
C VAL A 113 2.40 5.71 4.85
N LYS A 114 1.72 4.76 5.49
CA LYS A 114 1.22 3.59 4.79
C LYS A 114 0.20 3.97 3.72
N SER A 115 -0.61 4.99 3.96
CA SER A 115 -1.54 5.54 2.99
C SER A 115 -0.74 6.04 1.77
N GLN A 116 0.22 6.95 2.02
CA GLN A 116 1.04 7.59 1.01
C GLN A 116 1.76 6.52 0.18
N ILE A 117 2.44 5.59 0.86
CA ILE A 117 3.24 4.58 0.18
C ILE A 117 2.35 3.68 -0.66
N ILE A 118 1.22 3.17 -0.17
CA ILE A 118 0.36 2.27 -0.93
C ILE A 118 -0.08 2.97 -2.21
N ARG A 119 -0.47 4.25 -2.16
CA ARG A 119 -0.84 5.03 -3.35
C ARG A 119 0.31 5.04 -4.35
N GLU A 120 1.54 5.30 -3.90
CA GLU A 120 2.73 5.34 -4.75
C GLU A 120 3.11 3.96 -5.31
N MET A 121 2.99 2.92 -4.50
CA MET A 121 3.21 1.53 -4.88
C MET A 121 2.22 1.15 -5.98
N CYS A 122 1.01 1.70 -5.90
CA CYS A 122 -0.02 1.43 -6.86
C CYS A 122 0.31 2.09 -8.21
N ILE A 123 0.75 3.36 -8.18
CA ILE A 123 1.22 4.05 -9.38
C ILE A 123 2.38 3.27 -10.02
N THR A 124 3.33 2.78 -9.23
CA THR A 124 4.47 2.06 -9.79
C THR A 124 4.00 0.81 -10.52
N GLU A 125 2.93 0.14 -10.05
CA GLU A 125 2.47 -1.09 -10.67
C GLU A 125 2.12 -0.79 -12.12
N TYR A 126 1.40 0.30 -12.37
CA TYR A 126 1.02 0.73 -13.71
C TYR A 126 2.23 0.99 -14.61
N ARG A 127 3.36 1.35 -14.01
CA ARG A 127 4.59 1.79 -14.67
C ARG A 127 5.63 0.70 -14.83
N ARG A 128 5.41 -0.46 -14.24
CA ARG A 128 6.09 -1.73 -14.58
C ARG A 128 5.21 -2.67 -15.39
N GLY A 129 3.92 -2.59 -15.14
CA GLY A 129 2.87 -3.28 -15.89
C GLY A 129 2.69 -2.67 -17.28
N SER A 130 3.31 -1.51 -17.54
CA SER A 130 3.50 -0.94 -18.86
C SER A 130 4.99 -0.92 -19.19
N ILE A 29 -13.78 -5.45 -6.76
CA ILE A 29 -12.62 -6.32 -6.93
C ILE A 29 -12.75 -7.62 -6.13
N GLY A 30 -13.01 -8.72 -6.86
CA GLY A 30 -13.23 -10.05 -6.30
C GLY A 30 -12.13 -10.55 -5.37
N GLY A 31 -10.86 -10.23 -5.64
CA GLY A 31 -9.76 -10.75 -4.84
C GLY A 31 -8.39 -10.42 -5.42
N TYR A 32 -7.35 -10.90 -4.74
CA TYR A 32 -5.99 -10.40 -4.80
C TYR A 32 -5.00 -11.57 -4.68
N MET A 33 -4.03 -11.67 -5.59
CA MET A 33 -3.07 -12.79 -5.61
C MET A 33 -1.63 -12.28 -5.58
N LEU A 34 -1.48 -10.95 -5.56
CA LEU A 34 -0.27 -10.19 -5.80
C LEU A 34 0.20 -10.36 -7.25
N GLY A 35 0.93 -9.36 -7.73
CA GLY A 35 1.57 -9.36 -9.03
C GLY A 35 3.03 -9.62 -8.77
N ASN A 36 3.78 -8.57 -8.46
CA ASN A 36 5.18 -8.68 -8.06
C ASN A 36 5.57 -7.60 -7.05
N ALA A 37 6.57 -7.91 -6.23
CA ALA A 37 7.00 -7.08 -5.12
C ALA A 37 7.82 -5.88 -5.59
N VAL A 38 7.94 -4.85 -4.73
CA VAL A 38 8.54 -3.56 -5.09
C VAL A 38 10.01 -3.51 -4.67
N GLY A 39 10.33 -4.05 -3.49
CA GLY A 39 11.69 -4.02 -2.95
C GLY A 39 12.06 -2.61 -2.53
N ARG A 40 11.74 -2.21 -1.29
CA ARG A 40 12.12 -0.97 -0.64
C ARG A 40 11.52 0.36 -1.10
N MET A 41 10.81 0.37 -2.21
CA MET A 41 10.22 1.48 -2.98
C MET A 41 11.01 2.79 -2.97
N SER A 42 11.07 3.46 -1.83
CA SER A 42 11.77 4.70 -1.51
C SER A 42 11.52 5.85 -2.50
N TYR A 43 10.28 5.99 -3.01
CA TYR A 43 9.84 7.25 -3.60
C TYR A 43 9.98 8.42 -2.62
N GLN A 44 9.68 9.60 -3.15
CA GLN A 44 9.78 10.89 -2.50
C GLN A 44 8.75 10.99 -1.38
N PHE A 45 9.15 10.60 -0.18
CA PHE A 45 8.32 10.79 0.99
C PHE A 45 8.23 12.28 1.30
N ASN A 46 7.08 12.65 1.83
CA ASN A 46 6.68 14.02 2.08
C ASN A 46 7.54 14.58 3.21
N ASN A 47 7.74 13.77 4.25
CA ASN A 47 8.47 14.13 5.45
C ASN A 47 9.37 12.96 5.82
N PRO A 48 10.53 13.19 6.47
CA PRO A 48 11.50 12.14 6.72
C PRO A 48 10.97 11.11 7.70
N MET A 49 10.08 11.47 8.63
CA MET A 49 9.42 10.52 9.53
C MET A 49 8.78 9.41 8.72
N GLU A 50 8.13 9.73 7.62
CA GLU A 50 7.38 8.77 6.84
C GLU A 50 8.34 7.73 6.27
N SER A 51 9.48 8.20 5.77
CA SER A 51 10.54 7.39 5.21
C SER A 51 11.21 6.57 6.32
N ARG A 52 11.71 7.22 7.36
CA ARG A 52 12.46 6.61 8.45
C ARG A 52 11.58 5.57 9.12
N TYR A 53 10.33 5.92 9.44
CA TYR A 53 9.41 5.00 10.07
C TYR A 53 9.25 3.78 9.19
N TYR A 54 8.98 3.94 7.90
CA TYR A 54 8.89 2.80 6.98
C TYR A 54 10.14 1.95 7.03
N ASN A 55 11.32 2.58 7.10
CA ASN A 55 12.59 1.87 7.07
C ASN A 55 12.93 1.19 8.39
N ASP A 56 12.24 1.51 9.48
CA ASP A 56 12.45 0.91 10.79
C ASP A 56 11.35 -0.09 11.09
N TYR A 57 10.17 0.10 10.51
CA TYR A 57 9.00 -0.77 10.57
C TYR A 57 8.97 -1.71 9.36
N TYR A 58 10.01 -1.71 8.51
CA TYR A 58 10.01 -2.41 7.24
C TYR A 58 9.65 -3.89 7.43
N ASN A 59 10.10 -4.49 8.53
CA ASN A 59 9.79 -5.87 8.90
C ASN A 59 8.28 -6.12 8.95
N GLN A 60 7.51 -5.18 9.51
CA GLN A 60 6.06 -5.32 9.66
C GLN A 60 5.30 -4.89 8.40
N MET A 61 5.96 -4.17 7.50
CA MET A 61 5.40 -3.45 6.35
C MET A 61 5.30 -4.34 5.09
N PRO A 62 4.72 -3.81 3.99
CA PRO A 62 4.82 -4.42 2.68
C PRO A 62 6.23 -4.34 2.09
N ASN A 63 6.69 -5.49 1.60
CA ASN A 63 7.66 -5.64 0.56
C ASN A 63 6.98 -5.65 -0.81
N ARG A 64 5.73 -6.14 -0.88
CA ARG A 64 4.99 -6.32 -2.14
C ARG A 64 3.68 -5.55 -2.14
N VAL A 65 3.12 -5.32 -3.33
CA VAL A 65 1.80 -4.73 -3.52
C VAL A 65 0.92 -5.88 -4.01
N TYR A 66 -0.39 -5.74 -3.90
CA TYR A 66 -1.32 -6.78 -4.29
C TYR A 66 -2.03 -6.36 -5.57
N ARG A 67 -1.54 -6.79 -6.73
CA ARG A 67 -2.25 -6.65 -7.99
C ARG A 67 -3.70 -7.16 -7.88
N PRO A 68 -4.72 -6.32 -8.10
CA PRO A 68 -6.04 -6.80 -8.44
C PRO A 68 -5.98 -7.41 -9.85
N MET A 69 -6.93 -8.29 -10.18
CA MET A 69 -7.16 -8.69 -11.57
C MET A 69 -8.59 -8.47 -12.06
N TYR A 70 -9.41 -7.90 -11.19
CA TYR A 70 -10.85 -7.70 -11.32
C TYR A 70 -11.56 -9.01 -11.66
N ARG A 71 -12.88 -8.93 -11.79
CA ARG A 71 -13.70 -9.98 -12.39
C ARG A 71 -14.13 -9.64 -13.82
N GLY A 72 -14.18 -8.35 -14.08
CA GLY A 72 -14.57 -7.71 -15.33
C GLY A 72 -15.56 -6.59 -15.03
N GLU A 73 -15.07 -5.56 -14.34
CA GLU A 73 -15.81 -4.35 -13.99
C GLU A 73 -16.06 -3.57 -15.28
N GLU A 74 -15.05 -2.86 -15.76
CA GLU A 74 -15.03 -2.08 -16.97
C GLU A 74 -13.58 -1.83 -17.35
N TYR A 75 -13.13 -0.60 -17.21
CA TYR A 75 -11.89 -0.07 -17.78
C TYR A 75 -11.36 1.02 -16.85
N VAL A 76 -11.21 0.67 -15.58
CA VAL A 76 -11.03 1.61 -14.50
C VAL A 76 -9.82 2.51 -14.81
N SER A 77 -10.05 3.82 -14.86
CA SER A 77 -9.01 4.81 -14.89
C SER A 77 -8.19 4.73 -13.61
N GLU A 78 -7.11 5.47 -13.63
CA GLU A 78 -6.04 5.23 -12.66
C GLU A 78 -6.55 5.52 -11.26
N ASP A 79 -7.18 6.68 -11.06
CA ASP A 79 -7.63 7.14 -9.74
C ASP A 79 -8.61 6.14 -9.09
N ARG A 80 -9.37 5.37 -9.88
CA ARG A 80 -10.22 4.27 -9.52
C ARG A 80 -9.47 2.98 -9.16
N PHE A 81 -8.51 2.53 -9.97
CA PHE A 81 -7.68 1.38 -9.60
C PHE A 81 -6.89 1.72 -8.34
N VAL A 82 -6.33 2.93 -8.23
CA VAL A 82 -5.53 3.34 -7.10
C VAL A 82 -6.39 3.28 -5.84
N ARG A 83 -7.56 3.92 -5.82
CA ARG A 83 -8.45 3.82 -4.66
C ARG A 83 -8.78 2.35 -4.38
N ASP A 84 -9.18 1.58 -5.39
CA ASP A 84 -9.81 0.29 -5.18
C ASP A 84 -8.76 -0.73 -4.72
N CYS A 85 -7.55 -0.67 -5.29
CA CYS A 85 -6.40 -1.41 -4.82
C CYS A 85 -6.06 -0.98 -3.40
N TYR A 86 -5.97 0.34 -3.14
CA TYR A 86 -5.71 0.92 -1.83
C TYR A 86 -6.69 0.39 -0.79
N ASN A 87 -8.00 0.31 -1.10
CA ASN A 87 -9.06 -0.06 -0.16
C ASN A 87 -8.72 -1.41 0.47
N MET A 88 -8.44 -2.41 -0.36
CA MET A 88 -8.12 -3.74 0.14
C MET A 88 -6.70 -3.82 0.71
N SER A 89 -5.70 -3.17 0.11
CA SER A 89 -4.34 -3.18 0.64
C SER A 89 -4.28 -2.51 2.02
N VAL A 90 -5.12 -1.50 2.27
CA VAL A 90 -5.33 -0.94 3.59
C VAL A 90 -5.80 -2.07 4.48
N THR A 91 -6.93 -2.73 4.21
CA THR A 91 -7.43 -3.78 5.09
C THR A 91 -6.35 -4.82 5.41
N GLU A 92 -5.62 -5.28 4.40
CA GLU A 92 -4.58 -6.30 4.52
C GLU A 92 -3.47 -5.90 5.47
N TYR A 93 -3.31 -4.60 5.72
CA TYR A 93 -2.29 -4.06 6.59
C TYR A 93 -2.90 -3.06 7.59
N ILE A 94 -4.19 -3.19 7.92
CA ILE A 94 -4.85 -2.42 8.96
C ILE A 94 -5.67 -3.40 9.81
N ILE A 95 -6.64 -4.09 9.21
CA ILE A 95 -7.55 -4.98 9.93
C ILE A 95 -6.80 -6.25 10.38
N LYS A 96 -5.74 -6.62 9.66
CA LYS A 96 -4.89 -7.75 10.00
C LYS A 96 -3.96 -7.38 11.14
N PRO A 97 -3.11 -6.34 11.03
CA PRO A 97 -2.32 -5.94 12.16
C PRO A 97 -3.18 -5.52 13.36
N ALA A 98 -4.47 -5.15 13.20
CA ALA A 98 -5.38 -4.84 14.31
C ALA A 98 -5.54 -5.99 15.30
N GLU A 99 -5.14 -7.20 14.93
CA GLU A 99 -5.15 -8.35 15.83
C GLU A 99 -4.15 -8.11 16.99
N GLY A 100 -3.17 -7.22 16.77
CA GLY A 100 -2.22 -6.76 17.78
C GLY A 100 -2.19 -5.23 17.93
N LYS A 101 -1.81 -4.50 16.87
CA LYS A 101 -1.45 -3.08 16.85
C LYS A 101 -0.79 -2.60 18.14
N ASN A 102 0.42 -3.10 18.39
CA ASN A 102 1.32 -2.65 19.43
C ASN A 102 1.91 -1.27 19.06
N ASN A 103 1.06 -0.29 18.76
CA ASN A 103 1.36 1.10 18.50
C ASN A 103 0.53 1.99 19.42
N SER A 104 -0.78 1.75 19.54
CA SER A 104 -1.73 2.49 20.38
C SER A 104 -1.57 4.02 20.26
N GLU A 105 -2.26 4.61 19.28
CA GLU A 105 -2.20 6.02 18.86
C GLU A 105 -1.02 6.23 17.94
N LEU A 106 0.15 5.66 18.23
CA LEU A 106 1.33 5.67 17.35
C LEU A 106 0.98 5.09 15.95
N ASN A 107 -0.14 4.37 15.87
CA ASN A 107 -0.72 3.79 14.69
C ASN A 107 -1.13 4.85 13.68
N GLN A 108 -1.22 6.11 14.10
CA GLN A 108 -1.61 7.20 13.23
C GLN A 108 -0.50 7.44 12.20
N LEU A 109 0.76 7.54 12.64
CA LEU A 109 1.90 7.73 11.75
C LEU A 109 2.00 6.52 10.83
N ASP A 110 1.95 5.31 11.39
CA ASP A 110 1.90 4.06 10.62
C ASP A 110 0.82 4.14 9.54
N THR A 111 -0.43 4.44 9.91
CA THR A 111 -1.56 4.46 8.99
C THR A 111 -1.40 5.53 7.91
N THR A 112 -0.90 6.72 8.27
CA THR A 112 -0.61 7.82 7.37
C THR A 112 0.45 7.40 6.35
N VAL A 113 1.56 6.81 6.80
CA VAL A 113 2.63 6.31 5.95
C VAL A 113 2.06 5.25 5.01
N LYS A 114 1.26 4.32 5.52
CA LYS A 114 0.67 3.28 4.69
C LYS A 114 -0.32 3.87 3.70
N SER A 115 -1.07 4.92 4.06
CA SER A 115 -1.95 5.63 3.15
C SER A 115 -1.13 6.15 1.97
N GLN A 116 -0.05 6.88 2.24
CA GLN A 116 0.87 7.41 1.24
C GLN A 116 1.40 6.28 0.37
N ILE A 117 2.11 5.33 0.99
CA ILE A 117 2.86 4.34 0.26
C ILE A 117 1.96 3.42 -0.55
N ILE A 118 0.83 2.94 -0.04
CA ILE A 118 0.04 1.96 -0.77
C ILE A 118 -0.50 2.60 -2.04
N ARG A 119 -0.95 3.87 -1.98
CA ARG A 119 -1.39 4.57 -3.17
C ARG A 119 -0.25 4.72 -4.16
N GLU A 120 0.96 5.01 -3.69
CA GLU A 120 2.13 5.00 -4.56
C GLU A 120 2.35 3.61 -5.15
N MET A 121 2.28 2.56 -4.35
CA MET A 121 2.54 1.19 -4.76
C MET A 121 1.56 0.74 -5.85
N CYS A 122 0.33 1.25 -5.80
CA CYS A 122 -0.63 1.08 -6.88
C CYS A 122 -0.06 1.72 -8.15
N ILE A 123 0.30 2.99 -8.07
CA ILE A 123 0.89 3.76 -9.16
C ILE A 123 2.17 3.08 -9.68
N THR A 124 2.98 2.44 -8.83
CA THR A 124 4.14 1.67 -9.25
C THR A 124 3.72 0.57 -10.21
N GLU A 125 2.68 -0.21 -9.90
CA GLU A 125 2.33 -1.34 -10.75
C GLU A 125 1.88 -0.84 -12.13
N TYR A 126 1.41 0.40 -12.26
CA TYR A 126 1.30 1.03 -13.57
C TYR A 126 2.67 1.38 -14.14
N ARG A 127 3.47 2.22 -13.47
CA ARG A 127 4.72 2.75 -14.03
C ARG A 127 5.65 1.64 -14.49
N ARG A 128 5.86 0.65 -13.65
CA ARG A 128 6.88 -0.36 -13.78
C ARG A 128 6.30 -1.61 -14.44
N GLY A 129 5.00 -1.84 -14.26
CA GLY A 129 4.27 -2.86 -14.98
C GLY A 129 3.85 -2.41 -16.36
N SER A 130 4.21 -1.18 -16.74
CA SER A 130 3.85 -0.62 -18.04
C SER A 130 4.43 -1.54 -19.12
N ILE A 29 -13.97 -8.57 -8.89
CA ILE A 29 -12.53 -8.78 -9.07
C ILE A 29 -12.19 -10.29 -9.14
N GLY A 30 -11.18 -10.63 -9.95
CA GLY A 30 -10.91 -12.01 -10.28
C GLY A 30 -10.26 -12.85 -9.17
N GLY A 31 -9.85 -12.24 -8.05
CA GLY A 31 -9.02 -12.88 -7.03
C GLY A 31 -7.60 -12.31 -7.11
N TYR A 32 -7.14 -11.67 -6.03
CA TYR A 32 -5.84 -11.00 -5.97
C TYR A 32 -4.71 -12.03 -5.98
N MET A 33 -3.53 -11.68 -6.52
CA MET A 33 -2.38 -12.60 -6.59
C MET A 33 -1.05 -11.87 -6.41
N LEU A 34 -1.12 -10.62 -5.93
CA LEU A 34 -0.11 -9.59 -6.04
C LEU A 34 0.24 -9.31 -7.49
N GLY A 35 0.96 -8.23 -7.76
CA GLY A 35 1.51 -7.99 -9.08
C GLY A 35 3.00 -8.27 -9.06
N ASN A 36 3.76 -7.32 -8.54
CA ASN A 36 5.21 -7.35 -8.39
C ASN A 36 5.58 -6.77 -7.03
N ALA A 37 6.84 -6.86 -6.60
CA ALA A 37 7.30 -6.28 -5.34
C ALA A 37 8.17 -5.04 -5.56
N VAL A 38 8.29 -4.20 -4.52
CA VAL A 38 8.97 -2.90 -4.54
C VAL A 38 10.26 -3.05 -3.75
N GLY A 39 10.14 -3.12 -2.43
CA GLY A 39 11.19 -3.25 -1.43
C GLY A 39 11.33 -1.87 -0.82
N ARG A 40 12.22 -1.09 -1.40
CA ARG A 40 12.54 0.29 -1.09
C ARG A 40 11.95 1.15 -2.19
N MET A 41 10.64 1.34 -2.14
CA MET A 41 9.98 2.33 -2.99
C MET A 41 10.54 3.72 -2.71
N SER A 42 10.62 4.03 -1.41
CA SER A 42 10.99 5.23 -0.73
C SER A 42 10.69 6.48 -1.56
N TYR A 43 9.41 6.64 -1.88
CA TYR A 43 8.80 7.78 -2.55
C TYR A 43 9.10 9.16 -1.91
N GLN A 44 8.54 10.19 -2.55
CA GLN A 44 8.75 11.60 -2.27
C GLN A 44 7.99 12.00 -1.00
N PHE A 45 8.53 11.66 0.16
CA PHE A 45 7.91 11.98 1.45
C PHE A 45 7.80 13.48 1.69
N ASN A 46 6.89 13.86 2.58
CA ASN A 46 6.62 15.26 2.89
C ASN A 46 7.67 15.79 3.85
N ASN A 47 8.17 14.94 4.74
CA ASN A 47 9.08 15.27 5.84
C ASN A 47 9.89 14.01 6.20
N PRO A 48 10.97 14.13 6.99
CA PRO A 48 11.86 12.99 7.20
C PRO A 48 11.28 11.92 8.13
N MET A 49 10.30 12.23 8.98
CA MET A 49 9.62 11.32 9.88
C MET A 49 8.95 10.20 9.09
N GLU A 50 8.37 10.53 7.94
CA GLU A 50 7.62 9.55 7.16
C GLU A 50 8.63 8.56 6.56
N SER A 51 9.75 9.09 6.08
CA SER A 51 10.85 8.29 5.56
C SER A 51 11.50 7.46 6.69
N ARG A 52 11.63 8.05 7.87
CA ARG A 52 12.21 7.45 9.05
C ARG A 52 11.35 6.29 9.49
N TYR A 53 10.05 6.48 9.58
CA TYR A 53 9.17 5.42 10.01
C TYR A 53 9.19 4.31 8.96
N TYR A 54 9.17 4.63 7.65
CA TYR A 54 9.34 3.63 6.58
C TYR A 54 10.63 2.81 6.76
N ASN A 55 11.65 3.34 7.44
CA ASN A 55 12.94 2.68 7.67
C ASN A 55 12.92 1.86 8.95
N ASP A 56 12.63 2.51 10.08
CA ASP A 56 12.67 1.92 11.40
C ASP A 56 11.59 0.85 11.55
N TYR A 57 10.48 1.01 10.81
CA TYR A 57 9.38 0.08 10.74
C TYR A 57 9.40 -0.61 9.38
N TYR A 58 10.51 -0.58 8.63
CA TYR A 58 10.61 -1.25 7.33
C TYR A 58 10.25 -2.73 7.45
N ASN A 59 10.59 -3.35 8.59
CA ASN A 59 10.18 -4.74 8.85
C ASN A 59 8.64 -4.88 8.78
N GLN A 60 7.88 -3.88 9.24
CA GLN A 60 6.42 -3.83 9.24
C GLN A 60 5.83 -3.17 7.98
N MET A 61 6.66 -2.66 7.06
CA MET A 61 6.19 -2.08 5.81
C MET A 61 5.80 -3.19 4.84
N PRO A 62 4.97 -2.90 3.83
CA PRO A 62 4.79 -3.77 2.69
C PRO A 62 6.11 -3.96 1.94
N ASN A 63 6.43 -5.20 1.61
CA ASN A 63 7.49 -5.57 0.70
C ASN A 63 7.06 -5.41 -0.76
N ARG A 64 5.76 -5.61 -1.06
CA ARG A 64 5.26 -5.67 -2.41
C ARG A 64 4.04 -4.79 -2.63
N VAL A 65 3.36 -4.94 -3.77
CA VAL A 65 2.08 -4.32 -4.04
C VAL A 65 1.13 -5.44 -4.48
N TYR A 66 -0.18 -5.26 -4.28
CA TYR A 66 -1.17 -6.32 -4.39
C TYR A 66 -2.11 -6.08 -5.60
N ARG A 67 -1.58 -6.10 -6.83
CA ARG A 67 -2.35 -5.84 -8.05
C ARG A 67 -3.70 -6.58 -8.08
N PRO A 68 -4.86 -5.90 -8.14
CA PRO A 68 -6.10 -6.55 -8.53
C PRO A 68 -6.06 -6.98 -9.99
N MET A 69 -6.98 -7.88 -10.39
CA MET A 69 -7.08 -8.41 -11.73
C MET A 69 -8.54 -8.57 -12.15
N TYR A 70 -9.05 -7.58 -12.86
CA TYR A 70 -10.43 -7.55 -13.32
C TYR A 70 -10.57 -8.52 -14.49
N ARG A 71 -11.61 -9.37 -14.47
CA ARG A 71 -11.90 -10.34 -15.54
C ARG A 71 -12.95 -9.88 -16.53
N GLY A 72 -13.74 -8.96 -16.07
CA GLY A 72 -14.71 -8.22 -16.88
C GLY A 72 -14.92 -6.84 -16.32
N GLU A 73 -13.91 -5.99 -16.44
CA GLU A 73 -14.02 -4.58 -16.19
C GLU A 73 -12.99 -3.93 -17.09
N GLU A 74 -13.43 -3.55 -18.30
CA GLU A 74 -12.65 -2.64 -19.13
C GLU A 74 -12.60 -1.25 -18.51
N TYR A 75 -13.63 -0.95 -17.74
CA TYR A 75 -13.79 0.18 -16.87
C TYR A 75 -12.75 0.09 -15.74
N VAL A 76 -13.02 0.89 -14.73
CA VAL A 76 -12.03 1.46 -13.84
C VAL A 76 -11.07 2.32 -14.70
N SER A 77 -10.19 3.06 -14.05
CA SER A 77 -9.16 3.93 -14.57
C SER A 77 -8.00 3.89 -13.56
N GLU A 78 -6.86 4.53 -13.83
CA GLU A 78 -5.77 4.61 -12.86
C GLU A 78 -6.28 5.13 -11.50
N ASP A 79 -7.19 6.12 -11.50
CA ASP A 79 -7.78 6.69 -10.28
C ASP A 79 -8.58 5.66 -9.50
N ARG A 80 -9.56 5.02 -10.16
CA ARG A 80 -10.39 4.00 -9.53
C ARG A 80 -9.55 2.78 -9.09
N PHE A 81 -8.54 2.38 -9.87
CA PHE A 81 -7.61 1.33 -9.49
C PHE A 81 -6.90 1.78 -8.21
N VAL A 82 -6.41 3.02 -8.14
CA VAL A 82 -5.70 3.54 -6.98
C VAL A 82 -6.58 3.48 -5.75
N ARG A 83 -7.82 3.99 -5.76
CA ARG A 83 -8.66 3.91 -4.56
C ARG A 83 -8.90 2.47 -4.16
N ASP A 84 -9.17 1.55 -5.08
CA ASP A 84 -9.63 0.22 -4.68
C ASP A 84 -8.46 -0.64 -4.26
N CYS A 85 -7.33 -0.57 -4.98
CA CYS A 85 -6.07 -1.16 -4.58
C CYS A 85 -5.65 -0.59 -3.22
N TYR A 86 -5.82 0.72 -3.02
CA TYR A 86 -5.60 1.35 -1.72
C TYR A 86 -6.48 0.73 -0.66
N ASN A 87 -7.80 0.70 -0.87
CA ASN A 87 -8.77 0.26 0.12
C ASN A 87 -8.46 -1.16 0.58
N MET A 88 -8.12 -2.06 -0.34
CA MET A 88 -7.79 -3.43 0.04
C MET A 88 -6.45 -3.47 0.77
N SER A 89 -5.36 -2.91 0.22
CA SER A 89 -4.06 -2.95 0.91
C SER A 89 -4.14 -2.29 2.28
N VAL A 90 -4.96 -1.25 2.44
CA VAL A 90 -5.32 -0.69 3.72
C VAL A 90 -5.84 -1.82 4.60
N THR A 91 -6.93 -2.50 4.25
CA THR A 91 -7.45 -3.55 5.12
C THR A 91 -6.41 -4.64 5.40
N GLU A 92 -5.63 -5.05 4.40
CA GLU A 92 -4.56 -6.05 4.52
C GLU A 92 -3.52 -5.65 5.57
N TYR A 93 -3.40 -4.36 5.89
CA TYR A 93 -2.41 -3.83 6.81
C TYR A 93 -3.01 -2.87 7.84
N ILE A 94 -4.32 -2.93 8.09
CA ILE A 94 -5.01 -2.11 9.09
C ILE A 94 -5.98 -3.00 9.85
N ILE A 95 -6.79 -3.79 9.15
CA ILE A 95 -7.79 -4.66 9.76
C ILE A 95 -7.10 -5.94 10.24
N LYS A 96 -6.22 -6.53 9.44
CA LYS A 96 -5.43 -7.68 9.88
C LYS A 96 -4.61 -7.36 11.11
N PRO A 97 -3.75 -6.33 11.12
CA PRO A 97 -2.99 -5.98 12.30
C PRO A 97 -3.87 -5.43 13.42
N ALA A 98 -5.17 -5.16 13.19
CA ALA A 98 -6.06 -4.76 14.28
C ALA A 98 -6.22 -5.88 15.31
N GLU A 99 -5.76 -7.12 15.04
CA GLU A 99 -5.80 -8.17 16.05
C GLU A 99 -4.96 -7.78 17.27
N GLY A 100 -4.00 -6.84 17.15
CA GLY A 100 -3.41 -6.28 18.37
C GLY A 100 -2.73 -4.95 18.13
N LYS A 101 -1.51 -5.01 17.60
CA LYS A 101 -0.49 -4.00 17.50
C LYS A 101 -0.14 -3.37 18.86
N ASN A 102 1.08 -3.61 19.36
CA ASN A 102 1.67 -2.74 20.37
C ASN A 102 2.03 -1.40 19.72
N ASN A 103 1.07 -0.47 19.60
CA ASN A 103 1.23 0.86 19.02
C ASN A 103 0.47 1.85 19.89
N SER A 104 -0.86 1.80 19.83
CA SER A 104 -1.79 2.74 20.39
C SER A 104 -1.43 4.20 20.10
N GLU A 105 -2.03 4.75 19.03
CA GLU A 105 -1.88 6.13 18.55
C GLU A 105 -0.53 6.38 17.87
N LEU A 106 0.46 5.56 18.18
CA LEU A 106 1.68 5.41 17.39
C LEU A 106 1.34 4.86 16.00
N ASN A 107 0.20 4.17 15.92
CA ASN A 107 -0.35 3.60 14.70
C ASN A 107 -0.73 4.69 13.72
N GLN A 108 -0.79 5.95 14.16
CA GLN A 108 -1.06 7.05 13.27
C GLN A 108 0.04 7.24 12.23
N LEU A 109 1.34 7.10 12.57
CA LEU A 109 2.42 7.23 11.58
C LEU A 109 2.37 6.00 10.68
N ASP A 110 2.21 4.78 11.22
CA ASP A 110 2.07 3.57 10.39
C ASP A 110 0.97 3.79 9.37
N THR A 111 -0.22 4.14 9.83
CA THR A 111 -1.37 4.37 8.97
C THR A 111 -1.08 5.45 7.93
N THR A 112 -0.50 6.59 8.34
CA THR A 112 -0.20 7.72 7.47
C THR A 112 0.79 7.32 6.39
N VAL A 113 1.92 6.74 6.79
CA VAL A 113 2.97 6.34 5.88
C VAL A 113 2.43 5.24 4.99
N LYS A 114 1.74 4.25 5.53
CA LYS A 114 1.19 3.17 4.73
C LYS A 114 0.15 3.75 3.78
N SER A 115 -0.63 4.76 4.19
CA SER A 115 -1.59 5.41 3.31
C SER A 115 -0.88 6.09 2.13
N GLN A 116 0.07 6.99 2.40
CA GLN A 116 0.73 7.77 1.36
C GLN A 116 1.50 6.84 0.41
N ILE A 117 2.17 5.82 0.96
CA ILE A 117 2.92 4.87 0.15
C ILE A 117 1.97 3.97 -0.65
N ILE A 118 0.91 3.40 -0.05
CA ILE A 118 0.02 2.48 -0.76
C ILE A 118 -0.53 3.19 -1.99
N ARG A 119 -0.96 4.45 -1.87
CA ARG A 119 -1.47 5.20 -3.02
C ARG A 119 -0.41 5.29 -4.11
N GLU A 120 0.84 5.59 -3.78
CA GLU A 120 1.91 5.67 -4.76
C GLU A 120 2.27 4.29 -5.32
N MET A 121 2.29 3.25 -4.49
CA MET A 121 2.56 1.88 -4.87
C MET A 121 1.60 1.44 -5.96
N CYS A 122 0.35 1.90 -5.90
CA CYS A 122 -0.66 1.57 -6.89
C CYS A 122 -0.21 2.13 -8.25
N ILE A 123 0.15 3.42 -8.26
CA ILE A 123 0.62 4.13 -9.44
C ILE A 123 1.90 3.43 -9.93
N THR A 124 2.84 3.10 -9.05
CA THR A 124 4.07 2.42 -9.42
C THR A 124 3.77 1.06 -10.04
N GLU A 125 2.77 0.30 -9.57
CA GLU A 125 2.53 -1.04 -10.10
C GLU A 125 2.09 -0.95 -11.56
N TYR A 126 1.35 0.11 -11.91
CA TYR A 126 1.06 0.48 -13.29
C TYR A 126 2.37 0.80 -14.00
N ARG A 127 3.16 1.77 -13.52
CA ARG A 127 4.32 2.26 -14.25
C ARG A 127 5.33 1.15 -14.51
N ARG A 128 5.63 0.28 -13.54
CA ARG A 128 6.54 -0.85 -13.79
C ARG A 128 5.90 -1.83 -14.74
N GLY A 129 4.67 -2.18 -14.41
CA GLY A 129 3.76 -3.01 -15.18
C GLY A 129 3.48 -2.49 -16.59
N SER A 130 3.93 -1.29 -16.93
CA SER A 130 3.62 -0.58 -18.15
C SER A 130 4.53 0.65 -18.25
N ILE A 29 -14.72 -9.33 -6.53
CA ILE A 29 -13.50 -9.24 -7.32
C ILE A 29 -12.93 -10.68 -7.49
N GLY A 30 -11.77 -10.79 -8.13
CA GLY A 30 -10.99 -12.02 -8.25
C GLY A 30 -10.16 -12.31 -7.00
N GLY A 31 -10.32 -11.54 -5.92
CA GLY A 31 -9.88 -11.94 -4.60
C GLY A 31 -8.51 -11.40 -4.19
N TYR A 32 -7.81 -10.73 -5.10
CA TYR A 32 -6.48 -10.15 -4.93
C TYR A 32 -5.43 -11.27 -4.78
N MET A 33 -4.55 -11.43 -5.77
CA MET A 33 -3.51 -12.48 -5.81
C MET A 33 -2.09 -11.93 -5.84
N LEU A 34 -1.95 -10.60 -5.88
CA LEU A 34 -0.76 -9.78 -5.98
C LEU A 34 -0.24 -9.76 -7.41
N GLY A 35 0.11 -8.56 -7.87
CA GLY A 35 0.57 -8.31 -9.23
C GLY A 35 2.08 -8.39 -9.25
N ASN A 36 2.76 -7.29 -8.91
CA ASN A 36 4.20 -7.27 -8.71
C ASN A 36 4.50 -6.83 -7.28
N ALA A 37 5.75 -7.08 -6.90
CA ALA A 37 6.38 -6.46 -5.75
C ALA A 37 7.16 -5.24 -6.21
N VAL A 38 7.35 -4.29 -5.28
CA VAL A 38 7.78 -2.95 -5.62
C VAL A 38 9.30 -2.94 -5.60
N GLY A 39 9.90 -3.12 -4.41
CA GLY A 39 11.33 -3.01 -4.27
C GLY A 39 11.67 -1.64 -3.77
N ARG A 40 11.89 -1.51 -2.44
CA ARG A 40 12.50 -0.37 -1.74
C ARG A 40 12.38 0.94 -2.51
N MET A 41 11.14 1.41 -2.65
CA MET A 41 10.77 2.57 -3.45
C MET A 41 11.54 3.85 -3.10
N SER A 42 12.23 3.86 -1.96
CA SER A 42 13.22 4.87 -1.56
C SER A 42 12.57 6.26 -1.46
N TYR A 43 11.32 6.26 -0.99
CA TYR A 43 10.43 7.39 -0.92
C TYR A 43 10.96 8.54 -0.08
N GLN A 44 10.80 9.73 -0.64
CA GLN A 44 11.33 10.97 -0.11
C GLN A 44 10.48 11.45 1.05
N PHE A 45 9.15 11.43 0.88
CA PHE A 45 8.16 12.04 1.76
C PHE A 45 8.30 13.55 1.88
N ASN A 46 7.37 14.19 2.61
CA ASN A 46 7.42 15.61 2.91
C ASN A 46 8.24 15.86 4.16
N ASN A 47 8.39 14.85 5.03
CA ASN A 47 9.11 14.98 6.28
C ASN A 47 10.03 13.78 6.40
N PRO A 48 11.24 13.94 6.97
CA PRO A 48 12.14 12.82 7.13
C PRO A 48 11.60 11.83 8.18
N MET A 49 10.70 12.27 9.08
CA MET A 49 10.01 11.40 10.03
C MET A 49 9.30 10.27 9.28
N GLU A 50 8.60 10.60 8.19
CA GLU A 50 7.86 9.63 7.41
C GLU A 50 8.86 8.67 6.74
N SER A 51 9.94 9.22 6.17
CA SER A 51 10.98 8.49 5.45
C SER A 51 11.69 7.49 6.38
N ARG A 52 12.13 7.94 7.55
CA ARG A 52 12.75 7.15 8.60
C ARG A 52 11.80 6.05 9.00
N TYR A 53 10.52 6.35 9.21
CA TYR A 53 9.58 5.32 9.60
C TYR A 53 9.52 4.26 8.51
N TYR A 54 9.37 4.61 7.22
CA TYR A 54 9.32 3.63 6.13
C TYR A 54 10.52 2.68 6.18
N ASN A 55 11.67 3.18 6.61
CA ASN A 55 12.91 2.44 6.67
C ASN A 55 13.02 1.61 7.94
N ASP A 56 12.62 2.14 9.10
CA ASP A 56 12.60 1.41 10.37
C ASP A 56 11.66 0.22 10.25
N TYR A 57 10.48 0.54 9.75
CA TYR A 57 9.34 -0.37 9.65
C TYR A 57 9.45 -1.21 8.39
N TYR A 58 10.55 -1.15 7.64
CA TYR A 58 10.68 -1.87 6.39
C TYR A 58 10.40 -3.36 6.60
N ASN A 59 10.92 -3.93 7.70
CA ASN A 59 10.67 -5.32 8.08
C ASN A 59 9.20 -5.62 8.43
N GLN A 60 8.31 -4.61 8.49
CA GLN A 60 6.88 -4.71 8.75
C GLN A 60 6.04 -4.14 7.58
N MET A 61 6.67 -3.60 6.54
CA MET A 61 5.98 -2.84 5.50
C MET A 61 5.61 -3.73 4.32
N PRO A 62 4.63 -3.32 3.50
CA PRO A 62 4.36 -3.97 2.24
C PRO A 62 5.59 -3.88 1.32
N ASN A 63 6.22 -5.03 1.07
CA ASN A 63 7.24 -5.15 0.05
C ASN A 63 6.60 -5.10 -1.35
N ARG A 64 5.33 -5.49 -1.48
CA ARG A 64 4.59 -5.57 -2.74
C ARG A 64 3.31 -4.77 -2.68
N VAL A 65 2.56 -4.74 -3.78
CA VAL A 65 1.18 -4.26 -3.80
C VAL A 65 0.29 -5.42 -4.23
N TYR A 66 -1.02 -5.29 -3.98
CA TYR A 66 -1.98 -6.30 -4.33
C TYR A 66 -2.90 -5.76 -5.43
N ARG A 67 -2.61 -6.07 -6.70
CA ARG A 67 -3.41 -5.62 -7.84
C ARG A 67 -4.88 -6.04 -7.69
N PRO A 68 -5.88 -5.14 -7.62
CA PRO A 68 -7.27 -5.56 -7.69
C PRO A 68 -7.49 -6.21 -9.06
N MET A 69 -8.13 -7.38 -9.09
CA MET A 69 -8.17 -8.22 -10.28
C MET A 69 -9.63 -8.54 -10.56
N TYR A 70 -10.24 -7.69 -11.36
CA TYR A 70 -11.66 -7.73 -11.61
C TYR A 70 -11.95 -8.93 -12.52
N ARG A 71 -13.04 -9.63 -12.24
CA ARG A 71 -13.59 -10.71 -13.05
C ARG A 71 -14.82 -10.23 -13.81
N GLY A 72 -15.16 -8.96 -13.74
CA GLY A 72 -16.21 -8.40 -14.57
C GLY A 72 -16.20 -6.89 -14.68
N GLU A 73 -15.08 -6.24 -14.41
CA GLU A 73 -14.94 -4.80 -14.47
C GLU A 73 -13.61 -4.46 -15.13
N GLU A 74 -13.56 -4.61 -16.45
CA GLU A 74 -12.44 -4.14 -17.27
C GLU A 74 -12.31 -2.62 -17.19
N TYR A 75 -13.47 -1.97 -17.09
CA TYR A 75 -13.69 -0.54 -16.98
C TYR A 75 -13.27 -0.05 -15.60
N VAL A 76 -11.97 0.10 -15.38
CA VAL A 76 -11.36 0.74 -14.23
C VAL A 76 -10.23 1.59 -14.77
N SER A 77 -10.21 2.84 -14.34
CA SER A 77 -9.23 3.86 -14.65
C SER A 77 -8.18 3.80 -13.54
N GLU A 78 -7.04 4.44 -13.75
CA GLU A 78 -5.93 4.43 -12.80
C GLU A 78 -6.36 5.01 -11.45
N ASP A 79 -7.27 6.01 -11.47
CA ASP A 79 -7.78 6.65 -10.26
C ASP A 79 -8.61 5.69 -9.42
N ARG A 80 -9.64 5.05 -10.02
CA ARG A 80 -10.45 4.02 -9.37
C ARG A 80 -9.58 2.88 -8.88
N PHE A 81 -8.71 2.34 -9.73
CA PHE A 81 -7.76 1.28 -9.40
C PHE A 81 -6.99 1.66 -8.15
N VAL A 82 -6.45 2.88 -8.08
CA VAL A 82 -5.74 3.33 -6.89
C VAL A 82 -6.63 3.20 -5.66
N ARG A 83 -7.88 3.68 -5.69
CA ARG A 83 -8.72 3.65 -4.49
C ARG A 83 -8.91 2.21 -4.07
N ASP A 84 -9.33 1.37 -4.99
CA ASP A 84 -9.73 -0.01 -4.69
C ASP A 84 -8.52 -0.83 -4.24
N CYS A 85 -7.34 -0.59 -4.83
CA CYS A 85 -6.09 -1.22 -4.46
C CYS A 85 -5.67 -0.73 -3.08
N TYR A 86 -5.70 0.58 -2.84
CA TYR A 86 -5.39 1.25 -1.58
C TYR A 86 -6.28 0.67 -0.48
N ASN A 87 -7.60 0.65 -0.71
CA ASN A 87 -8.63 0.30 0.26
C ASN A 87 -8.44 -1.11 0.79
N MET A 88 -8.20 -2.08 -0.10
CA MET A 88 -7.93 -3.44 0.31
C MET A 88 -6.53 -3.55 0.93
N SER A 89 -5.50 -2.93 0.35
CA SER A 89 -4.14 -2.95 0.90
C SER A 89 -4.12 -2.43 2.33
N VAL A 90 -4.89 -1.36 2.60
CA VAL A 90 -5.20 -0.88 3.93
C VAL A 90 -5.70 -2.05 4.76
N THR A 91 -6.79 -2.72 4.40
CA THR A 91 -7.31 -3.84 5.17
C THR A 91 -6.26 -4.93 5.45
N GLU A 92 -5.48 -5.33 4.43
CA GLU A 92 -4.45 -6.36 4.52
C GLU A 92 -3.38 -6.07 5.58
N TYR A 93 -3.26 -4.80 6.00
CA TYR A 93 -2.30 -4.35 7.00
C TYR A 93 -2.93 -3.32 7.96
N ILE A 94 -4.25 -3.42 8.19
CA ILE A 94 -4.98 -2.69 9.22
C ILE A 94 -5.88 -3.70 9.94
N ILE A 95 -6.75 -4.42 9.23
CA ILE A 95 -7.68 -5.34 9.87
C ILE A 95 -6.95 -6.63 10.25
N LYS A 96 -5.96 -7.07 9.47
CA LYS A 96 -5.14 -8.21 9.84
C LYS A 96 -4.34 -7.91 11.11
N PRO A 97 -3.57 -6.82 11.20
CA PRO A 97 -2.92 -6.44 12.44
C PRO A 97 -3.90 -5.96 13.53
N ALA A 98 -5.20 -5.78 13.25
CA ALA A 98 -6.20 -5.50 14.29
C ALA A 98 -6.38 -6.67 15.25
N GLU A 99 -5.87 -7.86 14.90
CA GLU A 99 -5.93 -9.04 15.75
C GLU A 99 -5.46 -8.72 17.16
N GLY A 100 -4.32 -8.05 17.27
CA GLY A 100 -3.89 -7.49 18.53
C GLY A 100 -2.59 -6.72 18.37
N LYS A 101 -2.62 -5.50 17.82
CA LYS A 101 -1.48 -4.59 17.75
C LYS A 101 -1.87 -3.22 18.27
N ASN A 102 -2.03 -3.14 19.58
CA ASN A 102 -2.23 -1.86 20.27
C ASN A 102 -1.02 -0.97 20.00
N ASN A 103 -1.24 0.29 19.60
CA ASN A 103 -0.23 1.26 19.22
C ASN A 103 -0.60 2.65 19.78
N SER A 104 -1.89 2.92 20.05
CA SER A 104 -2.40 4.05 20.82
C SER A 104 -1.71 5.40 20.57
N GLU A 105 -1.56 5.72 19.29
CA GLU A 105 -1.00 6.92 18.66
C GLU A 105 0.17 6.54 17.77
N LEU A 106 0.92 5.51 18.15
CA LEU A 106 2.04 4.99 17.35
C LEU A 106 1.57 4.53 15.96
N ASN A 107 0.29 4.22 15.86
CA ASN A 107 -0.39 3.82 14.66
C ASN A 107 -0.37 4.93 13.63
N GLN A 108 -0.21 6.17 14.04
CA GLN A 108 -0.31 7.33 13.16
C GLN A 108 0.76 7.29 12.10
N LEU A 109 2.03 7.16 12.49
CA LEU A 109 3.14 7.39 11.58
C LEU A 109 3.11 6.25 10.57
N ASP A 110 2.86 5.01 11.03
CA ASP A 110 2.67 3.84 10.19
C ASP A 110 1.57 4.09 9.16
N THR A 111 0.38 4.42 9.63
CA THR A 111 -0.81 4.66 8.82
C THR A 111 -0.53 5.74 7.77
N THR A 112 -0.04 6.90 8.19
CA THR A 112 0.37 8.03 7.37
C THR A 112 1.34 7.55 6.28
N VAL A 113 2.44 6.92 6.67
CA VAL A 113 3.48 6.48 5.77
C VAL A 113 2.89 5.50 4.76
N LYS A 114 2.15 4.51 5.24
CA LYS A 114 1.52 3.51 4.38
C LYS A 114 0.52 4.18 3.47
N SER A 115 -0.21 5.21 3.89
CA SER A 115 -1.22 5.82 3.06
C SER A 115 -0.57 6.55 1.89
N GLN A 116 0.55 7.24 2.15
CA GLN A 116 1.39 7.88 1.14
C GLN A 116 1.89 6.81 0.14
N ILE A 117 2.79 5.93 0.61
CA ILE A 117 3.47 4.96 -0.24
C ILE A 117 2.47 4.07 -0.95
N ILE A 118 1.50 3.43 -0.32
CA ILE A 118 0.64 2.46 -1.01
C ILE A 118 -0.07 3.15 -2.19
N ARG A 119 -0.53 4.40 -2.02
CA ARG A 119 -1.17 5.16 -3.10
C ARG A 119 -0.23 5.26 -4.30
N GLU A 120 1.04 5.59 -4.09
CA GLU A 120 2.05 5.62 -5.10
C GLU A 120 2.37 4.21 -5.62
N MET A 121 2.54 3.23 -4.75
CA MET A 121 2.97 1.88 -5.09
C MET A 121 1.97 1.27 -6.10
N CYS A 122 0.68 1.60 -5.98
CA CYS A 122 -0.34 1.31 -6.98
C CYS A 122 0.03 1.95 -8.33
N ILE A 123 0.23 3.27 -8.34
CA ILE A 123 0.52 4.09 -9.51
C ILE A 123 1.81 3.61 -10.19
N THR A 124 2.84 3.27 -9.44
CA THR A 124 4.11 2.80 -9.96
C THR A 124 3.90 1.43 -10.61
N GLU A 125 3.08 0.53 -10.06
CA GLU A 125 2.78 -0.74 -10.73
C GLU A 125 1.96 -0.51 -12.02
N TYR A 126 1.40 0.68 -12.24
CA TYR A 126 0.95 1.11 -13.55
C TYR A 126 2.12 1.58 -14.41
N ARG A 127 2.79 2.68 -14.02
CA ARG A 127 3.76 3.39 -14.83
C ARG A 127 4.93 2.52 -15.26
N ARG A 128 5.45 1.68 -14.37
CA ARG A 128 6.58 0.80 -14.57
C ARG A 128 6.09 -0.58 -14.97
N GLY A 129 4.89 -0.97 -14.52
CA GLY A 129 4.26 -2.21 -14.96
C GLY A 129 3.78 -2.14 -16.40
N SER A 130 4.09 -1.05 -17.08
CA SER A 130 3.81 -0.83 -18.50
C SER A 130 4.32 -1.98 -19.37
N ILE A 29 -14.03 -8.20 -8.71
CA ILE A 29 -12.58 -8.41 -8.68
C ILE A 29 -12.33 -9.91 -8.47
N GLY A 30 -11.62 -10.52 -9.41
CA GLY A 30 -11.48 -11.98 -9.48
C GLY A 30 -10.81 -12.55 -8.24
N GLY A 31 -9.83 -11.83 -7.70
CA GLY A 31 -8.98 -12.23 -6.59
C GLY A 31 -7.67 -11.44 -6.67
N TYR A 32 -6.68 -11.88 -5.89
CA TYR A 32 -5.48 -11.12 -5.59
C TYR A 32 -4.26 -12.04 -5.81
N MET A 33 -3.22 -11.58 -6.54
CA MET A 33 -2.09 -12.42 -6.98
C MET A 33 -0.72 -11.75 -6.78
N LEU A 34 -0.70 -10.45 -6.52
CA LEU A 34 0.45 -9.55 -6.42
C LEU A 34 1.10 -9.30 -7.79
N GLY A 35 1.45 -8.05 -8.03
CA GLY A 35 2.06 -7.54 -9.24
C GLY A 35 3.37 -6.81 -8.91
N ASN A 36 4.48 -7.53 -8.97
CA ASN A 36 5.82 -7.14 -8.56
C ASN A 36 5.91 -6.56 -7.15
N ALA A 37 7.13 -6.27 -6.75
CA ALA A 37 7.50 -5.71 -5.45
C ALA A 37 8.20 -4.36 -5.65
N VAL A 38 8.60 -3.71 -4.54
CA VAL A 38 9.15 -2.38 -4.56
C VAL A 38 10.45 -2.39 -3.75
N GLY A 39 10.37 -2.52 -2.42
CA GLY A 39 11.50 -2.66 -1.53
C GLY A 39 11.50 -1.44 -0.65
N ARG A 40 12.13 -0.38 -1.11
CA ARG A 40 12.51 0.81 -0.36
C ARG A 40 12.10 2.10 -1.06
N MET A 41 10.86 2.11 -1.57
CA MET A 41 10.25 3.17 -2.38
C MET A 41 10.67 4.57 -1.92
N SER A 42 10.35 4.92 -0.67
CA SER A 42 10.77 6.15 -0.02
C SER A 42 10.45 7.45 -0.81
N TYR A 43 9.42 7.47 -1.67
CA TYR A 43 8.99 8.72 -2.34
C TYR A 43 8.83 9.86 -1.33
N GLN A 44 9.64 10.91 -1.55
CA GLN A 44 9.58 12.26 -1.02
C GLN A 44 8.61 12.41 0.15
N PHE A 45 9.05 11.98 1.33
CA PHE A 45 8.27 12.23 2.53
C PHE A 45 8.28 13.72 2.83
N ASN A 46 7.24 14.13 3.53
CA ASN A 46 6.97 15.52 3.80
C ASN A 46 7.63 15.98 5.11
N ASN A 47 8.02 15.03 5.97
CA ASN A 47 8.81 15.31 7.17
C ASN A 47 9.66 14.07 7.48
N PRO A 48 10.77 14.20 8.24
CA PRO A 48 11.72 13.11 8.40
C PRO A 48 11.21 11.96 9.26
N MET A 49 10.22 12.18 10.12
CA MET A 49 9.58 11.14 10.90
C MET A 49 9.04 10.06 9.98
N GLU A 50 8.43 10.43 8.84
CA GLU A 50 7.86 9.40 8.00
C GLU A 50 8.96 8.55 7.36
N SER A 51 10.06 9.19 6.96
CA SER A 51 11.22 8.56 6.35
C SER A 51 11.91 7.63 7.36
N ARG A 52 12.07 8.05 8.61
CA ARG A 52 12.66 7.33 9.69
C ARG A 52 11.76 6.15 10.04
N TYR A 53 10.44 6.35 10.09
CA TYR A 53 9.49 5.25 10.23
C TYR A 53 9.71 4.25 9.09
N TYR A 54 9.83 4.73 7.85
CA TYR A 54 10.04 3.89 6.68
C TYR A 54 11.28 2.99 6.79
N ASN A 55 12.21 3.34 7.67
CA ASN A 55 13.47 2.64 7.89
C ASN A 55 13.36 1.77 9.14
N ASP A 56 12.99 2.36 10.28
CA ASP A 56 12.82 1.67 11.56
C ASP A 56 11.74 0.61 11.53
N TYR A 57 10.72 0.80 10.71
CA TYR A 57 9.59 -0.09 10.57
C TYR A 57 9.70 -0.80 9.21
N TYR A 58 10.83 -0.70 8.49
CA TYR A 58 11.03 -1.33 7.19
C TYR A 58 10.74 -2.84 7.28
N ASN A 59 11.08 -3.46 8.41
CA ASN A 59 10.83 -4.88 8.64
C ASN A 59 9.35 -5.19 8.92
N GLN A 60 8.53 -4.20 9.26
CA GLN A 60 7.07 -4.32 9.31
C GLN A 60 6.40 -3.93 7.98
N MET A 61 7.11 -3.23 7.10
CA MET A 61 6.52 -2.67 5.89
C MET A 61 6.10 -3.76 4.91
N PRO A 62 5.24 -3.43 3.95
CA PRO A 62 5.08 -4.23 2.75
C PRO A 62 6.33 -4.09 1.87
N ASN A 63 7.01 -5.21 1.60
CA ASN A 63 8.05 -5.31 0.59
C ASN A 63 7.47 -5.03 -0.79
N ARG A 64 6.26 -5.54 -1.06
CA ARG A 64 5.68 -5.57 -2.39
C ARG A 64 4.37 -4.83 -2.43
N VAL A 65 3.71 -4.84 -3.58
CA VAL A 65 2.37 -4.31 -3.73
C VAL A 65 1.47 -5.42 -4.27
N TYR A 66 0.16 -5.20 -4.19
CA TYR A 66 -0.86 -6.17 -4.55
C TYR A 66 -1.67 -5.63 -5.74
N ARG A 67 -2.29 -6.54 -6.50
CA ARG A 67 -2.87 -6.30 -7.83
C ARG A 67 -4.28 -6.90 -7.87
N PRO A 68 -5.36 -6.11 -7.72
CA PRO A 68 -6.71 -6.60 -8.00
C PRO A 68 -6.87 -6.83 -9.50
N MET A 69 -7.47 -7.95 -9.91
CA MET A 69 -7.76 -8.24 -11.33
C MET A 69 -9.26 -8.08 -11.62
N TYR A 70 -9.62 -7.59 -12.81
CA TYR A 70 -10.97 -7.26 -13.22
C TYR A 70 -11.34 -8.08 -14.45
N ARG A 71 -12.56 -8.64 -14.48
CA ARG A 71 -13.06 -9.41 -15.62
C ARG A 71 -14.27 -8.80 -16.30
N GLY A 72 -14.88 -7.82 -15.65
CA GLY A 72 -16.14 -7.24 -16.08
C GLY A 72 -16.21 -5.78 -15.71
N GLU A 73 -15.48 -4.94 -16.45
CA GLU A 73 -15.54 -3.50 -16.24
C GLU A 73 -15.21 -2.75 -17.52
N GLU A 74 -14.05 -3.04 -18.09
CA GLU A 74 -13.31 -2.31 -19.13
C GLU A 74 -13.07 -0.80 -18.96
N TYR A 75 -13.80 -0.14 -18.09
CA TYR A 75 -13.79 1.32 -17.97
C TYR A 75 -13.31 1.70 -16.57
N VAL A 76 -12.04 1.40 -16.31
CA VAL A 76 -11.32 1.82 -15.11
C VAL A 76 -10.56 3.10 -15.45
N SER A 77 -10.20 3.84 -14.41
CA SER A 77 -9.34 5.01 -14.41
C SER A 77 -8.26 4.72 -13.38
N GLU A 78 -7.12 5.43 -13.39
CA GLU A 78 -6.16 5.28 -12.30
C GLU A 78 -6.86 5.61 -10.98
N ASP A 79 -7.74 6.61 -11.02
CA ASP A 79 -8.61 7.05 -9.94
C ASP A 79 -9.39 5.88 -9.31
N ARG A 80 -9.96 4.99 -10.14
CA ARG A 80 -10.66 3.78 -9.70
C ARG A 80 -9.70 2.67 -9.29
N PHE A 81 -8.69 2.36 -10.11
CA PHE A 81 -7.79 1.29 -9.78
C PHE A 81 -7.10 1.58 -8.44
N VAL A 82 -6.67 2.83 -8.21
CA VAL A 82 -5.97 3.19 -7.00
C VAL A 82 -6.89 3.11 -5.78
N ARG A 83 -8.19 3.44 -5.84
CA ARG A 83 -9.03 3.20 -4.65
C ARG A 83 -9.22 1.72 -4.39
N ASP A 84 -9.33 0.86 -5.40
CA ASP A 84 -9.54 -0.57 -5.17
C ASP A 84 -8.26 -1.23 -4.66
N CYS A 85 -7.11 -0.84 -5.22
CA CYS A 85 -5.80 -1.24 -4.73
C CYS A 85 -5.70 -0.83 -3.25
N TYR A 86 -6.08 0.42 -2.96
CA TYR A 86 -5.98 1.04 -1.65
C TYR A 86 -6.82 0.26 -0.68
N ASN A 87 -8.13 0.09 -0.93
CA ASN A 87 -9.07 -0.64 -0.08
C ASN A 87 -8.48 -1.96 0.39
N MET A 88 -7.95 -2.75 -0.55
CA MET A 88 -7.33 -4.03 -0.23
C MET A 88 -6.06 -3.87 0.60
N SER A 89 -5.02 -3.22 0.09
CA SER A 89 -3.73 -3.16 0.77
C SER A 89 -3.83 -2.41 2.11
N VAL A 90 -4.75 -1.44 2.25
CA VAL A 90 -5.15 -0.89 3.53
C VAL A 90 -5.55 -2.06 4.40
N THR A 91 -6.59 -2.78 4.04
CA THR A 91 -7.15 -3.79 4.91
C THR A 91 -6.12 -4.85 5.30
N GLU A 92 -5.35 -5.33 4.33
CA GLU A 92 -4.34 -6.37 4.50
C GLU A 92 -3.28 -5.99 5.53
N TYR A 93 -3.10 -4.68 5.80
CA TYR A 93 -2.13 -4.19 6.78
C TYR A 93 -2.76 -3.18 7.75
N ILE A 94 -4.09 -3.18 7.92
CA ILE A 94 -4.81 -2.34 8.88
C ILE A 94 -5.78 -3.20 9.66
N ILE A 95 -6.66 -3.94 8.97
CA ILE A 95 -7.70 -4.74 9.60
C ILE A 95 -7.08 -6.04 10.14
N LYS A 96 -6.22 -6.73 9.39
CA LYS A 96 -5.49 -7.89 9.92
C LYS A 96 -4.65 -7.54 11.14
N PRO A 97 -3.87 -6.46 11.15
CA PRO A 97 -3.16 -6.06 12.35
C PRO A 97 -4.09 -5.36 13.36
N ALA A 98 -5.40 -5.25 13.12
CA ALA A 98 -6.34 -4.77 14.14
C ALA A 98 -6.43 -5.73 15.33
N GLU A 99 -5.88 -6.93 15.20
CA GLU A 99 -5.87 -7.95 16.22
C GLU A 99 -5.21 -7.46 17.51
N GLY A 100 -4.09 -6.71 17.45
CA GLY A 100 -3.35 -6.35 18.66
C GLY A 100 -2.74 -4.95 18.66
N LYS A 101 -1.81 -4.69 17.73
CA LYS A 101 -0.87 -3.57 17.65
C LYS A 101 -0.81 -2.73 18.92
N ASN A 102 0.06 -3.10 19.86
CA ASN A 102 0.49 -2.23 20.95
C ASN A 102 1.37 -1.08 20.44
N ASN A 103 0.76 -0.22 19.63
CA ASN A 103 1.29 0.98 19.03
C ASN A 103 1.13 2.14 20.00
N SER A 104 -0.11 2.39 20.47
CA SER A 104 -0.61 3.56 21.19
C SER A 104 -0.03 4.87 20.67
N GLU A 105 -0.82 5.60 19.89
CA GLU A 105 -0.52 6.89 19.26
C GLU A 105 0.21 6.60 17.96
N LEU A 106 1.17 5.68 18.00
CA LEU A 106 1.95 5.27 16.86
C LEU A 106 1.11 4.65 15.76
N ASN A 107 -0.16 4.34 16.04
CA ASN A 107 -1.06 3.90 15.02
C ASN A 107 -1.16 4.95 13.93
N GLN A 108 -1.10 6.22 14.31
CA GLN A 108 -1.43 7.32 13.46
C GLN A 108 -0.39 7.50 12.35
N LEU A 109 0.90 7.57 12.71
CA LEU A 109 2.02 7.74 11.80
C LEU A 109 2.12 6.47 10.96
N ASP A 110 2.05 5.31 11.63
CA ASP A 110 2.15 4.01 10.99
C ASP A 110 1.16 3.92 9.83
N THR A 111 -0.09 4.16 10.16
CA THR A 111 -1.22 4.22 9.25
C THR A 111 -0.99 5.28 8.16
N THR A 112 -0.70 6.53 8.49
CA THR A 112 -0.54 7.64 7.55
C THR A 112 0.50 7.31 6.47
N VAL A 113 1.67 6.86 6.87
CA VAL A 113 2.73 6.53 5.93
C VAL A 113 2.29 5.31 5.13
N LYS A 114 1.72 4.25 5.73
CA LYS A 114 1.31 3.10 4.93
C LYS A 114 0.20 3.49 3.95
N SER A 115 -0.69 4.41 4.33
CA SER A 115 -1.76 4.96 3.52
C SER A 115 -1.24 5.72 2.30
N GLN A 116 -0.22 6.58 2.48
CA GLN A 116 0.36 7.34 1.37
C GLN A 116 1.19 6.42 0.46
N ILE A 117 2.02 5.55 1.03
CA ILE A 117 2.91 4.68 0.25
C ILE A 117 2.12 3.63 -0.54
N ILE A 118 1.02 3.06 -0.05
CA ILE A 118 0.24 2.09 -0.82
C ILE A 118 -0.26 2.73 -2.11
N ARG A 119 -0.87 3.91 -2.01
CA ARG A 119 -1.36 4.64 -3.17
C ARG A 119 -0.23 4.84 -4.18
N GLU A 120 0.95 5.25 -3.73
CA GLU A 120 2.12 5.41 -4.59
C GLU A 120 2.61 4.09 -5.19
N MET A 121 2.66 3.02 -4.40
CA MET A 121 3.15 1.70 -4.78
C MET A 121 2.31 1.12 -5.91
N CYS A 122 1.06 1.56 -6.04
CA CYS A 122 0.15 1.14 -7.07
C CYS A 122 0.17 2.08 -8.27
N ILE A 123 0.44 3.37 -8.11
CA ILE A 123 0.78 4.21 -9.27
C ILE A 123 2.09 3.69 -9.88
N THR A 124 2.98 3.15 -9.03
CA THR A 124 4.14 2.35 -9.40
C THR A 124 3.75 1.08 -10.17
N GLU A 125 2.58 0.44 -9.96
CA GLU A 125 2.17 -0.73 -10.76
C GLU A 125 2.07 -0.31 -12.22
N TYR A 126 1.45 0.83 -12.52
CA TYR A 126 1.40 1.35 -13.88
C TYR A 126 2.82 1.58 -14.44
N ARG A 127 3.75 2.06 -13.61
CA ARG A 127 5.12 2.35 -14.03
C ARG A 127 5.95 1.08 -14.20
N ARG A 128 5.63 -0.01 -13.49
CA ARG A 128 6.08 -1.36 -13.81
C ARG A 128 5.45 -1.78 -15.12
N GLY A 129 4.14 -2.04 -15.10
CA GLY A 129 3.36 -2.64 -16.17
C GLY A 129 3.26 -1.81 -17.44
N SER A 130 3.92 -0.67 -17.47
CA SER A 130 4.26 0.06 -18.69
C SER A 130 5.29 -0.73 -19.53
N ILE A 29 -13.84 -9.26 -8.84
CA ILE A 29 -12.40 -9.40 -8.97
C ILE A 29 -12.06 -10.89 -9.00
N GLY A 30 -11.21 -11.30 -9.94
CA GLY A 30 -10.76 -12.68 -10.13
C GLY A 30 -9.76 -13.16 -9.08
N GLY A 31 -9.72 -12.52 -7.92
CA GLY A 31 -8.73 -12.68 -6.87
C GLY A 31 -7.85 -11.43 -6.81
N TYR A 32 -7.41 -11.09 -5.61
CA TYR A 32 -6.24 -10.23 -5.43
C TYR A 32 -5.03 -11.09 -5.77
N MET A 33 -4.33 -10.75 -6.85
CA MET A 33 -3.05 -11.32 -7.23
C MET A 33 -2.00 -10.51 -6.48
N LEU A 34 -0.72 -10.69 -6.81
CA LEU A 34 0.33 -9.83 -6.32
C LEU A 34 1.11 -9.29 -7.50
N GLY A 35 0.99 -7.98 -7.66
CA GLY A 35 1.50 -7.19 -8.77
C GLY A 35 2.93 -6.75 -8.47
N ASN A 36 3.88 -7.65 -8.69
CA ASN A 36 5.27 -7.58 -8.29
C ASN A 36 5.40 -7.35 -6.77
N ALA A 37 6.64 -7.49 -6.29
CA ALA A 37 7.03 -7.02 -4.98
C ALA A 37 7.91 -5.77 -5.11
N VAL A 38 8.40 -5.28 -3.97
CA VAL A 38 9.25 -4.10 -3.85
C VAL A 38 10.30 -4.45 -2.80
N GLY A 39 9.96 -4.30 -1.51
CA GLY A 39 10.72 -4.66 -0.35
C GLY A 39 11.03 -3.31 0.26
N ARG A 40 12.27 -2.88 0.15
CA ARG A 40 12.65 -1.50 0.41
C ARG A 40 12.20 -0.69 -0.80
N MET A 41 10.96 -0.21 -0.82
CA MET A 41 10.54 0.76 -1.84
C MET A 41 11.34 2.05 -1.70
N SER A 42 11.46 2.53 -0.45
CA SER A 42 12.30 3.65 -0.05
C SER A 42 12.01 4.96 -0.84
N TYR A 43 10.82 5.11 -1.41
CA TYR A 43 10.41 6.29 -2.17
C TYR A 43 10.46 7.55 -1.29
N GLN A 44 11.55 8.32 -1.47
CA GLN A 44 11.80 9.70 -1.07
C GLN A 44 10.70 10.31 -0.17
N PHE A 45 10.73 10.01 1.13
CA PHE A 45 9.64 10.40 2.01
C PHE A 45 9.62 11.92 2.20
N ASN A 46 8.47 12.41 2.64
CA ASN A 46 8.16 13.81 2.89
C ASN A 46 8.81 14.35 4.15
N ASN A 47 8.98 13.54 5.20
CA ASN A 47 9.63 13.88 6.46
C ASN A 47 10.42 12.64 6.85
N PRO A 48 11.55 12.79 7.55
CA PRO A 48 12.40 11.66 7.89
C PRO A 48 11.77 10.76 8.96
N MET A 49 10.79 11.25 9.72
CA MET A 49 9.95 10.43 10.57
C MET A 49 9.37 9.28 9.77
N GLU A 50 8.83 9.53 8.58
CA GLU A 50 8.08 8.56 7.80
C GLU A 50 9.06 7.55 7.18
N SER A 51 10.23 8.02 6.71
CA SER A 51 11.29 7.17 6.19
C SER A 51 11.74 6.16 7.25
N ARG A 52 11.97 6.66 8.46
CA ARG A 52 12.53 5.91 9.55
C ARG A 52 11.45 5.06 10.20
N TYR A 53 10.21 5.53 10.18
CA TYR A 53 9.04 4.75 10.52
C TYR A 53 9.08 3.50 9.66
N TYR A 54 9.19 3.64 8.32
CA TYR A 54 9.29 2.51 7.40
C TYR A 54 10.43 1.57 7.76
N ASN A 55 11.61 2.09 8.14
CA ASN A 55 12.76 1.26 8.48
C ASN A 55 12.50 0.50 9.78
N ASP A 56 11.97 1.16 10.80
CA ASP A 56 11.64 0.58 12.10
C ASP A 56 10.51 -0.42 12.00
N TYR A 57 9.60 -0.21 11.05
CA TYR A 57 8.49 -1.09 10.76
C TYR A 57 8.81 -2.03 9.61
N TYR A 58 10.06 -2.11 9.14
CA TYR A 58 10.40 -2.84 7.92
C TYR A 58 10.00 -4.31 8.04
N ASN A 59 10.16 -4.89 9.23
CA ASN A 59 9.75 -6.28 9.47
C ASN A 59 8.23 -6.51 9.21
N GLN A 60 7.43 -5.44 9.27
CA GLN A 60 5.97 -5.40 9.13
C GLN A 60 5.49 -4.57 7.93
N MET A 61 6.39 -4.01 7.13
CA MET A 61 6.05 -3.16 5.99
C MET A 61 5.53 -4.02 4.82
N PRO A 62 4.94 -3.41 3.79
CA PRO A 62 4.57 -4.13 2.58
C PRO A 62 5.86 -4.66 1.97
N ASN A 63 5.98 -5.99 1.82
CA ASN A 63 7.04 -6.53 1.00
C ASN A 63 6.69 -6.32 -0.47
N ARG A 64 5.39 -6.32 -0.81
CA ARG A 64 4.92 -6.32 -2.19
C ARG A 64 3.71 -5.43 -2.42
N VAL A 65 3.23 -5.36 -3.66
CA VAL A 65 1.98 -4.71 -4.03
C VAL A 65 0.97 -5.82 -4.35
N TYR A 66 -0.23 -5.81 -3.77
CA TYR A 66 -1.29 -6.73 -4.20
C TYR A 66 -2.06 -6.10 -5.36
N ARG A 67 -2.82 -6.90 -6.11
CA ARG A 67 -3.35 -6.48 -7.41
C ARG A 67 -4.73 -7.10 -7.66
N PRO A 68 -5.85 -6.39 -7.44
CA PRO A 68 -7.19 -6.89 -7.79
C PRO A 68 -7.30 -7.08 -9.31
N MET A 69 -7.27 -8.32 -9.80
CA MET A 69 -7.47 -8.57 -11.24
C MET A 69 -8.95 -8.40 -11.55
N TYR A 70 -9.28 -7.49 -12.46
CA TYR A 70 -10.65 -7.24 -12.86
C TYR A 70 -11.03 -8.24 -13.96
N ARG A 71 -12.34 -8.37 -14.18
CA ARG A 71 -12.97 -9.19 -15.24
C ARG A 71 -13.68 -8.34 -16.30
N GLY A 72 -13.70 -7.03 -16.11
CA GLY A 72 -14.48 -6.08 -16.90
C GLY A 72 -13.67 -4.82 -17.17
N GLU A 73 -13.59 -3.93 -16.19
CA GLU A 73 -12.88 -2.66 -16.20
C GLU A 73 -13.05 -1.86 -17.49
N GLU A 74 -14.28 -1.47 -17.80
CA GLU A 74 -14.53 -0.59 -18.94
C GLU A 74 -14.48 0.89 -18.51
N TYR A 75 -14.32 1.18 -17.22
CA TYR A 75 -14.56 2.53 -16.68
C TYR A 75 -13.65 2.86 -15.50
N VAL A 76 -12.39 2.44 -15.57
CA VAL A 76 -11.37 2.73 -14.57
C VAL A 76 -10.44 3.81 -15.10
N SER A 77 -9.70 4.42 -14.19
CA SER A 77 -8.72 5.46 -14.36
C SER A 77 -7.77 5.36 -13.16
N GLU A 78 -6.65 6.12 -13.16
CA GLU A 78 -5.63 6.06 -12.11
C GLU A 78 -6.30 6.07 -10.74
N ASP A 79 -7.06 7.12 -10.43
CA ASP A 79 -7.48 7.34 -9.05
C ASP A 79 -8.31 6.18 -8.52
N ARG A 80 -9.23 5.64 -9.33
CA ARG A 80 -10.04 4.47 -9.02
C ARG A 80 -9.15 3.28 -8.68
N PHE A 81 -8.27 2.92 -9.61
CA PHE A 81 -7.35 1.80 -9.47
C PHE A 81 -6.48 1.95 -8.21
N VAL A 82 -6.04 3.18 -7.88
CA VAL A 82 -5.31 3.45 -6.65
C VAL A 82 -6.23 3.16 -5.46
N ARG A 83 -7.47 3.68 -5.40
CA ARG A 83 -8.39 3.41 -4.26
C ARG A 83 -8.52 1.92 -4.05
N ASP A 84 -8.81 1.22 -5.12
CA ASP A 84 -9.11 -0.21 -5.10
C ASP A 84 -7.96 -1.02 -4.52
N CYS A 85 -6.74 -0.73 -4.96
CA CYS A 85 -5.53 -1.38 -4.47
C CYS A 85 -5.26 -0.98 -3.02
N TYR A 86 -5.28 0.33 -2.77
CA TYR A 86 -5.08 0.96 -1.47
C TYR A 86 -5.97 0.29 -0.44
N ASN A 87 -7.28 0.23 -0.71
CA ASN A 87 -8.35 -0.24 0.15
C ASN A 87 -8.02 -1.56 0.83
N MET A 88 -7.83 -2.64 0.06
CA MET A 88 -7.57 -3.92 0.69
C MET A 88 -6.14 -4.03 1.21
N SER A 89 -5.19 -3.27 0.66
CA SER A 89 -3.83 -3.27 1.18
C SER A 89 -3.81 -2.63 2.59
N VAL A 90 -4.66 -1.62 2.81
CA VAL A 90 -5.07 -1.02 4.08
C VAL A 90 -5.89 -2.01 4.94
N THR A 91 -5.92 -3.29 4.59
CA THR A 91 -6.44 -4.33 5.45
C THR A 91 -5.40 -5.42 5.60
N GLU A 92 -4.76 -5.87 4.51
CA GLU A 92 -3.77 -6.95 4.54
C GLU A 92 -2.58 -6.62 5.45
N TYR A 93 -2.30 -5.34 5.69
CA TYR A 93 -1.24 -4.90 6.58
C TYR A 93 -1.73 -3.85 7.58
N ILE A 94 -3.03 -3.80 7.86
CA ILE A 94 -3.56 -2.98 8.94
C ILE A 94 -4.48 -3.83 9.79
N ILE A 95 -5.49 -4.47 9.20
CA ILE A 95 -6.48 -5.24 9.96
C ILE A 95 -5.87 -6.58 10.39
N LYS A 96 -5.09 -7.25 9.54
CA LYS A 96 -4.39 -8.46 9.94
C LYS A 96 -3.46 -8.18 11.12
N PRO A 97 -2.60 -7.14 11.06
CA PRO A 97 -1.88 -6.66 12.22
C PRO A 97 -2.75 -5.73 13.10
N ALA A 98 -4.04 -6.00 13.25
CA ALA A 98 -4.88 -5.43 14.31
C ALA A 98 -5.41 -6.51 15.25
N GLU A 99 -5.16 -7.80 14.98
CA GLU A 99 -5.70 -8.93 15.75
C GLU A 99 -5.41 -8.76 17.25
N GLY A 100 -4.25 -8.19 17.58
CA GLY A 100 -3.98 -7.68 18.92
C GLY A 100 -2.74 -6.81 18.95
N LYS A 101 -2.82 -5.59 18.39
CA LYS A 101 -1.70 -4.66 18.31
C LYS A 101 -2.16 -3.27 18.72
N ASN A 102 -2.04 -3.00 20.02
CA ASN A 102 -2.30 -1.74 20.69
C ASN A 102 -1.30 -0.68 20.23
N ASN A 103 -1.70 0.13 19.26
CA ASN A 103 -0.95 1.30 18.83
C ASN A 103 -1.16 2.41 19.84
N SER A 104 -2.38 2.94 19.93
CA SER A 104 -2.78 4.07 20.76
C SER A 104 -2.16 5.35 20.20
N GLU A 105 -2.73 5.84 19.09
CA GLU A 105 -2.37 7.03 18.32
C GLU A 105 -1.11 6.83 17.51
N LEU A 106 -0.32 5.84 17.89
CA LEU A 106 0.83 5.38 17.14
C LEU A 106 0.41 4.95 15.73
N ASN A 107 -0.85 4.57 15.51
CA ASN A 107 -1.26 4.22 14.15
C ASN A 107 -1.26 5.41 13.24
N GLN A 108 -1.24 6.64 13.77
CA GLN A 108 -1.42 7.82 12.96
C GLN A 108 -0.28 7.95 11.96
N LEU A 109 0.96 7.87 12.47
CA LEU A 109 2.17 8.12 11.70
C LEU A 109 2.17 7.08 10.59
N ASP A 110 2.10 5.80 10.96
CA ASP A 110 1.93 4.62 10.11
C ASP A 110 0.80 4.76 9.11
N THR A 111 -0.40 5.19 9.47
CA THR A 111 -1.51 5.35 8.56
C THR A 111 -1.18 6.43 7.53
N THR A 112 -0.50 7.52 7.95
CA THR A 112 0.04 8.52 7.05
C THR A 112 1.10 7.85 6.17
N VAL A 113 2.11 7.18 6.73
CA VAL A 113 3.19 6.53 5.99
C VAL A 113 2.60 5.61 4.93
N LYS A 114 1.69 4.76 5.36
CA LYS A 114 1.05 3.73 4.55
C LYS A 114 0.14 4.35 3.51
N SER A 115 -0.49 5.48 3.78
CA SER A 115 -1.23 6.19 2.75
C SER A 115 -0.25 6.58 1.64
N GLN A 116 0.86 7.22 2.01
CA GLN A 116 1.85 7.77 1.09
C GLN A 116 2.38 6.65 0.20
N ILE A 117 2.99 5.66 0.85
CA ILE A 117 3.66 4.57 0.17
C ILE A 117 2.67 3.70 -0.60
N ILE A 118 1.57 3.21 -0.01
CA ILE A 118 0.69 2.28 -0.71
C ILE A 118 0.11 2.98 -1.94
N ARG A 119 -0.24 4.27 -1.85
CA ARG A 119 -0.62 5.05 -3.01
C ARG A 119 0.45 4.91 -4.09
N GLU A 120 1.71 5.20 -3.79
CA GLU A 120 2.76 5.17 -4.80
C GLU A 120 3.04 3.75 -5.32
N MET A 121 2.94 2.74 -4.46
CA MET A 121 3.05 1.34 -4.82
C MET A 121 1.98 1.02 -5.90
N CYS A 122 0.82 1.65 -5.79
CA CYS A 122 -0.23 1.56 -6.79
C CYS A 122 0.25 2.23 -8.09
N ILE A 123 0.75 3.46 -8.02
CA ILE A 123 1.20 4.23 -9.18
C ILE A 123 2.21 3.39 -10.00
N THR A 124 3.17 2.77 -9.33
CA THR A 124 4.13 1.88 -9.98
C THR A 124 3.39 0.70 -10.61
N GLU A 125 2.38 0.09 -9.98
CA GLU A 125 1.68 -1.02 -10.59
C GLU A 125 0.99 -0.58 -11.88
N TYR A 126 0.35 0.59 -11.91
CA TYR A 126 -0.28 1.14 -13.10
C TYR A 126 0.71 1.20 -14.24
N ARG A 127 1.92 1.66 -13.94
CA ARG A 127 3.02 1.73 -14.87
C ARG A 127 3.46 0.33 -15.27
N ARG A 128 3.71 -0.60 -14.35
CA ARG A 128 4.19 -1.94 -14.69
C ARG A 128 3.21 -2.75 -15.51
N GLY A 129 1.95 -2.61 -15.17
CA GLY A 129 0.85 -3.22 -15.90
C GLY A 129 0.66 -2.60 -17.28
N SER A 130 1.43 -1.56 -17.61
CA SER A 130 1.45 -0.87 -18.89
C SER A 130 2.77 -1.22 -19.61
N ILE A 29 -14.80 -7.66 -8.14
CA ILE A 29 -13.37 -7.89 -8.33
C ILE A 29 -12.98 -9.35 -8.01
N GLY A 30 -11.99 -9.89 -8.73
CA GLY A 30 -11.76 -11.33 -8.78
C GLY A 30 -11.23 -11.96 -7.47
N GLY A 31 -10.78 -11.14 -6.52
CA GLY A 31 -10.05 -11.54 -5.33
C GLY A 31 -8.89 -10.58 -5.24
N TYR A 32 -7.69 -11.07 -4.92
CA TYR A 32 -6.46 -10.29 -4.92
C TYR A 32 -5.33 -11.16 -5.45
N MET A 33 -4.29 -10.54 -6.01
CA MET A 33 -2.99 -11.15 -6.23
C MET A 33 -1.94 -10.13 -5.82
N LEU A 34 -0.73 -10.58 -5.57
CA LEU A 34 0.43 -9.72 -5.35
C LEU A 34 0.97 -9.29 -6.72
N GLY A 35 0.98 -7.98 -6.96
CA GLY A 35 1.40 -7.33 -8.19
C GLY A 35 2.74 -6.64 -7.96
N ASN A 36 3.83 -7.39 -8.18
CA ASN A 36 5.21 -7.01 -7.96
C ASN A 36 5.51 -6.49 -6.54
N ALA A 37 6.80 -6.32 -6.27
CA ALA A 37 7.28 -5.58 -5.11
C ALA A 37 7.65 -4.13 -5.47
N VAL A 38 7.96 -3.32 -4.46
CA VAL A 38 8.36 -1.93 -4.63
C VAL A 38 9.87 -1.81 -4.58
N GLY A 39 10.50 -2.20 -3.48
CA GLY A 39 11.96 -2.16 -3.36
C GLY A 39 12.46 -0.88 -2.73
N ARG A 40 11.98 -0.56 -1.52
CA ARG A 40 12.34 0.65 -0.79
C ARG A 40 12.13 1.87 -1.67
N MET A 41 10.86 2.07 -1.99
CA MET A 41 10.33 3.10 -2.88
C MET A 41 10.95 4.48 -2.63
N SER A 42 11.07 4.85 -1.34
CA SER A 42 11.73 6.05 -0.85
C SER A 42 11.33 7.31 -1.63
N TYR A 43 10.07 7.43 -2.03
CA TYR A 43 9.52 8.63 -2.67
C TYR A 43 9.59 9.85 -1.74
N GLN A 44 9.19 10.99 -2.30
CA GLN A 44 9.18 12.30 -1.69
C GLN A 44 8.10 12.32 -0.61
N PHE A 45 8.47 12.53 0.66
CA PHE A 45 7.54 12.56 1.78
C PHE A 45 7.14 13.99 2.15
N ASN A 46 6.16 14.11 3.04
CA ASN A 46 5.68 15.37 3.59
C ASN A 46 6.56 15.79 4.76
N ASN A 47 7.08 14.83 5.53
CA ASN A 47 7.80 15.08 6.77
C ASN A 47 8.85 13.97 6.95
N PRO A 48 9.92 14.18 7.74
CA PRO A 48 10.99 13.19 7.84
C PRO A 48 10.59 11.98 8.67
N MET A 49 9.63 12.12 9.59
CA MET A 49 9.14 11.03 10.40
C MET A 49 8.56 9.94 9.52
N GLU A 50 7.91 10.31 8.41
CA GLU A 50 7.30 9.36 7.50
C GLU A 50 8.41 8.52 6.84
N SER A 51 9.44 9.21 6.39
CA SER A 51 10.57 8.63 5.67
C SER A 51 11.35 7.67 6.58
N ARG A 52 11.61 8.06 7.84
CA ARG A 52 12.33 7.24 8.81
C ARG A 52 11.44 6.12 9.32
N TYR A 53 10.14 6.32 9.50
CA TYR A 53 9.22 5.22 9.81
C TYR A 53 9.30 4.16 8.72
N TYR A 54 9.23 4.57 7.45
CA TYR A 54 9.26 3.66 6.29
C TYR A 54 10.54 2.81 6.24
N ASN A 55 11.56 3.12 7.04
CA ASN A 55 12.83 2.43 7.13
C ASN A 55 12.93 1.67 8.45
N ASP A 56 12.71 2.36 9.55
CA ASP A 56 12.83 1.83 10.91
C ASP A 56 11.76 0.77 11.20
N TYR A 57 10.63 0.83 10.51
CA TYR A 57 9.55 -0.14 10.59
C TYR A 57 9.59 -1.05 9.37
N TYR A 58 10.62 -1.01 8.51
CA TYR A 58 10.67 -1.81 7.29
C TYR A 58 10.49 -3.31 7.60
N ASN A 59 10.88 -3.78 8.80
CA ASN A 59 10.65 -5.16 9.20
C ASN A 59 9.14 -5.44 9.43
N GLN A 60 8.35 -4.45 9.88
CA GLN A 60 6.89 -4.55 10.01
C GLN A 60 6.18 -4.21 8.69
N MET A 61 6.80 -3.43 7.80
CA MET A 61 6.19 -3.00 6.55
C MET A 61 6.03 -4.19 5.59
N PRO A 62 5.20 -4.05 4.54
CA PRO A 62 5.38 -4.84 3.34
C PRO A 62 6.64 -4.38 2.60
N ASN A 63 7.02 -5.14 1.56
CA ASN A 63 7.97 -4.72 0.54
C ASN A 63 7.24 -4.71 -0.81
N ARG A 64 5.96 -5.11 -0.83
CA ARG A 64 5.20 -5.27 -2.04
C ARG A 64 3.82 -4.62 -2.01
N VAL A 65 3.07 -4.74 -3.11
CA VAL A 65 1.76 -4.13 -3.30
C VAL A 65 0.86 -5.18 -3.97
N TYR A 66 -0.45 -5.19 -3.71
CA TYR A 66 -1.35 -6.17 -4.34
C TYR A 66 -1.80 -5.58 -5.70
N ARG A 67 -2.56 -6.33 -6.50
CA ARG A 67 -3.27 -5.83 -7.66
C ARG A 67 -4.68 -6.40 -7.70
N PRO A 68 -5.74 -5.57 -7.73
CA PRO A 68 -7.10 -6.01 -8.00
C PRO A 68 -7.18 -6.38 -9.48
N MET A 69 -7.22 -7.67 -9.81
CA MET A 69 -7.53 -8.12 -11.16
C MET A 69 -9.04 -7.99 -11.36
N TYR A 70 -9.45 -7.44 -12.49
CA TYR A 70 -10.85 -7.24 -12.85
C TYR A 70 -11.28 -8.41 -13.74
N ARG A 71 -12.59 -8.66 -13.81
CA ARG A 71 -13.17 -9.68 -14.69
C ARG A 71 -13.75 -9.12 -15.97
N GLY A 72 -13.78 -7.80 -16.07
CA GLY A 72 -14.27 -7.04 -17.20
C GLY A 72 -15.04 -5.85 -16.68
N GLU A 73 -14.35 -4.73 -16.47
CA GLU A 73 -14.97 -3.48 -16.06
C GLU A 73 -15.08 -2.54 -17.27
N GLU A 74 -14.09 -2.54 -18.16
CA GLU A 74 -13.84 -1.54 -19.21
C GLU A 74 -13.78 -0.08 -18.73
N TYR A 75 -14.10 0.22 -17.47
CA TYR A 75 -14.32 1.56 -16.95
C TYR A 75 -13.48 1.77 -15.68
N VAL A 76 -12.16 1.86 -15.84
CA VAL A 76 -11.24 2.21 -14.77
C VAL A 76 -10.15 3.09 -15.40
N SER A 77 -9.71 4.10 -14.65
CA SER A 77 -8.55 4.89 -14.93
C SER A 77 -7.51 4.63 -13.84
N GLU A 78 -6.38 5.35 -13.88
CA GLU A 78 -5.36 5.31 -12.84
C GLU A 78 -6.00 5.60 -11.48
N ASP A 79 -6.93 6.57 -11.41
CA ASP A 79 -7.50 6.96 -10.12
C ASP A 79 -8.38 5.86 -9.54
N ARG A 80 -9.34 5.32 -10.32
CA ARG A 80 -10.12 4.15 -9.90
C ARG A 80 -9.22 2.97 -9.55
N PHE A 81 -8.18 2.68 -10.34
CA PHE A 81 -7.26 1.59 -10.05
C PHE A 81 -6.63 1.82 -8.66
N VAL A 82 -6.06 3.00 -8.44
CA VAL A 82 -5.43 3.38 -7.19
C VAL A 82 -6.41 3.21 -6.03
N ARG A 83 -7.61 3.82 -6.08
CA ARG A 83 -8.53 3.71 -4.94
C ARG A 83 -9.00 2.27 -4.75
N ASP A 84 -9.31 1.53 -5.83
CA ASP A 84 -9.86 0.18 -5.68
C ASP A 84 -8.77 -0.74 -5.11
N CYS A 85 -7.50 -0.56 -5.48
CA CYS A 85 -6.42 -1.29 -4.84
C CYS A 85 -6.27 -0.83 -3.39
N TYR A 86 -6.20 0.48 -3.16
CA TYR A 86 -6.02 1.11 -1.86
C TYR A 86 -7.08 0.63 -0.87
N ASN A 87 -8.33 0.49 -1.32
CA ASN A 87 -9.51 0.20 -0.49
C ASN A 87 -9.35 -1.11 0.25
N MET A 88 -8.88 -2.17 -0.42
CA MET A 88 -8.57 -3.42 0.26
C MET A 88 -7.17 -3.38 0.85
N SER A 89 -6.25 -2.68 0.22
CA SER A 89 -4.86 -2.76 0.65
C SER A 89 -4.70 -2.18 2.05
N VAL A 90 -5.55 -1.20 2.35
CA VAL A 90 -5.85 -0.76 3.68
C VAL A 90 -6.08 -1.99 4.52
N THR A 91 -7.14 -2.75 4.27
CA THR A 91 -7.44 -3.92 5.06
C THR A 91 -6.27 -4.88 5.20
N GLU A 92 -5.56 -5.19 4.11
CA GLU A 92 -4.45 -6.13 4.11
C GLU A 92 -3.29 -5.70 5.02
N TYR A 93 -3.19 -4.41 5.34
CA TYR A 93 -2.14 -3.88 6.18
C TYR A 93 -2.70 -2.92 7.24
N ILE A 94 -3.97 -3.09 7.64
CA ILE A 94 -4.62 -2.38 8.74
C ILE A 94 -5.42 -3.40 9.55
N ILE A 95 -6.40 -4.07 8.93
CA ILE A 95 -7.27 -5.01 9.64
C ILE A 95 -6.51 -6.31 9.94
N LYS A 96 -5.40 -6.58 9.24
CA LYS A 96 -4.46 -7.63 9.55
C LYS A 96 -3.56 -7.24 10.72
N PRO A 97 -2.76 -6.15 10.68
CA PRO A 97 -1.94 -5.74 11.80
C PRO A 97 -2.76 -5.32 13.05
N ALA A 98 -4.09 -5.40 13.05
CA ALA A 98 -4.91 -5.32 14.25
C ALA A 98 -4.79 -6.57 15.14
N GLU A 99 -4.29 -7.72 14.65
CA GLU A 99 -4.42 -9.01 15.36
C GLU A 99 -3.71 -9.06 16.71
N GLY A 100 -2.67 -8.24 16.90
CA GLY A 100 -1.89 -8.25 18.14
C GLY A 100 -0.75 -7.25 18.12
N LYS A 101 -1.00 -6.01 17.68
CA LYS A 101 0.00 -4.97 17.59
C LYS A 101 -0.64 -3.67 18.09
N ASN A 102 -0.43 -3.35 19.37
CA ASN A 102 -0.69 -2.02 19.91
C ASN A 102 0.32 -1.03 19.33
N ASN A 103 0.11 0.28 19.58
CA ASN A 103 0.87 1.38 19.05
C ASN A 103 0.76 2.54 20.05
N SER A 104 -0.47 2.88 20.47
CA SER A 104 -0.78 3.92 21.44
C SER A 104 -0.38 5.30 20.89
N GLU A 105 -1.25 5.89 20.07
CA GLU A 105 -1.14 7.19 19.39
C GLU A 105 -0.33 7.00 18.12
N LEU A 106 0.72 6.20 18.23
CA LEU A 106 1.61 5.83 17.16
C LEU A 106 0.89 5.10 16.02
N ASN A 107 -0.35 4.62 16.25
CA ASN A 107 -1.10 3.93 15.22
C ASN A 107 -1.34 4.88 14.05
N GLN A 108 -1.44 6.17 14.36
CA GLN A 108 -1.79 7.20 13.41
C GLN A 108 -0.68 7.38 12.38
N LEU A 109 0.57 7.60 12.79
CA LEU A 109 1.71 7.83 11.88
C LEU A 109 1.83 6.58 11.02
N ASP A 110 1.82 5.43 11.67
CA ASP A 110 1.97 4.13 11.03
C ASP A 110 0.99 3.99 9.88
N THR A 111 -0.26 4.28 10.18
CA THR A 111 -1.40 4.20 9.26
C THR A 111 -1.37 5.31 8.19
N THR A 112 -1.07 6.56 8.56
CA THR A 112 -0.96 7.71 7.68
C THR A 112 0.09 7.46 6.61
N VAL A 113 1.27 6.98 7.01
CA VAL A 113 2.31 6.67 6.05
C VAL A 113 1.85 5.50 5.22
N LYS A 114 1.34 4.39 5.80
CA LYS A 114 0.88 3.28 4.97
C LYS A 114 -0.19 3.74 3.97
N SER A 115 -1.06 4.69 4.32
CA SER A 115 -1.98 5.26 3.35
C SER A 115 -1.25 6.01 2.22
N GLN A 116 -0.39 6.98 2.58
CA GLN A 116 0.26 7.82 1.59
C GLN A 116 1.21 7.02 0.69
N ILE A 117 1.91 6.02 1.25
CA ILE A 117 2.79 5.16 0.48
C ILE A 117 1.97 4.23 -0.39
N ILE A 118 0.93 3.54 0.10
CA ILE A 118 0.24 2.54 -0.73
C ILE A 118 -0.32 3.19 -1.99
N ARG A 119 -0.89 4.40 -1.90
CA ARG A 119 -1.35 5.14 -3.08
C ARG A 119 -0.26 5.18 -4.14
N GLU A 120 0.95 5.53 -3.75
CA GLU A 120 2.13 5.60 -4.60
C GLU A 120 2.61 4.22 -5.06
N MET A 121 2.63 3.22 -4.17
CA MET A 121 3.04 1.85 -4.48
C MET A 121 2.14 1.30 -5.59
N CYS A 122 0.84 1.64 -5.54
CA CYS A 122 -0.14 1.25 -6.55
C CYS A 122 0.22 1.91 -7.88
N ILE A 123 0.42 3.23 -7.90
CA ILE A 123 0.84 3.96 -9.09
C ILE A 123 2.05 3.26 -9.72
N THR A 124 3.07 2.93 -8.92
CA THR A 124 4.24 2.24 -9.40
C THR A 124 3.90 0.84 -9.94
N GLU A 125 2.96 0.12 -9.34
CA GLU A 125 2.58 -1.23 -9.74
C GLU A 125 2.18 -1.19 -11.20
N TYR A 126 1.30 -0.26 -11.55
CA TYR A 126 0.91 -0.01 -12.93
C TYR A 126 2.14 0.28 -13.79
N ARG A 127 2.98 1.24 -13.41
CA ARG A 127 4.14 1.65 -14.20
C ARG A 127 5.17 0.54 -14.45
N ARG A 128 5.13 -0.58 -13.72
CA ARG A 128 5.94 -1.77 -14.01
C ARG A 128 5.14 -2.86 -14.68
N GLY A 129 4.03 -3.21 -14.06
CA GLY A 129 3.22 -4.38 -14.33
C GLY A 129 2.34 -4.21 -15.56
N SER A 130 2.24 -2.99 -16.07
CA SER A 130 1.73 -2.71 -17.40
C SER A 130 2.90 -2.28 -18.28
N ILE A 29 -14.99 -7.51 -8.37
CA ILE A 29 -13.60 -7.76 -8.75
C ILE A 29 -13.40 -9.27 -8.99
N GLY A 30 -12.43 -9.63 -9.84
CA GLY A 30 -12.12 -10.99 -10.26
C GLY A 30 -11.29 -11.77 -9.23
N GLY A 31 -11.11 -11.22 -8.03
CA GLY A 31 -10.15 -11.68 -7.03
C GLY A 31 -8.90 -10.80 -7.05
N TYR A 32 -7.98 -11.06 -6.12
CA TYR A 32 -6.73 -10.33 -5.95
C TYR A 32 -5.59 -11.35 -6.02
N MET A 33 -4.51 -11.09 -6.79
CA MET A 33 -3.45 -12.10 -6.97
C MET A 33 -2.07 -11.42 -7.06
N LEU A 34 -2.01 -10.18 -6.57
CA LEU A 34 -0.88 -9.29 -6.58
C LEU A 34 -0.49 -8.89 -8.00
N GLY A 35 0.26 -7.79 -8.08
CA GLY A 35 0.92 -7.39 -9.31
C GLY A 35 2.33 -7.94 -9.31
N ASN A 36 3.29 -7.10 -8.96
CA ASN A 36 4.70 -7.42 -8.76
C ASN A 36 5.07 -6.96 -7.35
N ALA A 37 6.30 -7.21 -6.90
CA ALA A 37 6.75 -6.86 -5.56
C ALA A 37 7.73 -5.68 -5.55
N VAL A 38 7.92 -5.08 -4.37
CA VAL A 38 8.83 -3.98 -4.07
C VAL A 38 9.77 -4.41 -2.94
N GLY A 39 9.43 -4.10 -1.69
CA GLY A 39 10.25 -4.29 -0.52
C GLY A 39 10.94 -2.97 -0.20
N ARG A 40 11.81 -2.48 -1.09
CA ARG A 40 12.47 -1.18 -0.90
C ARG A 40 12.15 -0.29 -2.09
N MET A 41 10.90 0.16 -2.23
CA MET A 41 10.56 1.25 -3.12
C MET A 41 11.45 2.45 -2.79
N SER A 42 11.59 2.74 -1.48
CA SER A 42 12.60 3.64 -0.92
C SER A 42 12.57 5.01 -1.60
N TYR A 43 11.38 5.41 -2.06
CA TYR A 43 11.11 6.52 -2.98
C TYR A 43 11.47 7.92 -2.50
N GLN A 44 10.96 8.90 -3.24
CA GLN A 44 10.92 10.31 -2.88
C GLN A 44 9.88 10.48 -1.75
N PHE A 45 10.29 10.19 -0.51
CA PHE A 45 9.44 10.48 0.64
C PHE A 45 9.28 11.97 0.80
N ASN A 46 8.25 12.33 1.56
CA ASN A 46 7.99 13.72 1.86
C ASN A 46 8.86 14.12 3.04
N ASN A 47 8.90 13.30 4.10
CA ASN A 47 9.54 13.64 5.36
C ASN A 47 10.45 12.50 5.81
N PRO A 48 11.49 12.78 6.62
CA PRO A 48 12.43 11.76 7.05
C PRO A 48 11.79 10.74 7.98
N MET A 49 10.79 11.12 8.78
CA MET A 49 10.08 10.22 9.66
C MET A 49 9.45 9.10 8.86
N GLU A 50 8.91 9.40 7.69
CA GLU A 50 8.28 8.42 6.83
C GLU A 50 9.34 7.47 6.28
N SER A 51 10.46 8.04 5.83
CA SER A 51 11.55 7.30 5.25
C SER A 51 12.10 6.30 6.26
N ARG A 52 12.44 6.76 7.47
CA ARG A 52 13.09 5.91 8.45
C ARG A 52 12.12 4.87 8.97
N TYR A 53 10.86 5.21 9.22
CA TYR A 53 9.84 4.22 9.57
C TYR A 53 9.79 3.15 8.48
N TYR A 54 9.73 3.54 7.20
CA TYR A 54 9.69 2.59 6.08
C TYR A 54 10.88 1.63 6.07
N ASN A 55 12.02 2.08 6.60
CA ASN A 55 13.26 1.32 6.59
C ASN A 55 13.52 0.57 7.89
N ASP A 56 12.91 0.97 9.00
CA ASP A 56 13.06 0.32 10.30
C ASP A 56 11.97 -0.72 10.50
N TYR A 57 10.77 -0.43 10.01
CA TYR A 57 9.60 -1.29 10.14
C TYR A 57 9.48 -2.16 8.88
N TYR A 58 10.52 -2.19 8.03
CA TYR A 58 10.55 -2.97 6.80
C TYR A 58 10.06 -4.39 7.07
N ASN A 59 10.49 -4.99 8.18
CA ASN A 59 10.10 -6.35 8.54
C ASN A 59 8.58 -6.53 8.62
N GLN A 60 7.83 -5.47 8.99
CA GLN A 60 6.37 -5.48 9.10
C GLN A 60 5.65 -4.99 7.85
N MET A 61 6.38 -4.55 6.84
CA MET A 61 5.80 -3.83 5.71
C MET A 61 5.33 -4.76 4.59
N PRO A 62 4.48 -4.25 3.68
CA PRO A 62 4.09 -4.97 2.48
C PRO A 62 5.23 -4.98 1.46
N ASN A 63 5.91 -6.12 1.41
CA ASN A 63 7.00 -6.40 0.54
C ASN A 63 6.55 -6.45 -0.92
N ARG A 64 5.27 -6.70 -1.22
CA ARG A 64 4.71 -6.50 -2.56
C ARG A 64 3.51 -5.56 -2.55
N VAL A 65 3.05 -5.09 -3.71
CA VAL A 65 1.74 -4.48 -3.83
C VAL A 65 0.76 -5.52 -4.36
N TYR A 66 -0.41 -5.56 -3.75
CA TYR A 66 -1.52 -6.37 -4.23
C TYR A 66 -2.11 -5.75 -5.51
N ARG A 67 -3.05 -6.47 -6.13
CA ARG A 67 -3.83 -5.93 -7.23
C ARG A 67 -5.12 -6.74 -7.39
N PRO A 68 -6.26 -6.06 -7.50
CA PRO A 68 -7.43 -6.48 -8.27
C PRO A 68 -7.07 -7.05 -9.64
N MET A 69 -7.92 -7.91 -10.17
CA MET A 69 -8.09 -8.16 -11.60
C MET A 69 -9.56 -7.92 -11.92
N TYR A 70 -9.89 -7.40 -13.09
CA TYR A 70 -11.24 -6.99 -13.47
C TYR A 70 -11.70 -7.87 -14.62
N ARG A 71 -12.94 -8.34 -14.58
CA ARG A 71 -13.48 -9.24 -15.60
C ARG A 71 -14.34 -8.53 -16.63
N GLY A 72 -14.80 -7.36 -16.27
CA GLY A 72 -15.66 -6.52 -17.08
C GLY A 72 -15.53 -5.07 -16.65
N GLU A 73 -14.49 -4.40 -17.14
CA GLU A 73 -14.33 -2.95 -17.15
C GLU A 73 -13.43 -2.59 -18.34
N GLU A 74 -12.38 -3.39 -18.55
CA GLU A 74 -11.26 -3.17 -19.46
C GLU A 74 -10.49 -1.91 -19.03
N TYR A 75 -9.77 -2.08 -17.91
CA TYR A 75 -8.93 -1.15 -17.19
C TYR A 75 -9.69 0.08 -16.70
N VAL A 76 -9.90 0.10 -15.40
CA VAL A 76 -10.35 1.25 -14.68
C VAL A 76 -9.28 2.34 -14.84
N SER A 77 -9.70 3.57 -14.62
CA SER A 77 -8.90 4.76 -14.54
C SER A 77 -7.94 4.64 -13.37
N GLU A 78 -6.93 5.47 -13.36
CA GLU A 78 -5.86 5.47 -12.36
C GLU A 78 -6.43 5.74 -10.97
N ASP A 79 -7.50 6.54 -10.88
CA ASP A 79 -8.19 6.84 -9.64
C ASP A 79 -8.78 5.56 -9.05
N ARG A 80 -9.64 4.90 -9.84
CA ARG A 80 -10.28 3.63 -9.52
C ARG A 80 -9.24 2.57 -9.20
N PHE A 81 -8.20 2.46 -10.01
CA PHE A 81 -7.17 1.46 -9.86
C PHE A 81 -6.57 1.57 -8.46
N VAL A 82 -6.15 2.79 -8.11
CA VAL A 82 -5.62 3.10 -6.80
C VAL A 82 -6.63 2.71 -5.73
N ARG A 83 -7.82 3.31 -5.71
CA ARG A 83 -8.73 3.11 -4.58
C ARG A 83 -9.09 1.64 -4.41
N ASP A 84 -9.25 0.87 -5.48
CA ASP A 84 -9.62 -0.54 -5.39
C ASP A 84 -8.51 -1.36 -4.72
N CYS A 85 -7.25 -1.11 -5.09
CA CYS A 85 -6.10 -1.80 -4.53
C CYS A 85 -5.84 -1.32 -3.10
N TYR A 86 -5.93 -0.01 -2.90
CA TYR A 86 -5.80 0.67 -1.62
C TYR A 86 -6.78 0.05 -0.64
N ASN A 87 -8.06 -0.06 -0.99
CA ASN A 87 -9.16 -0.64 -0.20
C ASN A 87 -8.70 -1.94 0.48
N MET A 88 -8.30 -2.93 -0.33
CA MET A 88 -7.93 -4.24 0.24
C MET A 88 -6.62 -4.17 1.01
N SER A 89 -5.63 -3.42 0.55
CA SER A 89 -4.36 -3.26 1.26
C SER A 89 -4.60 -2.64 2.65
N VAL A 90 -5.54 -1.69 2.73
CA VAL A 90 -6.11 -1.05 3.92
C VAL A 90 -6.97 -2.03 4.74
N THR A 91 -6.95 -3.32 4.44
CA THR A 91 -7.48 -4.34 5.31
C THR A 91 -6.34 -5.33 5.59
N GLU A 92 -5.64 -5.80 4.57
CA GLU A 92 -4.61 -6.83 4.67
C GLU A 92 -3.49 -6.46 5.64
N TYR A 93 -3.26 -5.17 5.86
CA TYR A 93 -2.24 -4.67 6.77
C TYR A 93 -2.77 -3.56 7.66
N ILE A 94 -4.08 -3.51 7.87
CA ILE A 94 -4.72 -2.65 8.87
C ILE A 94 -5.68 -3.49 9.71
N ILE A 95 -6.63 -4.17 9.08
CA ILE A 95 -7.69 -4.88 9.79
C ILE A 95 -7.14 -6.21 10.33
N LYS A 96 -6.14 -6.80 9.68
CA LYS A 96 -5.40 -7.93 10.23
C LYS A 96 -4.61 -7.44 11.46
N PRO A 97 -3.66 -6.50 11.35
CA PRO A 97 -2.94 -6.03 12.53
C PRO A 97 -3.82 -5.27 13.53
N ALA A 98 -5.10 -4.99 13.24
CA ALA A 98 -6.08 -4.45 14.19
C ALA A 98 -6.28 -5.37 15.38
N GLU A 99 -5.77 -6.60 15.30
CA GLU A 99 -5.75 -7.55 16.40
C GLU A 99 -5.25 -6.85 17.67
N GLY A 100 -4.03 -6.30 17.67
CA GLY A 100 -3.40 -5.81 18.89
C GLY A 100 -2.68 -4.50 18.63
N LYS A 101 -1.51 -4.55 17.98
CA LYS A 101 -0.59 -3.45 17.75
C LYS A 101 -0.36 -2.62 19.00
N ASN A 102 0.66 -2.96 19.79
CA ASN A 102 1.09 -2.18 20.94
C ASN A 102 1.70 -0.86 20.43
N ASN A 103 0.87 0.14 20.14
CA ASN A 103 1.17 1.41 19.50
C ASN A 103 0.29 2.49 20.11
N SER A 104 -1.02 2.23 20.29
CA SER A 104 -2.01 3.06 20.96
C SER A 104 -1.86 4.57 20.68
N GLU A 105 -2.32 5.05 19.51
CA GLU A 105 -2.18 6.38 18.91
C GLU A 105 -1.00 6.37 17.95
N LEU A 106 0.10 5.71 18.31
CA LEU A 106 1.32 5.65 17.50
C LEU A 106 1.08 5.03 16.10
N ASN A 107 -0.04 4.33 15.87
CA ASN A 107 -0.34 3.80 14.55
C ASN A 107 -0.64 4.90 13.55
N GLN A 108 -0.81 6.15 13.98
CA GLN A 108 -1.08 7.24 13.08
C GLN A 108 0.04 7.46 12.06
N LEU A 109 1.31 7.44 12.46
CA LEU A 109 2.46 7.56 11.55
C LEU A 109 2.46 6.36 10.62
N ASP A 110 2.34 5.18 11.21
CA ASP A 110 2.34 3.91 10.48
C ASP A 110 1.29 3.90 9.36
N THR A 111 0.06 4.29 9.68
CA THR A 111 -1.07 4.43 8.78
C THR A 111 -0.78 5.49 7.70
N THR A 112 -0.29 6.67 8.10
CA THR A 112 0.05 7.77 7.20
C THR A 112 1.05 7.29 6.15
N VAL A 113 2.20 6.75 6.56
CA VAL A 113 3.22 6.28 5.64
C VAL A 113 2.64 5.15 4.81
N LYS A 114 2.00 4.15 5.42
CA LYS A 114 1.47 3.02 4.65
C LYS A 114 0.45 3.53 3.64
N SER A 115 -0.34 4.56 3.95
CA SER A 115 -1.21 5.16 2.98
C SER A 115 -0.41 5.74 1.82
N GLN A 116 0.63 6.54 2.11
CA GLN A 116 1.48 7.14 1.09
C GLN A 116 2.06 6.05 0.18
N ILE A 117 2.80 5.09 0.76
CA ILE A 117 3.50 4.05 0.01
C ILE A 117 2.55 3.09 -0.70
N ILE A 118 1.41 2.65 -0.14
CA ILE A 118 0.49 1.78 -0.87
C ILE A 118 -0.06 2.58 -2.06
N ARG A 119 -0.57 3.79 -1.81
CA ARG A 119 -1.22 4.60 -2.82
C ARG A 119 -0.27 4.87 -3.97
N GLU A 120 0.98 5.21 -3.68
CA GLU A 120 2.02 5.37 -4.65
C GLU A 120 2.33 4.03 -5.31
N MET A 121 2.55 2.93 -4.57
CA MET A 121 2.87 1.60 -5.11
C MET A 121 1.86 1.22 -6.20
N CYS A 122 0.57 1.50 -5.99
CA CYS A 122 -0.46 1.34 -7.01
C CYS A 122 -0.11 2.14 -8.27
N ILE A 123 0.00 3.47 -8.13
CA ILE A 123 0.24 4.41 -9.23
C ILE A 123 1.49 3.98 -10.01
N THR A 124 2.57 3.70 -9.28
CA THR A 124 3.84 3.23 -9.76
C THR A 124 3.67 1.90 -10.51
N GLU A 125 3.04 0.85 -9.98
CA GLU A 125 2.94 -0.44 -10.67
C GLU A 125 2.23 -0.27 -12.01
N TYR A 126 1.20 0.59 -12.09
CA TYR A 126 0.57 0.91 -13.36
C TYR A 126 1.62 1.43 -14.35
N ARG A 127 2.30 2.50 -13.96
CA ARG A 127 3.31 3.22 -14.75
C ARG A 127 4.48 2.34 -15.15
N ARG A 128 5.02 1.59 -14.20
CA ARG A 128 6.21 0.77 -14.30
C ARG A 128 5.89 -0.55 -14.98
N GLY A 129 4.70 -1.09 -14.74
CA GLY A 129 4.21 -2.33 -15.31
C GLY A 129 3.76 -2.13 -16.75
N SER A 130 3.77 -0.89 -17.23
CA SER A 130 3.35 -0.52 -18.57
C SER A 130 4.12 -1.33 -19.64
N ILE A 29 -13.74 -9.28 -7.94
CA ILE A 29 -12.29 -9.33 -8.03
C ILE A 29 -11.94 -10.82 -8.16
N GLY A 30 -11.25 -11.14 -9.25
CA GLY A 30 -10.85 -12.50 -9.61
C GLY A 30 -9.74 -13.06 -8.74
N GLY A 31 -9.21 -12.26 -7.82
CA GLY A 31 -8.26 -12.65 -6.80
C GLY A 31 -7.27 -11.52 -6.54
N TYR A 32 -6.52 -11.68 -5.46
CA TYR A 32 -5.37 -10.86 -5.12
C TYR A 32 -4.21 -11.84 -5.08
N MET A 33 -3.36 -11.80 -6.09
CA MET A 33 -2.22 -12.72 -6.18
C MET A 33 -0.91 -12.02 -5.81
N LEU A 34 -0.87 -10.73 -6.15
CA LEU A 34 0.11 -9.69 -5.89
C LEU A 34 0.80 -9.34 -7.22
N GLY A 35 1.01 -8.05 -7.46
CA GLY A 35 1.56 -7.51 -8.70
C GLY A 35 3.05 -7.22 -8.55
N ASN A 36 3.82 -8.27 -8.26
CA ASN A 36 5.15 -8.21 -7.71
C ASN A 36 5.25 -7.28 -6.50
N ALA A 37 6.44 -7.23 -5.93
CA ALA A 37 6.77 -6.20 -4.97
C ALA A 37 7.32 -4.98 -5.70
N VAL A 38 7.29 -3.85 -5.01
CA VAL A 38 7.82 -2.59 -5.53
C VAL A 38 9.30 -2.61 -5.23
N GLY A 39 9.68 -2.48 -3.95
CA GLY A 39 11.04 -2.65 -3.50
C GLY A 39 11.67 -1.30 -3.25
N ARG A 40 11.71 -0.92 -1.98
CA ARG A 40 12.39 0.27 -1.47
C ARG A 40 12.03 1.49 -2.33
N MET A 41 10.72 1.70 -2.54
CA MET A 41 10.18 2.78 -3.34
C MET A 41 10.89 4.10 -3.03
N SER A 42 10.93 4.46 -1.73
CA SER A 42 11.46 5.67 -1.14
C SER A 42 11.47 6.84 -2.13
N TYR A 43 10.26 7.08 -2.65
CA TYR A 43 9.91 8.28 -3.37
C TYR A 43 10.15 9.54 -2.55
N GLN A 44 9.96 10.66 -3.23
CA GLN A 44 10.01 12.02 -2.71
C GLN A 44 8.92 12.21 -1.64
N PHE A 45 9.19 11.84 -0.39
CA PHE A 45 8.27 12.05 0.73
C PHE A 45 8.12 13.55 1.02
N ASN A 46 7.09 13.91 1.79
CA ASN A 46 6.85 15.29 2.19
C ASN A 46 7.76 15.70 3.34
N ASN A 47 8.25 14.74 4.14
CA ASN A 47 9.23 14.99 5.18
C ASN A 47 10.01 13.70 5.44
N PRO A 48 11.25 13.79 5.97
CA PRO A 48 12.12 12.62 6.13
C PRO A 48 11.68 11.64 7.22
N MET A 49 10.80 12.03 8.14
CA MET A 49 10.16 11.16 9.10
C MET A 49 9.51 10.00 8.36
N GLU A 50 8.85 10.27 7.23
CA GLU A 50 8.14 9.25 6.48
C GLU A 50 9.15 8.27 5.89
N SER A 51 10.20 8.80 5.26
CA SER A 51 11.27 8.05 4.64
C SER A 51 12.00 7.15 5.65
N ARG A 52 12.41 7.73 6.79
CA ARG A 52 13.01 7.03 7.92
C ARG A 52 12.08 5.95 8.42
N TYR A 53 10.82 6.28 8.65
CA TYR A 53 9.87 5.30 9.16
C TYR A 53 9.79 4.15 8.16
N TYR A 54 9.62 4.42 6.88
CA TYR A 54 9.56 3.42 5.81
C TYR A 54 10.84 2.59 5.68
N ASN A 55 11.91 2.91 6.42
CA ASN A 55 13.14 2.16 6.53
C ASN A 55 13.19 1.38 7.84
N ASP A 56 13.06 2.06 8.96
CA ASP A 56 13.09 1.46 10.30
C ASP A 56 11.99 0.42 10.45
N TYR A 57 10.83 0.71 9.87
CA TYR A 57 9.65 -0.12 9.90
C TYR A 57 9.56 -1.04 8.70
N TYR A 58 10.58 -1.11 7.85
CA TYR A 58 10.52 -1.93 6.65
C TYR A 58 10.09 -3.35 7.02
N ASN A 59 10.73 -3.92 8.03
CA ASN A 59 10.48 -5.27 8.52
C ASN A 59 9.23 -5.38 9.40
N GLN A 60 8.51 -4.28 9.64
CA GLN A 60 7.30 -4.20 10.45
C GLN A 60 6.09 -3.76 9.61
N MET A 61 6.23 -3.71 8.28
CA MET A 61 5.21 -3.28 7.32
C MET A 61 5.28 -4.24 6.11
N PRO A 62 4.54 -4.02 4.99
CA PRO A 62 4.72 -4.84 3.80
C PRO A 62 5.94 -4.39 2.99
N ASN A 63 6.47 -5.26 2.13
CA ASN A 63 7.45 -4.90 1.10
C ASN A 63 6.82 -4.86 -0.29
N ARG A 64 5.68 -5.54 -0.50
CA ARG A 64 5.06 -5.73 -1.81
C ARG A 64 3.75 -4.97 -1.93
N VAL A 65 3.11 -5.00 -3.10
CA VAL A 65 1.76 -4.46 -3.27
C VAL A 65 0.89 -5.57 -3.87
N TYR A 66 -0.40 -5.59 -3.53
CA TYR A 66 -1.32 -6.49 -4.19
C TYR A 66 -1.69 -5.94 -5.56
N ARG A 67 -2.39 -6.73 -6.38
CA ARG A 67 -3.01 -6.23 -7.59
C ARG A 67 -4.33 -6.98 -7.73
N PRO A 68 -5.48 -6.33 -7.53
CA PRO A 68 -6.77 -6.91 -7.83
C PRO A 68 -6.90 -7.06 -9.34
N MET A 69 -7.16 -8.28 -9.81
CA MET A 69 -7.62 -8.51 -11.17
C MET A 69 -9.14 -8.56 -11.16
N TYR A 70 -9.79 -8.20 -12.26
CA TYR A 70 -11.25 -8.20 -12.34
C TYR A 70 -11.70 -9.25 -13.36
N ARG A 71 -12.99 -9.56 -13.37
CA ARG A 71 -13.59 -10.45 -14.38
C ARG A 71 -14.45 -9.73 -15.40
N GLY A 72 -14.70 -8.46 -15.15
CA GLY A 72 -15.51 -7.64 -16.02
C GLY A 72 -15.64 -6.23 -15.48
N GLU A 73 -14.51 -5.55 -15.29
CA GLU A 73 -14.47 -4.10 -15.20
C GLU A 73 -13.27 -3.66 -16.03
N GLU A 74 -13.52 -3.50 -17.34
CA GLU A 74 -12.47 -3.17 -18.30
C GLU A 74 -12.29 -1.66 -18.49
N TYR A 75 -13.33 -0.89 -18.20
CA TYR A 75 -13.36 0.55 -18.39
C TYR A 75 -12.97 1.23 -17.09
N VAL A 76 -11.69 1.15 -16.75
CA VAL A 76 -11.10 1.72 -15.54
C VAL A 76 -9.87 2.53 -15.96
N SER A 77 -9.49 3.47 -15.09
CA SER A 77 -8.29 4.26 -15.19
C SER A 77 -7.40 3.88 -14.01
N GLU A 78 -6.13 4.26 -14.05
CA GLU A 78 -5.16 4.02 -12.98
C GLU A 78 -5.72 4.49 -11.64
N ASP A 79 -6.51 5.56 -11.65
CA ASP A 79 -7.02 6.20 -10.45
C ASP A 79 -8.14 5.38 -9.77
N ARG A 80 -8.98 4.65 -10.53
CA ARG A 80 -9.94 3.76 -9.90
C ARG A 80 -9.25 2.49 -9.42
N PHE A 81 -8.23 2.06 -10.15
CA PHE A 81 -7.45 0.91 -9.77
C PHE A 81 -6.80 1.18 -8.43
N VAL A 82 -6.04 2.28 -8.34
CA VAL A 82 -5.24 2.62 -7.18
C VAL A 82 -6.12 2.61 -5.96
N ARG A 83 -7.20 3.39 -5.97
CA ARG A 83 -8.04 3.46 -4.78
C ARG A 83 -8.63 2.10 -4.43
N ASP A 84 -9.01 1.24 -5.38
CA ASP A 84 -9.58 -0.06 -5.05
C ASP A 84 -8.52 -0.95 -4.41
N CYS A 85 -7.36 -1.06 -5.07
CA CYS A 85 -6.23 -1.84 -4.61
C CYS A 85 -5.72 -1.33 -3.25
N TYR A 86 -5.72 0.00 -3.08
CA TYR A 86 -5.43 0.69 -1.84
C TYR A 86 -6.38 0.18 -0.78
N ASN A 87 -7.69 0.28 -1.00
CA ASN A 87 -8.74 -0.03 -0.02
C ASN A 87 -8.62 -1.46 0.51
N MET A 88 -8.15 -2.40 -0.33
CA MET A 88 -7.82 -3.73 0.14
C MET A 88 -6.50 -3.73 0.87
N SER A 89 -5.39 -3.30 0.25
CA SER A 89 -4.06 -3.44 0.85
C SER A 89 -3.98 -2.74 2.21
N VAL A 90 -4.57 -1.55 2.36
CA VAL A 90 -4.66 -0.86 3.65
C VAL A 90 -5.29 -1.79 4.65
N THR A 91 -6.49 -2.29 4.37
CA THR A 91 -7.21 -3.19 5.24
C THR A 91 -6.36 -4.42 5.56
N GLU A 92 -5.65 -5.00 4.58
CA GLU A 92 -4.77 -6.15 4.73
C GLU A 92 -3.65 -5.90 5.75
N TYR A 93 -3.32 -4.63 6.03
CA TYR A 93 -2.29 -4.26 6.96
C TYR A 93 -2.78 -3.20 7.95
N ILE A 94 -4.09 -3.11 8.16
CA ILE A 94 -4.73 -2.31 9.19
C ILE A 94 -5.73 -3.22 9.86
N ILE A 95 -6.81 -3.64 9.19
CA ILE A 95 -7.94 -4.34 9.81
C ILE A 95 -7.54 -5.76 10.28
N LYS A 96 -6.53 -6.37 9.64
CA LYS A 96 -5.99 -7.64 10.09
C LYS A 96 -5.12 -7.44 11.33
N PRO A 97 -4.06 -6.61 11.26
CA PRO A 97 -3.27 -6.35 12.43
C PRO A 97 -4.07 -5.63 13.54
N ALA A 98 -5.24 -5.03 13.25
CA ALA A 98 -6.11 -4.29 14.17
C ALA A 98 -6.68 -5.17 15.28
N GLU A 99 -6.51 -6.48 15.19
CA GLU A 99 -6.86 -7.38 16.26
C GLU A 99 -6.06 -7.02 17.52
N GLY A 100 -4.87 -6.45 17.36
CA GLY A 100 -4.28 -5.66 18.42
C GLY A 100 -3.42 -4.52 17.89
N LYS A 101 -2.22 -4.87 17.43
CA LYS A 101 -1.02 -4.08 17.34
C LYS A 101 -0.76 -3.26 18.59
N ASN A 102 0.27 -3.61 19.37
CA ASN A 102 0.84 -2.83 20.45
C ASN A 102 1.53 -1.54 19.93
N ASN A 103 0.84 -0.75 19.13
CA ASN A 103 1.26 0.53 18.61
C ASN A 103 0.84 1.65 19.56
N SER A 104 -0.46 1.67 19.91
CA SER A 104 -1.27 2.76 20.45
C SER A 104 -0.72 4.16 20.12
N GLU A 105 -1.31 4.81 19.13
CA GLU A 105 -0.99 6.17 18.69
C GLU A 105 0.37 6.29 17.97
N LEU A 106 1.24 5.29 18.09
CA LEU A 106 2.27 4.98 17.09
C LEU A 106 1.64 4.61 15.77
N ASN A 107 0.37 4.18 15.79
CA ASN A 107 -0.30 3.78 14.58
C ASN A 107 -0.43 4.99 13.66
N GLN A 108 -0.33 6.21 14.16
CA GLN A 108 -0.47 7.38 13.34
C GLN A 108 0.60 7.47 12.27
N LEU A 109 1.91 7.36 12.56
CA LEU A 109 2.98 7.44 11.57
C LEU A 109 2.85 6.19 10.69
N ASP A 110 2.61 5.02 11.30
CA ASP A 110 2.37 3.74 10.60
C ASP A 110 1.32 3.95 9.52
N THR A 111 0.13 4.41 9.90
CA THR A 111 -1.04 4.60 9.06
C THR A 111 -0.80 5.71 8.04
N THR A 112 -0.28 6.87 8.46
CA THR A 112 -0.02 8.04 7.63
C THR A 112 0.85 7.65 6.44
N VAL A 113 2.00 7.04 6.72
CA VAL A 113 2.96 6.68 5.69
C VAL A 113 2.40 5.48 4.92
N LYS A 114 1.81 4.47 5.59
CA LYS A 114 1.30 3.28 4.91
C LYS A 114 0.16 3.65 3.95
N SER A 115 -0.62 4.68 4.29
CA SER A 115 -1.60 5.28 3.39
C SER A 115 -0.84 5.81 2.17
N GLN A 116 0.09 6.75 2.37
CA GLN A 116 0.86 7.38 1.30
C GLN A 116 1.43 6.33 0.34
N ILE A 117 2.22 5.41 0.89
CA ILE A 117 2.98 4.44 0.14
C ILE A 117 2.06 3.46 -0.56
N ILE A 118 0.95 2.99 0.03
CA ILE A 118 0.09 2.05 -0.67
C ILE A 118 -0.48 2.76 -1.88
N ARG A 119 -1.01 3.98 -1.71
CA ARG A 119 -1.54 4.76 -2.82
C ARG A 119 -0.48 4.91 -3.89
N GLU A 120 0.77 5.26 -3.56
CA GLU A 120 1.82 5.45 -4.52
C GLU A 120 2.16 4.11 -5.17
N MET A 121 2.36 3.04 -4.39
CA MET A 121 2.69 1.69 -4.83
C MET A 121 1.67 1.25 -5.88
N CYS A 122 0.38 1.42 -5.58
CA CYS A 122 -0.71 1.05 -6.48
C CYS A 122 -0.75 1.95 -7.72
N ILE A 123 -0.55 3.28 -7.59
CA ILE A 123 -0.43 4.17 -8.75
C ILE A 123 0.74 3.67 -9.62
N THR A 124 1.84 3.24 -8.99
CA THR A 124 3.04 2.78 -9.66
C THR A 124 2.83 1.44 -10.34
N GLU A 125 1.95 0.55 -9.87
CA GLU A 125 1.69 -0.67 -10.63
C GLU A 125 1.08 -0.33 -12.00
N TYR A 126 0.57 0.89 -12.21
CA TYR A 126 0.48 1.47 -13.53
C TYR A 126 1.78 2.17 -13.94
N ARG A 127 2.25 3.24 -13.29
CA ARG A 127 3.36 4.05 -13.82
C ARG A 127 4.66 3.30 -14.13
N ARG A 128 4.92 2.16 -13.49
CA ARG A 128 6.03 1.26 -13.72
C ARG A 128 5.53 0.09 -14.55
N GLY A 129 4.40 -0.52 -14.16
CA GLY A 129 3.82 -1.70 -14.82
C GLY A 129 3.25 -1.37 -16.20
N SER A 130 3.35 -0.11 -16.61
CA SER A 130 3.17 0.33 -17.99
C SER A 130 4.25 -0.30 -18.90
N ILE A 29 -13.68 -9.04 -7.18
CA ILE A 29 -12.30 -9.13 -7.65
C ILE A 29 -11.92 -10.59 -7.93
N GLY A 30 -10.90 -10.82 -8.75
CA GLY A 30 -10.52 -12.18 -9.16
C GLY A 30 -9.88 -12.99 -8.02
N GLY A 31 -9.62 -12.39 -6.86
CA GLY A 31 -8.82 -12.93 -5.77
C GLY A 31 -7.65 -11.98 -5.57
N TYR A 32 -6.64 -12.38 -4.81
CA TYR A 32 -5.53 -11.51 -4.45
C TYR A 32 -4.25 -12.32 -4.34
N MET A 33 -3.18 -11.83 -4.98
CA MET A 33 -1.83 -12.38 -4.87
C MET A 33 -0.84 -11.22 -4.88
N LEU A 34 0.21 -11.30 -4.06
CA LEU A 34 1.05 -10.16 -3.76
C LEU A 34 2.19 -10.10 -4.76
N GLY A 35 2.00 -9.31 -5.82
CA GLY A 35 2.68 -9.36 -7.11
C GLY A 35 4.19 -9.48 -7.01
N ASN A 36 4.90 -8.36 -7.03
CA ASN A 36 6.34 -8.36 -6.78
C ASN A 36 6.81 -7.05 -6.18
N ALA A 37 8.00 -7.09 -5.59
CA ALA A 37 8.52 -5.99 -4.80
C ALA A 37 8.78 -4.76 -5.67
N VAL A 38 8.66 -3.59 -5.04
CA VAL A 38 8.80 -2.30 -5.67
C VAL A 38 10.30 -2.03 -5.79
N GLY A 39 10.97 -1.89 -4.65
CA GLY A 39 12.33 -1.37 -4.59
C GLY A 39 12.29 0.10 -4.27
N ARG A 40 12.83 0.47 -3.10
CA ARG A 40 13.27 1.81 -2.69
C ARG A 40 12.47 2.92 -3.37
N MET A 41 11.17 2.91 -3.11
CA MET A 41 10.17 3.71 -3.80
C MET A 41 10.60 5.16 -4.00
N SER A 42 11.20 5.77 -2.96
CA SER A 42 11.73 7.13 -2.93
C SER A 42 10.76 8.16 -3.50
N TYR A 43 9.46 7.91 -3.36
CA TYR A 43 8.42 8.90 -3.57
C TYR A 43 8.68 10.06 -2.64
N GLN A 44 8.46 11.24 -3.19
CA GLN A 44 8.18 12.48 -2.48
C GLN A 44 7.09 12.22 -1.44
N PHE A 45 7.45 12.15 -0.16
CA PHE A 45 6.43 12.18 0.89
C PHE A 45 5.98 13.61 1.10
N ASN A 46 4.79 13.77 1.68
CA ASN A 46 4.22 15.09 1.91
C ASN A 46 4.84 15.74 3.14
N ASN A 47 5.38 14.93 4.05
CA ASN A 47 6.01 15.40 5.27
C ASN A 47 7.19 14.47 5.51
N PRO A 48 8.34 14.96 5.98
CA PRO A 48 9.55 14.14 6.07
C PRO A 48 9.45 13.09 7.18
N MET A 49 8.55 13.30 8.16
CA MET A 49 8.20 12.30 9.15
C MET A 49 7.75 11.00 8.51
N GLU A 50 6.99 11.09 7.41
CA GLU A 50 6.49 9.92 6.71
C GLU A 50 7.66 9.13 6.17
N SER A 51 8.59 9.86 5.53
CA SER A 51 9.81 9.30 4.99
C SER A 51 10.62 8.63 6.08
N ARG A 52 10.93 9.33 7.18
CA ARG A 52 11.77 8.78 8.24
C ARG A 52 11.08 7.54 8.83
N TYR A 53 9.77 7.61 9.04
CA TYR A 53 9.02 6.49 9.55
C TYR A 53 9.19 5.30 8.61
N TYR A 54 8.95 5.48 7.29
CA TYR A 54 9.12 4.42 6.30
C TYR A 54 10.54 3.88 6.27
N ASN A 55 11.53 4.74 6.44
CA ASN A 55 12.94 4.36 6.28
C ASN A 55 13.38 3.52 7.47
N ASP A 56 12.99 3.88 8.70
CA ASP A 56 13.29 3.05 9.87
C ASP A 56 12.51 1.75 9.83
N TYR A 57 11.24 1.83 9.41
CA TYR A 57 10.37 0.68 9.31
C TYR A 57 10.64 -0.13 8.04
N TYR A 58 11.63 0.22 7.22
CA TYR A 58 11.80 -0.36 5.88
C TYR A 58 11.87 -1.89 5.93
N ASN A 59 12.60 -2.45 6.91
CA ASN A 59 12.73 -3.90 7.10
C ASN A 59 11.42 -4.59 7.52
N GLN A 60 10.39 -3.82 7.85
CA GLN A 60 9.11 -4.23 8.38
C GLN A 60 7.95 -3.76 7.47
N MET A 61 8.26 -3.07 6.38
CA MET A 61 7.30 -2.45 5.49
C MET A 61 6.81 -3.44 4.42
N PRO A 62 5.75 -3.10 3.66
CA PRO A 62 5.36 -3.84 2.47
C PRO A 62 6.39 -3.56 1.38
N ASN A 63 7.26 -4.54 1.15
CA ASN A 63 8.31 -4.39 0.17
C ASN A 63 7.73 -4.46 -1.25
N ARG A 64 6.68 -5.26 -1.46
CA ARG A 64 5.82 -5.24 -2.65
C ARG A 64 4.47 -4.56 -2.42
N VAL A 65 3.57 -4.60 -3.42
CA VAL A 65 2.21 -4.07 -3.30
C VAL A 65 1.19 -5.10 -3.82
N TYR A 66 -0.09 -4.99 -3.44
CA TYR A 66 -1.16 -5.77 -4.08
C TYR A 66 -1.54 -5.09 -5.39
N ARG A 67 -1.70 -5.91 -6.44
CA ARG A 67 -2.25 -5.53 -7.72
C ARG A 67 -3.46 -6.44 -7.96
N PRO A 68 -4.67 -6.04 -7.52
CA PRO A 68 -5.91 -6.78 -7.79
C PRO A 68 -6.06 -7.10 -9.28
N MET A 69 -6.43 -8.34 -9.62
CA MET A 69 -6.91 -8.65 -10.96
C MET A 69 -8.43 -8.63 -11.00
N TYR A 70 -9.00 -8.32 -12.16
CA TYR A 70 -10.42 -8.10 -12.31
C TYR A 70 -11.06 -9.14 -13.22
N ARG A 71 -12.39 -9.14 -13.26
CA ARG A 71 -13.23 -9.98 -14.10
C ARG A 71 -13.74 -9.23 -15.33
N GLY A 72 -13.26 -8.01 -15.51
CA GLY A 72 -13.78 -7.02 -16.42
C GLY A 72 -13.22 -5.70 -15.94
N GLU A 73 -12.40 -5.07 -16.75
CA GLU A 73 -11.89 -3.72 -16.51
C GLU A 73 -13.05 -2.74 -16.40
N GLU A 74 -14.05 -2.88 -17.29
CA GLU A 74 -15.20 -1.98 -17.46
C GLU A 74 -14.78 -0.51 -17.30
N TYR A 75 -13.81 -0.12 -18.12
CA TYR A 75 -13.20 1.20 -18.20
C TYR A 75 -12.75 1.72 -16.82
N VAL A 76 -11.75 1.05 -16.23
CA VAL A 76 -10.96 1.53 -15.11
C VAL A 76 -9.67 2.17 -15.67
N SER A 77 -9.11 3.09 -14.89
CA SER A 77 -7.91 3.88 -15.12
C SER A 77 -7.01 3.75 -13.89
N GLU A 78 -5.77 4.27 -13.94
CA GLU A 78 -4.79 4.11 -12.85
C GLU A 78 -5.36 4.62 -11.53
N ASP A 79 -5.99 5.80 -11.55
CA ASP A 79 -6.40 6.45 -10.31
C ASP A 79 -7.75 5.89 -9.80
N ARG A 80 -8.40 4.98 -10.54
CA ARG A 80 -9.44 4.07 -10.06
C ARG A 80 -8.83 2.76 -9.54
N PHE A 81 -7.94 2.15 -10.32
CA PHE A 81 -7.20 0.95 -9.94
C PHE A 81 -6.63 1.09 -8.54
N VAL A 82 -5.99 2.24 -8.29
CA VAL A 82 -5.27 2.47 -7.06
C VAL A 82 -6.21 2.63 -5.89
N ARG A 83 -7.28 3.38 -6.06
CA ARG A 83 -8.30 3.45 -4.99
C ARG A 83 -8.80 2.05 -4.63
N ASP A 84 -9.08 1.17 -5.60
CA ASP A 84 -9.58 -0.18 -5.33
C ASP A 84 -8.53 -0.97 -4.53
N CYS A 85 -7.30 -1.02 -5.03
CA CYS A 85 -6.20 -1.72 -4.39
C CYS A 85 -5.97 -1.19 -2.98
N TYR A 86 -5.94 0.13 -2.82
CA TYR A 86 -5.75 0.85 -1.58
C TYR A 86 -6.83 0.43 -0.62
N ASN A 87 -8.08 0.40 -1.06
CA ASN A 87 -9.24 0.09 -0.24
C ASN A 87 -9.05 -1.25 0.48
N MET A 88 -8.60 -2.27 -0.26
CA MET A 88 -8.27 -3.58 0.27
C MET A 88 -6.99 -3.56 1.10
N SER A 89 -5.88 -3.06 0.53
CA SER A 89 -4.58 -3.03 1.17
C SER A 89 -4.62 -2.30 2.52
N VAL A 90 -5.47 -1.27 2.65
CA VAL A 90 -5.80 -0.65 3.91
C VAL A 90 -6.28 -1.74 4.87
N THR A 91 -7.36 -2.44 4.58
CA THR A 91 -7.89 -3.45 5.48
C THR A 91 -6.84 -4.51 5.83
N GLU A 92 -6.06 -4.98 4.84
CA GLU A 92 -4.98 -5.94 5.01
C GLU A 92 -3.96 -5.51 6.05
N TYR A 93 -3.82 -4.22 6.31
CA TYR A 93 -2.85 -3.69 7.24
C TYR A 93 -3.45 -2.62 8.16
N ILE A 94 -4.75 -2.68 8.44
CA ILE A 94 -5.44 -1.82 9.41
C ILE A 94 -6.40 -2.68 10.23
N ILE A 95 -7.17 -3.56 9.60
CA ILE A 95 -8.10 -4.43 10.31
C ILE A 95 -7.35 -5.64 10.81
N LYS A 96 -6.50 -6.25 9.97
CA LYS A 96 -5.72 -7.42 10.35
C LYS A 96 -4.83 -7.13 11.55
N PRO A 97 -4.06 -6.02 11.57
CA PRO A 97 -3.30 -5.66 12.75
C PRO A 97 -4.17 -5.22 13.91
N ALA A 98 -5.47 -4.89 13.74
CA ALA A 98 -6.36 -4.44 14.82
C ALA A 98 -6.39 -5.41 15.99
N GLU A 99 -6.16 -6.70 15.69
CA GLU A 99 -5.98 -7.80 16.63
C GLU A 99 -5.11 -7.36 17.81
N GLY A 100 -4.04 -6.61 17.54
CA GLY A 100 -3.15 -6.00 18.53
C GLY A 100 -2.95 -4.50 18.37
N LYS A 101 -2.49 -4.04 17.19
CA LYS A 101 -1.82 -2.76 16.93
C LYS A 101 -0.88 -2.38 18.05
N ASN A 102 0.09 -3.27 18.27
CA ASN A 102 1.25 -3.12 19.14
C ASN A 102 2.14 -2.00 18.61
N ASN A 103 1.69 -0.78 18.82
CA ASN A 103 2.22 0.51 18.43
C ASN A 103 1.62 1.49 19.42
N SER A 104 0.27 1.47 19.54
CA SER A 104 -0.54 2.28 20.46
C SER A 104 -0.22 3.77 20.30
N GLU A 105 -1.02 4.47 19.49
CA GLU A 105 -0.88 5.90 19.17
C GLU A 105 0.26 6.12 18.18
N LEU A 106 1.35 5.36 18.28
CA LEU A 106 2.43 5.30 17.29
C LEU A 106 1.93 4.73 15.96
N ASN A 107 0.75 4.11 16.01
CA ASN A 107 0.14 3.46 14.88
C ASN A 107 -0.39 4.48 13.88
N GLN A 108 -0.48 5.75 14.25
CA GLN A 108 -0.99 6.80 13.39
C GLN A 108 -0.07 7.01 12.20
N LEU A 109 1.25 7.10 12.40
CA LEU A 109 2.18 7.24 11.28
C LEU A 109 2.29 5.88 10.60
N ASP A 110 2.21 4.75 11.31
CA ASP A 110 2.14 3.44 10.64
C ASP A 110 1.01 3.46 9.61
N THR A 111 -0.17 3.85 10.06
CA THR A 111 -1.39 3.87 9.27
C THR A 111 -1.27 4.84 8.10
N THR A 112 -1.06 6.14 8.34
CA THR A 112 -1.06 7.15 7.28
C THR A 112 0.07 6.90 6.31
N VAL A 113 1.28 6.58 6.78
CA VAL A 113 2.40 6.39 5.88
C VAL A 113 2.12 5.15 5.05
N LYS A 114 1.58 4.06 5.61
CA LYS A 114 1.22 2.91 4.79
C LYS A 114 0.19 3.30 3.74
N SER A 115 -0.81 4.12 4.09
CA SER A 115 -1.80 4.58 3.15
C SER A 115 -1.12 5.35 2.01
N GLN A 116 -0.29 6.35 2.32
CA GLN A 116 0.47 7.13 1.35
C GLN A 116 1.29 6.19 0.46
N ILE A 117 2.17 5.36 1.05
CA ILE A 117 3.04 4.50 0.26
C ILE A 117 2.24 3.57 -0.65
N ILE A 118 1.17 2.93 -0.17
CA ILE A 118 0.39 1.98 -0.96
C ILE A 118 -0.28 2.70 -2.12
N ARG A 119 -0.83 3.90 -1.88
CA ARG A 119 -1.41 4.72 -2.93
C ARG A 119 -0.34 4.96 -3.98
N GLU A 120 0.79 5.54 -3.59
CA GLU A 120 1.85 5.88 -4.53
C GLU A 120 2.40 4.66 -5.27
N MET A 121 2.63 3.54 -4.57
CA MET A 121 3.13 2.27 -5.09
C MET A 121 2.24 1.70 -6.17
N CYS A 122 0.96 2.13 -6.21
CA CYS A 122 -0.01 1.57 -7.13
C CYS A 122 -0.40 2.48 -8.27
N ILE A 123 -0.31 3.80 -8.10
CA ILE A 123 -0.17 4.69 -9.25
C ILE A 123 1.09 4.23 -10.02
N THR A 124 2.16 3.90 -9.28
CA THR A 124 3.37 3.28 -9.80
C THR A 124 3.08 1.93 -10.47
N GLU A 125 2.19 1.07 -9.97
CA GLU A 125 1.99 -0.29 -10.53
C GLU A 125 1.62 -0.18 -12.00
N TYR A 126 0.79 0.80 -12.33
CA TYR A 126 0.50 1.14 -13.72
C TYR A 126 1.74 1.76 -14.38
N ARG A 127 2.22 2.91 -13.89
CA ARG A 127 3.29 3.72 -14.50
C ARG A 127 4.62 2.98 -14.74
N ARG A 128 4.83 1.80 -14.18
CA ARG A 128 6.03 0.97 -14.30
C ARG A 128 5.69 -0.36 -14.96
N GLY A 129 4.53 -0.95 -14.64
CA GLY A 129 4.12 -2.22 -15.22
C GLY A 129 3.68 -2.04 -16.67
N SER A 130 3.24 -0.84 -17.02
CA SER A 130 2.81 -0.43 -18.34
C SER A 130 3.15 1.06 -18.46
N ILE A 29 -14.61 -8.68 -7.29
CA ILE A 29 -13.26 -8.68 -7.87
C ILE A 29 -12.80 -10.13 -8.10
N GLY A 30 -11.90 -10.33 -9.06
CA GLY A 30 -11.65 -11.65 -9.62
C GLY A 30 -10.78 -12.52 -8.73
N GLY A 31 -10.06 -11.92 -7.80
CA GLY A 31 -9.14 -12.59 -6.91
C GLY A 31 -7.88 -11.77 -6.86
N TYR A 32 -7.65 -11.10 -5.74
CA TYR A 32 -6.35 -10.51 -5.50
C TYR A 32 -5.35 -11.68 -5.48
N MET A 33 -4.23 -11.57 -6.18
CA MET A 33 -3.14 -12.53 -6.13
C MET A 33 -1.80 -11.82 -5.86
N LEU A 34 -1.87 -10.51 -5.64
CA LEU A 34 -0.80 -9.52 -5.70
C LEU A 34 -0.26 -9.40 -7.13
N GLY A 35 0.39 -8.28 -7.42
CA GLY A 35 1.03 -8.05 -8.69
C GLY A 35 2.43 -7.50 -8.45
N ASN A 36 3.39 -8.40 -8.25
CA ASN A 36 4.80 -8.24 -7.96
C ASN A 36 5.07 -7.46 -6.67
N ALA A 37 6.32 -7.57 -6.20
CA ALA A 37 6.84 -6.74 -5.14
C ALA A 37 7.57 -5.54 -5.73
N VAL A 38 7.62 -4.45 -4.97
CA VAL A 38 8.00 -3.15 -5.50
C VAL A 38 9.51 -2.98 -5.40
N GLY A 39 10.10 -3.30 -4.24
CA GLY A 39 11.54 -3.18 -4.06
C GLY A 39 11.88 -1.76 -3.65
N ARG A 40 11.91 -1.52 -2.33
CA ARG A 40 12.47 -0.36 -1.67
C ARG A 40 12.19 0.98 -2.37
N MET A 41 10.91 1.21 -2.68
CA MET A 41 10.43 2.40 -3.37
C MET A 41 11.10 3.67 -2.82
N SER A 42 11.06 3.84 -1.50
CA SER A 42 11.74 4.88 -0.73
C SER A 42 11.45 6.30 -1.27
N TYR A 43 10.20 6.54 -1.68
CA TYR A 43 9.72 7.84 -2.15
C TYR A 43 9.93 8.97 -1.13
N GLN A 44 9.83 10.19 -1.64
CA GLN A 44 9.95 11.47 -0.95
C GLN A 44 8.72 11.72 -0.05
N PHE A 45 8.86 11.49 1.24
CA PHE A 45 7.86 11.78 2.27
C PHE A 45 7.83 13.26 2.62
N ASN A 46 6.82 13.71 3.38
CA ASN A 46 6.75 15.10 3.79
C ASN A 46 7.70 15.35 4.95
N ASN A 47 7.98 14.37 5.83
CA ASN A 47 8.91 14.56 6.91
C ASN A 47 9.75 13.32 7.14
N PRO A 48 11.03 13.48 7.53
CA PRO A 48 11.98 12.37 7.59
C PRO A 48 11.59 11.30 8.64
N MET A 49 10.73 11.65 9.60
CA MET A 49 10.09 10.69 10.49
C MET A 49 9.44 9.54 9.73
N GLU A 50 8.69 9.84 8.66
CA GLU A 50 8.00 8.84 7.84
C GLU A 50 9.05 8.02 7.09
N SER A 51 10.07 8.69 6.57
CA SER A 51 11.13 8.05 5.80
C SER A 51 11.83 7.01 6.67
N ARG A 52 12.21 7.39 7.89
CA ARG A 52 12.78 6.49 8.86
C ARG A 52 11.76 5.45 9.28
N TYR A 53 10.48 5.79 9.42
CA TYR A 53 9.44 4.84 9.77
C TYR A 53 9.35 3.74 8.71
N TYR A 54 9.42 4.11 7.44
CA TYR A 54 9.40 3.18 6.31
C TYR A 54 10.58 2.22 6.37
N ASN A 55 11.71 2.64 6.93
CA ASN A 55 12.91 1.84 7.08
C ASN A 55 12.82 0.98 8.33
N ASP A 56 12.53 1.59 9.47
CA ASP A 56 12.44 0.96 10.79
C ASP A 56 11.32 -0.07 10.88
N TYR A 57 10.28 0.01 10.04
CA TYR A 57 9.25 -1.00 9.93
C TYR A 57 9.36 -1.72 8.58
N TYR A 58 10.41 -1.50 7.76
CA TYR A 58 10.55 -2.12 6.44
C TYR A 58 10.34 -3.62 6.54
N ASN A 59 10.81 -4.24 7.63
CA ASN A 59 10.72 -5.67 7.82
C ASN A 59 9.31 -6.17 8.12
N GLN A 60 8.30 -5.30 8.32
CA GLN A 60 6.91 -5.70 8.42
C GLN A 60 6.05 -5.06 7.33
N MET A 61 6.51 -3.94 6.76
CA MET A 61 5.84 -3.15 5.75
C MET A 61 5.56 -3.97 4.48
N PRO A 62 4.62 -3.50 3.65
CA PRO A 62 4.44 -4.02 2.30
C PRO A 62 5.71 -3.87 1.48
N ASN A 63 6.43 -4.98 1.31
CA ASN A 63 7.39 -5.15 0.24
C ASN A 63 6.67 -5.11 -1.10
N ARG A 64 5.44 -5.65 -1.14
CA ARG A 64 4.67 -5.85 -2.36
C ARG A 64 3.35 -5.12 -2.37
N VAL A 65 2.59 -5.19 -3.47
CA VAL A 65 1.34 -4.48 -3.60
C VAL A 65 0.28 -5.39 -4.22
N TYR A 66 -0.97 -5.25 -3.76
CA TYR A 66 -2.02 -6.19 -4.09
C TYR A 66 -2.87 -5.64 -5.25
N ARG A 67 -2.45 -5.87 -6.50
CA ARG A 67 -3.22 -5.52 -7.70
C ARG A 67 -4.66 -6.04 -7.58
N PRO A 68 -5.71 -5.18 -7.65
CA PRO A 68 -7.10 -5.61 -7.70
C PRO A 68 -7.37 -6.20 -9.09
N MET A 69 -7.09 -7.49 -9.25
CA MET A 69 -7.38 -8.18 -10.49
C MET A 69 -8.88 -8.36 -10.62
N TYR A 70 -9.46 -7.55 -11.50
CA TYR A 70 -10.84 -7.60 -11.93
C TYR A 70 -11.00 -8.78 -12.89
N ARG A 71 -12.20 -9.37 -12.95
CA ARG A 71 -12.53 -10.30 -14.06
C ARG A 71 -12.83 -9.57 -15.35
N GLY A 72 -13.01 -8.27 -15.27
CA GLY A 72 -13.37 -7.43 -16.39
C GLY A 72 -13.33 -5.98 -15.95
N GLU A 73 -14.43 -5.52 -15.38
CA GLU A 73 -14.75 -4.14 -14.97
C GLU A 73 -13.90 -3.13 -15.74
N GLU A 74 -14.21 -2.99 -17.04
CA GLU A 74 -13.41 -2.13 -17.92
C GLU A 74 -13.58 -0.64 -17.56
N TYR A 75 -14.52 -0.32 -16.66
CA TYR A 75 -14.89 1.02 -16.24
C TYR A 75 -14.07 1.42 -15.02
N VAL A 76 -12.75 1.39 -15.17
CA VAL A 76 -11.77 1.75 -14.16
C VAL A 76 -10.97 2.93 -14.69
N SER A 77 -10.11 3.48 -13.83
CA SER A 77 -9.22 4.59 -14.05
C SER A 77 -8.04 4.38 -13.10
N GLU A 78 -7.02 5.24 -13.19
CA GLU A 78 -5.97 5.27 -12.18
C GLU A 78 -6.61 5.59 -10.82
N ASP A 79 -7.70 6.35 -10.75
CA ASP A 79 -8.37 6.65 -9.48
C ASP A 79 -9.13 5.45 -8.94
N ARG A 80 -9.77 4.63 -9.78
CA ARG A 80 -10.45 3.42 -9.31
C ARG A 80 -9.46 2.33 -8.94
N PHE A 81 -8.45 2.09 -9.78
CA PHE A 81 -7.40 1.16 -9.43
C PHE A 81 -6.70 1.62 -8.15
N VAL A 82 -6.31 2.90 -8.05
CA VAL A 82 -5.66 3.38 -6.85
C VAL A 82 -6.59 3.18 -5.66
N ARG A 83 -7.87 3.61 -5.68
CA ARG A 83 -8.69 3.48 -4.48
C ARG A 83 -8.84 2.02 -4.09
N ASP A 84 -9.08 1.10 -5.03
CA ASP A 84 -9.32 -0.31 -4.73
C ASP A 84 -8.03 -0.94 -4.21
N CYS A 85 -6.91 -0.71 -4.89
CA CYS A 85 -5.61 -1.26 -4.53
C CYS A 85 -5.17 -0.71 -3.17
N TYR A 86 -5.40 0.59 -2.95
CA TYR A 86 -5.17 1.29 -1.70
C TYR A 86 -5.98 0.60 -0.62
N ASN A 87 -7.31 0.70 -0.67
CA ASN A 87 -8.29 0.26 0.33
C ASN A 87 -8.01 -1.17 0.77
N MET A 88 -7.78 -2.04 -0.21
CA MET A 88 -7.48 -3.44 0.02
C MET A 88 -6.16 -3.56 0.77
N SER A 89 -5.06 -3.03 0.22
CA SER A 89 -3.75 -3.22 0.82
C SER A 89 -3.67 -2.57 2.19
N VAL A 90 -4.29 -1.41 2.42
CA VAL A 90 -4.29 -0.81 3.75
C VAL A 90 -4.91 -1.80 4.74
N THR A 91 -6.07 -2.37 4.43
CA THR A 91 -6.70 -3.33 5.30
C THR A 91 -5.77 -4.53 5.59
N GLU A 92 -4.98 -4.99 4.60
CA GLU A 92 -4.00 -6.08 4.78
C GLU A 92 -2.96 -5.77 5.86
N TYR A 93 -2.78 -4.49 6.21
CA TYR A 93 -1.78 -4.07 7.17
C TYR A 93 -2.34 -3.06 8.18
N ILE A 94 -3.65 -3.06 8.37
CA ILE A 94 -4.32 -2.30 9.42
C ILE A 94 -5.31 -3.23 10.13
N ILE A 95 -6.23 -3.84 9.38
CA ILE A 95 -7.33 -4.60 9.97
C ILE A 95 -6.83 -5.99 10.38
N LYS A 96 -5.87 -6.57 9.65
CA LYS A 96 -5.20 -7.80 10.03
C LYS A 96 -4.40 -7.60 11.31
N PRO A 97 -3.47 -6.63 11.38
CA PRO A 97 -2.73 -6.38 12.61
C PRO A 97 -3.63 -5.89 13.75
N ALA A 98 -4.91 -5.53 13.51
CA ALA A 98 -5.84 -5.13 14.57
C ALA A 98 -6.17 -6.28 15.52
N GLU A 99 -5.89 -7.51 15.10
CA GLU A 99 -6.08 -8.73 15.87
C GLU A 99 -5.55 -8.57 17.30
N GLY A 100 -4.32 -8.09 17.42
CA GLY A 100 -3.70 -7.87 18.72
C GLY A 100 -2.57 -6.86 18.75
N LYS A 101 -2.27 -6.14 17.66
CA LYS A 101 -1.18 -5.16 17.61
C LYS A 101 -1.77 -3.75 17.63
N ASN A 102 -2.22 -3.33 18.80
CA ASN A 102 -2.70 -1.98 19.08
C ASN A 102 -1.45 -1.11 19.14
N ASN A 103 -1.14 -0.33 18.11
CA ASN A 103 -0.10 0.66 18.14
C ASN A 103 -0.46 1.79 19.12
N SER A 104 -1.75 2.03 19.36
CA SER A 104 -2.26 2.99 20.35
C SER A 104 -1.74 4.40 20.10
N GLU A 105 -2.36 5.08 19.12
CA GLU A 105 -2.03 6.41 18.62
C GLU A 105 -0.76 6.39 17.77
N LEU A 106 0.17 5.47 18.05
CA LEU A 106 1.28 5.11 17.18
C LEU A 106 0.78 4.48 15.87
N ASN A 107 -0.54 4.40 15.64
CA ASN A 107 -1.10 4.07 14.36
C ASN A 107 -1.15 5.25 13.40
N GLN A 108 -1.07 6.49 13.88
CA GLN A 108 -1.20 7.71 13.09
C GLN A 108 -0.04 7.89 12.09
N LEU A 109 1.20 7.92 12.56
CA LEU A 109 2.40 8.12 11.74
C LEU A 109 2.58 6.92 10.82
N ASP A 110 2.27 5.70 11.27
CA ASP A 110 2.27 4.51 10.44
C ASP A 110 1.18 4.57 9.37
N THR A 111 -0.05 4.97 9.70
CA THR A 111 -1.14 5.09 8.72
C THR A 111 -0.76 6.13 7.66
N THR A 112 -0.19 7.26 8.09
CA THR A 112 0.31 8.33 7.26
C THR A 112 1.31 7.73 6.25
N VAL A 113 2.48 7.28 6.73
CA VAL A 113 3.57 6.76 5.90
C VAL A 113 3.05 5.66 4.99
N LYS A 114 2.26 4.74 5.55
CA LYS A 114 1.75 3.58 4.83
C LYS A 114 0.70 3.98 3.80
N SER A 115 -0.07 5.05 4.01
CA SER A 115 -0.96 5.55 2.99
C SER A 115 -0.17 6.12 1.83
N GLN A 116 0.83 6.97 2.13
CA GLN A 116 1.66 7.65 1.14
C GLN A 116 2.22 6.58 0.20
N ILE A 117 2.90 5.60 0.80
CA ILE A 117 3.55 4.55 0.05
C ILE A 117 2.54 3.70 -0.71
N ILE A 118 1.53 3.11 -0.07
CA ILE A 118 0.61 2.20 -0.76
C ILE A 118 -0.02 2.92 -1.97
N ARG A 119 -0.42 4.20 -1.85
CA ARG A 119 -1.02 4.97 -2.93
C ARG A 119 -0.06 5.02 -4.12
N GLU A 120 1.20 5.34 -3.88
CA GLU A 120 2.20 5.30 -4.95
C GLU A 120 2.41 3.89 -5.45
N MET A 121 2.47 2.88 -4.57
CA MET A 121 2.77 1.51 -4.96
C MET A 121 1.73 0.98 -5.93
N CYS A 122 0.50 1.50 -5.92
CA CYS A 122 -0.44 1.23 -7.01
C CYS A 122 0.14 1.85 -8.30
N ILE A 123 0.24 3.18 -8.31
CA ILE A 123 0.56 4.02 -9.48
C ILE A 123 1.82 3.50 -10.17
N THR A 124 2.88 3.25 -9.39
CA THR A 124 4.14 2.67 -9.82
C THR A 124 3.92 1.32 -10.51
N GLU A 125 3.14 0.40 -9.96
CA GLU A 125 2.98 -0.91 -10.59
C GLU A 125 2.25 -0.76 -11.92
N TYR A 126 1.20 0.08 -11.94
CA TYR A 126 0.46 0.46 -13.14
C TYR A 126 1.44 0.87 -14.23
N ARG A 127 2.26 1.87 -13.92
CA ARG A 127 3.27 2.49 -14.76
C ARG A 127 4.34 1.51 -15.21
N ARG A 128 4.81 0.63 -14.33
CA ARG A 128 5.81 -0.39 -14.66
C ARG A 128 5.23 -1.38 -15.65
N GLY A 129 3.99 -1.80 -15.42
CA GLY A 129 3.23 -2.67 -16.29
C GLY A 129 2.76 -1.96 -17.57
N SER A 130 2.86 -0.63 -17.60
CA SER A 130 2.47 0.18 -18.75
C SER A 130 3.60 0.08 -19.79
N ILE A 29 -13.99 -8.38 -6.42
CA ILE A 29 -12.69 -8.50 -7.06
C ILE A 29 -12.36 -9.98 -7.32
N GLY A 30 -11.35 -10.26 -8.12
CA GLY A 30 -11.18 -11.54 -8.79
C GLY A 30 -10.35 -12.56 -8.04
N GLY A 31 -9.81 -12.22 -6.87
CA GLY A 31 -8.72 -12.91 -6.20
C GLY A 31 -7.55 -11.95 -6.03
N TYR A 32 -6.61 -12.27 -5.12
CA TYR A 32 -5.38 -11.52 -4.92
C TYR A 32 -4.25 -12.54 -4.87
N MET A 33 -3.28 -12.48 -5.78
CA MET A 33 -2.20 -13.47 -5.88
C MET A 33 -0.83 -12.82 -5.85
N LEU A 34 -0.76 -11.49 -6.01
CA LEU A 34 0.44 -10.65 -6.02
C LEU A 34 1.18 -10.75 -7.35
N GLY A 35 1.62 -9.58 -7.81
CA GLY A 35 2.50 -9.43 -8.96
C GLY A 35 3.94 -9.70 -8.55
N ASN A 36 4.66 -8.65 -8.16
CA ASN A 36 6.02 -8.74 -7.62
C ASN A 36 6.19 -7.82 -6.42
N ALA A 37 7.26 -8.04 -5.66
CA ALA A 37 7.65 -7.19 -4.55
C ALA A 37 8.38 -5.95 -5.05
N VAL A 38 8.48 -4.89 -4.24
CA VAL A 38 8.91 -3.57 -4.70
C VAL A 38 10.42 -3.38 -4.49
N GLY A 39 10.88 -3.05 -3.28
CA GLY A 39 12.31 -3.08 -2.97
C GLY A 39 12.89 -1.83 -2.34
N ARG A 40 12.38 -1.37 -1.18
CA ARG A 40 12.57 0.01 -0.69
C ARG A 40 12.19 0.96 -1.82
N MET A 41 10.87 1.00 -2.04
CA MET A 41 10.07 1.86 -2.92
C MET A 41 10.62 3.27 -3.06
N SER A 42 11.11 3.85 -1.95
CA SER A 42 11.82 5.13 -1.88
C SER A 42 11.10 6.25 -2.64
N TYR A 43 9.77 6.28 -2.56
CA TYR A 43 8.98 7.41 -3.03
C TYR A 43 9.37 8.71 -2.37
N GLN A 44 8.74 9.80 -2.81
CA GLN A 44 9.13 11.14 -2.41
C GLN A 44 8.45 11.58 -1.10
N PHE A 45 7.46 10.82 -0.58
CA PHE A 45 6.73 11.05 0.68
C PHE A 45 6.07 12.44 0.75
N ASN A 46 5.50 12.85 1.89
CA ASN A 46 5.00 14.21 2.10
C ASN A 46 5.67 14.91 3.28
N ASN A 47 6.23 14.19 4.28
CA ASN A 47 7.14 14.78 5.25
C ASN A 47 8.15 13.69 5.58
N PRO A 48 9.35 14.04 6.09
CA PRO A 48 10.33 13.03 6.44
C PRO A 48 9.97 12.20 7.66
N MET A 49 9.00 12.63 8.49
CA MET A 49 8.50 11.82 9.59
C MET A 49 8.09 10.45 9.06
N GLU A 50 7.24 10.43 8.03
CA GLU A 50 6.67 9.24 7.47
C GLU A 50 7.75 8.45 6.78
N SER A 51 8.62 9.15 6.05
CA SER A 51 9.78 8.52 5.40
C SER A 51 10.55 7.70 6.44
N ARG A 52 11.01 8.34 7.52
CA ARG A 52 11.80 7.67 8.51
C ARG A 52 10.97 6.60 9.22
N TYR A 53 9.69 6.87 9.47
CA TYR A 53 8.79 5.92 10.06
C TYR A 53 8.76 4.67 9.21
N TYR A 54 8.58 4.77 7.89
CA TYR A 54 8.60 3.64 6.96
C TYR A 54 9.89 2.85 7.16
N ASN A 55 11.01 3.56 7.18
CA ASN A 55 12.33 2.92 7.21
C ASN A 55 12.52 2.18 8.54
N ASP A 56 12.06 2.72 9.66
CA ASP A 56 12.17 2.08 10.98
C ASP A 56 11.09 1.02 11.20
N TYR A 57 9.95 1.12 10.52
CA TYR A 57 8.88 0.12 10.53
C TYR A 57 9.07 -0.89 9.40
N TYR A 58 10.17 -0.82 8.66
CA TYR A 58 10.36 -1.50 7.38
C TYR A 58 10.08 -3.00 7.48
N ASN A 59 10.42 -3.59 8.62
CA ASN A 59 10.10 -4.97 8.99
C ASN A 59 8.62 -5.35 8.78
N GLN A 60 7.68 -4.45 9.10
CA GLN A 60 6.24 -4.65 8.96
C GLN A 60 5.66 -3.96 7.70
N MET A 61 6.46 -3.17 6.99
CA MET A 61 6.01 -2.40 5.85
C MET A 61 5.76 -3.30 4.64
N PRO A 62 5.08 -2.80 3.60
CA PRO A 62 4.67 -3.60 2.48
C PRO A 62 5.86 -3.94 1.59
N ASN A 63 6.25 -5.21 1.62
CA ASN A 63 7.20 -5.79 0.71
C ASN A 63 6.67 -5.80 -0.72
N ARG A 64 5.41 -6.19 -0.91
CA ARG A 64 4.87 -6.41 -2.24
C ARG A 64 3.49 -5.85 -2.49
N VAL A 65 3.07 -5.89 -3.77
CA VAL A 65 1.84 -5.31 -4.26
C VAL A 65 0.94 -6.46 -4.73
N TYR A 66 -0.15 -6.64 -4.01
CA TYR A 66 -1.12 -7.73 -4.19
C TYR A 66 -2.06 -7.43 -5.36
N ARG A 67 -1.58 -7.45 -6.61
CA ARG A 67 -2.31 -6.97 -7.81
C ARG A 67 -3.80 -7.36 -7.81
N PRO A 68 -4.78 -6.45 -7.70
CA PRO A 68 -6.19 -6.80 -7.85
C PRO A 68 -6.45 -7.13 -9.33
N MET A 69 -6.87 -8.36 -9.61
CA MET A 69 -7.44 -8.73 -10.91
C MET A 69 -8.94 -8.47 -10.84
N TYR A 70 -9.49 -7.65 -11.72
CA TYR A 70 -10.94 -7.50 -11.85
C TYR A 70 -11.43 -8.53 -12.86
N ARG A 71 -12.67 -9.00 -12.70
CA ARG A 71 -13.33 -10.01 -13.55
C ARG A 71 -14.67 -9.49 -14.06
N GLY A 72 -14.94 -8.21 -13.83
CA GLY A 72 -16.15 -7.49 -14.18
C GLY A 72 -15.95 -6.00 -13.98
N GLU A 73 -14.75 -5.48 -14.28
CA GLU A 73 -14.51 -4.05 -14.31
C GLU A 73 -13.48 -3.72 -15.38
N GLU A 74 -13.97 -3.60 -16.60
CA GLU A 74 -13.27 -3.06 -17.75
C GLU A 74 -13.14 -1.53 -17.68
N TYR A 75 -13.66 -0.91 -16.61
CA TYR A 75 -13.93 0.51 -16.53
C TYR A 75 -13.45 1.06 -15.19
N VAL A 76 -12.19 1.48 -15.17
CA VAL A 76 -11.48 2.11 -14.08
C VAL A 76 -10.61 3.21 -14.74
N SER A 77 -10.12 4.16 -13.95
CA SER A 77 -9.12 5.13 -14.35
C SER A 77 -7.95 5.00 -13.37
N GLU A 78 -6.83 5.68 -13.64
CA GLU A 78 -5.62 5.61 -12.83
C GLU A 78 -5.95 5.83 -11.35
N ASP A 79 -6.64 6.93 -11.04
CA ASP A 79 -6.98 7.28 -9.67
C ASP A 79 -7.95 6.28 -9.01
N ARG A 80 -8.89 5.72 -9.78
CA ARG A 80 -9.75 4.65 -9.27
C ARG A 80 -8.95 3.40 -9.00
N PHE A 81 -7.99 3.05 -9.85
CA PHE A 81 -7.11 1.94 -9.56
C PHE A 81 -6.37 2.25 -8.25
N VAL A 82 -5.84 3.48 -8.04
CA VAL A 82 -5.21 3.82 -6.78
C VAL A 82 -6.20 3.60 -5.63
N ARG A 83 -7.40 4.18 -5.61
CA ARG A 83 -8.30 3.96 -4.45
C ARG A 83 -8.67 2.50 -4.24
N ASP A 84 -9.01 1.75 -5.30
CA ASP A 84 -9.42 0.35 -5.14
C ASP A 84 -8.24 -0.49 -4.68
N CYS A 85 -7.08 -0.36 -5.34
CA CYS A 85 -5.89 -1.11 -5.01
C CYS A 85 -5.44 -0.78 -3.59
N TYR A 86 -5.47 0.51 -3.23
CA TYR A 86 -5.20 1.03 -1.90
C TYR A 86 -6.08 0.32 -0.87
N ASN A 87 -7.40 0.32 -1.08
CA ASN A 87 -8.39 -0.14 -0.12
C ASN A 87 -8.16 -1.58 0.29
N MET A 88 -7.73 -2.43 -0.64
CA MET A 88 -7.38 -3.80 -0.34
C MET A 88 -6.09 -3.83 0.50
N SER A 89 -5.00 -3.25 -0.02
CA SER A 89 -3.69 -3.22 0.63
C SER A 89 -3.79 -2.75 2.08
N VAL A 90 -4.44 -1.62 2.34
CA VAL A 90 -4.52 -1.06 3.68
C VAL A 90 -5.09 -2.10 4.64
N THR A 91 -6.19 -2.76 4.31
CA THR A 91 -6.78 -3.76 5.19
C THR A 91 -5.78 -4.89 5.46
N GLU A 92 -5.01 -5.34 4.45
CA GLU A 92 -3.99 -6.38 4.58
C GLU A 92 -2.95 -6.05 5.65
N TYR A 93 -2.79 -4.76 5.98
CA TYR A 93 -1.76 -4.29 6.87
C TYR A 93 -2.31 -3.33 7.95
N ILE A 94 -3.62 -3.36 8.19
CA ILE A 94 -4.29 -2.65 9.28
C ILE A 94 -5.27 -3.60 9.96
N ILE A 95 -6.18 -4.20 9.20
CA ILE A 95 -7.24 -5.03 9.76
C ILE A 95 -6.64 -6.35 10.22
N LYS A 96 -5.67 -6.90 9.50
CA LYS A 96 -4.95 -8.10 9.90
C LYS A 96 -4.15 -7.86 11.16
N PRO A 97 -3.21 -6.89 11.20
CA PRO A 97 -2.43 -6.65 12.41
C PRO A 97 -3.31 -6.24 13.59
N ALA A 98 -4.61 -5.95 13.41
CA ALA A 98 -5.55 -5.74 14.52
C ALA A 98 -5.72 -6.96 15.43
N GLU A 99 -5.20 -8.14 15.07
CA GLU A 99 -5.25 -9.31 15.95
C GLU A 99 -4.55 -9.02 17.28
N GLY A 100 -3.59 -8.10 17.30
CA GLY A 100 -2.88 -7.72 18.53
C GLY A 100 -1.83 -6.61 18.41
N LYS A 101 -1.67 -5.97 17.25
CA LYS A 101 -0.76 -4.83 17.11
C LYS A 101 -1.47 -3.57 17.56
N ASN A 102 -1.45 -3.40 18.87
CA ASN A 102 -1.52 -2.11 19.52
C ASN A 102 -0.47 -1.17 18.92
N ASN A 103 -0.70 0.13 19.09
CA ASN A 103 0.17 1.23 18.75
C ASN A 103 -0.16 2.33 19.75
N SER A 104 -1.46 2.67 19.91
CA SER A 104 -1.99 3.74 20.78
C SER A 104 -1.31 5.06 20.49
N GLU A 105 -1.88 5.79 19.54
CA GLU A 105 -1.50 7.09 18.98
C GLU A 105 -0.61 6.78 17.78
N LEU A 106 0.32 5.85 17.95
CA LEU A 106 1.32 5.51 16.94
C LEU A 106 0.72 5.01 15.64
N ASN A 107 -0.53 4.56 15.67
CA ASN A 107 -1.21 4.08 14.47
C ASN A 107 -1.46 5.23 13.53
N GLN A 108 -1.56 6.46 14.05
CA GLN A 108 -1.88 7.63 13.28
C GLN A 108 -0.85 7.86 12.19
N LEU A 109 0.43 7.84 12.60
CA LEU A 109 1.57 8.09 11.75
C LEU A 109 1.64 6.94 10.77
N ASP A 110 1.63 5.69 11.27
CA ASP A 110 1.66 4.50 10.43
C ASP A 110 0.58 4.53 9.36
N THR A 111 -0.65 4.83 9.71
CA THR A 111 -1.75 4.91 8.76
C THR A 111 -1.48 6.03 7.73
N THR A 112 -1.02 7.19 8.18
CA THR A 112 -0.59 8.28 7.32
C THR A 112 0.51 7.81 6.34
N VAL A 113 1.63 7.26 6.82
CA VAL A 113 2.69 6.74 5.94
C VAL A 113 2.12 5.68 5.03
N LYS A 114 1.43 4.70 5.59
CA LYS A 114 0.94 3.58 4.81
C LYS A 114 -0.05 4.07 3.75
N SER A 115 -0.85 5.11 3.99
CA SER A 115 -1.71 5.66 2.98
C SER A 115 -0.87 6.13 1.80
N GLN A 116 0.09 7.03 2.06
CA GLN A 116 0.85 7.72 1.05
C GLN A 116 1.70 6.73 0.24
N ILE A 117 2.37 5.81 0.93
CA ILE A 117 3.21 4.80 0.29
C ILE A 117 2.40 3.74 -0.46
N ILE A 118 1.25 3.28 0.04
CA ILE A 118 0.43 2.30 -0.69
C ILE A 118 -0.08 2.96 -1.98
N ARG A 119 -0.60 4.19 -1.93
CA ARG A 119 -1.11 4.88 -3.13
C ARG A 119 -0.03 4.90 -4.22
N GLU A 120 1.22 5.17 -3.86
CA GLU A 120 2.32 5.12 -4.81
C GLU A 120 2.65 3.68 -5.23
N MET A 121 2.60 2.70 -4.33
CA MET A 121 2.86 1.29 -4.65
C MET A 121 1.96 0.88 -5.82
N CYS A 122 0.70 1.35 -5.74
CA CYS A 122 -0.30 1.19 -6.78
C CYS A 122 0.25 1.78 -8.07
N ILE A 123 0.56 3.09 -8.06
CA ILE A 123 0.99 3.84 -9.25
C ILE A 123 2.17 3.15 -9.93
N THR A 124 3.20 2.75 -9.17
CA THR A 124 4.31 1.97 -9.67
C THR A 124 3.78 0.76 -10.42
N GLU A 125 2.83 -0.01 -9.86
CA GLU A 125 2.29 -1.22 -10.46
C GLU A 125 1.61 -0.90 -11.79
N TYR A 126 0.79 0.16 -11.86
CA TYR A 126 0.14 0.56 -13.10
C TYR A 126 1.17 0.85 -14.20
N ARG A 127 2.25 1.54 -13.83
CA ARG A 127 3.34 1.95 -14.70
C ARG A 127 4.23 0.77 -15.09
N ARG A 128 4.55 -0.13 -14.18
CA ARG A 128 5.38 -1.31 -14.35
C ARG A 128 4.59 -2.33 -15.17
N GLY A 129 3.37 -2.63 -14.73
CA GLY A 129 2.40 -3.55 -15.34
C GLY A 129 1.75 -3.00 -16.60
N SER A 130 2.17 -1.82 -17.05
CA SER A 130 1.92 -1.28 -18.39
C SER A 130 2.47 -2.22 -19.49
N ILE A 29 -15.03 -8.85 -7.87
CA ILE A 29 -13.59 -8.95 -8.05
C ILE A 29 -13.20 -10.35 -8.60
N GLY A 30 -11.90 -10.58 -8.84
CA GLY A 30 -11.33 -11.76 -9.49
C GLY A 30 -10.23 -12.45 -8.67
N GLY A 31 -10.09 -12.16 -7.37
CA GLY A 31 -9.16 -12.84 -6.48
C GLY A 31 -7.87 -12.07 -6.33
N TYR A 32 -7.54 -11.67 -5.10
CA TYR A 32 -6.37 -10.89 -4.76
C TYR A 32 -5.15 -11.80 -4.79
N MET A 33 -4.10 -11.41 -5.51
CA MET A 33 -2.82 -12.11 -5.51
C MET A 33 -1.73 -11.09 -5.24
N LEU A 34 -0.51 -11.57 -4.94
CA LEU A 34 0.62 -10.71 -4.63
C LEU A 34 1.67 -10.92 -5.70
N GLY A 35 1.83 -9.90 -6.54
CA GLY A 35 2.73 -9.91 -7.67
C GLY A 35 4.15 -9.71 -7.18
N ASN A 36 4.64 -8.47 -7.25
CA ASN A 36 6.04 -8.15 -7.29
C ASN A 36 6.38 -6.98 -6.41
N ALA A 37 7.65 -6.97 -6.02
CA ALA A 37 8.17 -6.24 -4.89
C ALA A 37 8.85 -4.95 -5.31
N VAL A 38 8.87 -4.00 -4.39
CA VAL A 38 9.26 -2.61 -4.66
C VAL A 38 10.73 -2.43 -4.28
N GLY A 39 11.12 -2.96 -3.12
CA GLY A 39 12.50 -2.93 -2.67
C GLY A 39 12.89 -1.51 -2.33
N ARG A 40 12.43 -1.00 -1.18
CA ARG A 40 12.71 0.36 -0.73
C ARG A 40 12.48 1.37 -1.85
N MET A 41 11.23 1.45 -2.30
CA MET A 41 10.63 2.57 -3.04
C MET A 41 11.44 3.86 -2.87
N SER A 42 11.53 4.31 -1.62
CA SER A 42 12.28 5.43 -1.06
C SER A 42 12.35 6.64 -2.02
N TYR A 43 11.17 6.97 -2.54
CA TYR A 43 10.82 7.95 -3.57
C TYR A 43 11.03 9.43 -3.18
N GLN A 44 11.86 9.66 -2.17
CA GLN A 44 12.15 10.90 -1.50
C GLN A 44 10.89 11.47 -0.81
N PHE A 45 10.64 11.03 0.44
CA PHE A 45 9.43 11.34 1.19
C PHE A 45 9.23 12.84 1.42
N ASN A 46 8.00 13.20 1.79
CA ASN A 46 7.58 14.51 2.26
C ASN A 46 8.34 14.94 3.52
N ASN A 47 8.44 14.11 4.56
CA ASN A 47 9.14 14.46 5.80
C ASN A 47 10.11 13.33 6.11
N PRO A 48 11.22 13.61 6.81
CA PRO A 48 12.16 12.57 7.19
C PRO A 48 11.59 11.62 8.23
N MET A 49 10.61 12.03 9.06
CA MET A 49 9.96 11.13 9.99
C MET A 49 9.37 9.97 9.20
N GLU A 50 8.65 10.25 8.11
CA GLU A 50 7.94 9.23 7.37
C GLU A 50 8.97 8.25 6.78
N SER A 51 10.06 8.82 6.28
CA SER A 51 11.18 8.17 5.65
C SER A 51 11.90 7.24 6.63
N ARG A 52 12.22 7.74 7.82
CA ARG A 52 12.83 7.04 8.93
C ARG A 52 11.90 5.95 9.38
N TYR A 53 10.61 6.26 9.55
CA TYR A 53 9.67 5.32 10.08
C TYR A 53 9.65 4.10 9.17
N TYR A 54 9.52 4.30 7.85
CA TYR A 54 9.55 3.23 6.87
C TYR A 54 10.82 2.36 6.97
N ASN A 55 11.92 2.88 7.54
CA ASN A 55 13.18 2.18 7.73
C ASN A 55 13.21 1.44 9.07
N ASP A 56 12.79 2.08 10.17
CA ASP A 56 12.77 1.46 11.50
C ASP A 56 11.67 0.41 11.60
N TYR A 57 10.57 0.60 10.86
CA TYR A 57 9.45 -0.31 10.73
C TYR A 57 9.61 -1.22 9.51
N TYR A 58 10.72 -1.13 8.75
CA TYR A 58 10.91 -1.92 7.53
C TYR A 58 10.70 -3.42 7.79
N ASN A 59 11.04 -3.87 9.00
CA ASN A 59 10.85 -5.23 9.47
C ASN A 59 9.39 -5.71 9.40
N GLN A 60 8.44 -4.78 9.54
CA GLN A 60 7.01 -5.03 9.48
C GLN A 60 6.38 -4.29 8.29
N MET A 61 7.19 -3.73 7.38
CA MET A 61 6.66 -3.13 6.17
C MET A 61 6.42 -4.23 5.15
N PRO A 62 5.30 -4.18 4.40
CA PRO A 62 5.15 -4.99 3.21
C PRO A 62 6.28 -4.68 2.23
N ASN A 63 6.66 -5.67 1.43
CA ASN A 63 7.85 -5.63 0.60
C ASN A 63 7.42 -5.39 -0.85
N ARG A 64 6.18 -5.74 -1.12
CA ARG A 64 5.55 -5.75 -2.41
C ARG A 64 4.11 -5.25 -2.29
N VAL A 65 3.36 -5.24 -3.38
CA VAL A 65 2.13 -4.48 -3.47
C VAL A 65 1.07 -5.45 -3.99
N TYR A 66 -0.15 -5.43 -3.45
CA TYR A 66 -1.24 -6.19 -4.06
C TYR A 66 -1.65 -5.53 -5.37
N ARG A 67 -2.17 -6.31 -6.32
CA ARG A 67 -2.77 -5.83 -7.56
C ARG A 67 -4.05 -6.65 -7.74
N PRO A 68 -5.24 -6.07 -7.44
CA PRO A 68 -6.49 -6.73 -7.74
C PRO A 68 -6.60 -7.01 -9.24
N MET A 69 -7.50 -7.92 -9.60
CA MET A 69 -7.93 -8.19 -10.96
C MET A 69 -9.46 -8.26 -10.91
N TYR A 70 -10.14 -7.73 -11.92
CA TYR A 70 -11.60 -7.61 -11.94
C TYR A 70 -12.16 -8.42 -13.09
N ARG A 71 -13.34 -9.01 -12.93
CA ARG A 71 -13.97 -9.85 -13.98
C ARG A 71 -15.03 -9.07 -14.75
N GLY A 72 -15.13 -7.77 -14.46
CA GLY A 72 -15.95 -6.82 -15.18
C GLY A 72 -15.31 -5.45 -15.15
N GLU A 73 -14.91 -5.00 -13.96
CA GLU A 73 -14.48 -3.63 -13.69
C GLU A 73 -13.05 -3.31 -14.17
N GLU A 74 -12.54 -4.02 -15.16
CA GLU A 74 -11.30 -3.62 -15.84
C GLU A 74 -11.52 -2.37 -16.73
N TYR A 75 -12.64 -1.64 -16.56
CA TYR A 75 -13.06 -0.51 -17.38
C TYR A 75 -12.99 0.83 -16.63
N VAL A 76 -12.20 0.85 -15.57
CA VAL A 76 -12.03 1.95 -14.63
C VAL A 76 -10.98 2.97 -15.13
N SER A 77 -10.50 3.83 -14.25
CA SER A 77 -9.44 4.80 -14.48
C SER A 77 -8.31 4.57 -13.46
N GLU A 78 -7.19 5.28 -13.64
CA GLU A 78 -6.05 5.30 -12.72
C GLU A 78 -6.57 5.60 -11.32
N ASP A 79 -7.45 6.60 -11.24
CA ASP A 79 -7.85 7.23 -9.99
C ASP A 79 -8.58 6.20 -9.15
N ARG A 80 -9.62 5.59 -9.74
CA ARG A 80 -10.42 4.51 -9.24
C ARG A 80 -9.59 3.29 -8.86
N PHE A 81 -8.76 2.79 -9.79
CA PHE A 81 -7.95 1.61 -9.57
C PHE A 81 -7.08 1.81 -8.34
N VAL A 82 -6.49 3.00 -8.18
CA VAL A 82 -5.71 3.33 -7.00
C VAL A 82 -6.59 3.20 -5.76
N ARG A 83 -7.81 3.75 -5.74
CA ARG A 83 -8.63 3.78 -4.51
C ARG A 83 -8.95 2.38 -4.07
N ASP A 84 -9.43 1.59 -5.01
CA ASP A 84 -9.90 0.25 -4.70
C ASP A 84 -8.72 -0.62 -4.28
N CYS A 85 -7.61 -0.58 -5.03
CA CYS A 85 -6.41 -1.34 -4.69
C CYS A 85 -5.86 -0.90 -3.34
N TYR A 86 -5.88 0.41 -3.06
CA TYR A 86 -5.50 1.00 -1.79
C TYR A 86 -6.37 0.42 -0.69
N ASN A 87 -7.70 0.52 -0.81
CA ASN A 87 -8.66 0.17 0.22
C ASN A 87 -8.65 -1.32 0.54
N MET A 88 -8.26 -2.17 -0.42
CA MET A 88 -7.89 -3.55 -0.18
C MET A 88 -6.60 -3.59 0.64
N SER A 89 -5.50 -3.12 0.05
CA SER A 89 -4.14 -3.15 0.55
C SER A 89 -4.03 -2.78 2.02
N VAL A 90 -4.55 -1.61 2.38
CA VAL A 90 -4.55 -1.10 3.74
C VAL A 90 -5.13 -2.13 4.69
N THR A 91 -6.28 -2.75 4.40
CA THR A 91 -6.86 -3.74 5.30
C THR A 91 -5.86 -4.87 5.56
N GLU A 92 -5.13 -5.31 4.53
CA GLU A 92 -4.14 -6.37 4.64
C GLU A 92 -3.00 -6.05 5.63
N TYR A 93 -2.82 -4.77 5.97
CA TYR A 93 -1.80 -4.28 6.88
C TYR A 93 -2.36 -3.31 7.91
N ILE A 94 -3.68 -3.37 8.17
CA ILE A 94 -4.34 -2.65 9.25
C ILE A 94 -5.24 -3.63 9.98
N ILE A 95 -6.22 -4.21 9.31
CA ILE A 95 -7.20 -5.10 9.94
C ILE A 95 -6.48 -6.37 10.44
N LYS A 96 -5.46 -6.84 9.74
CA LYS A 96 -4.69 -8.02 10.09
C LYS A 96 -3.77 -7.75 11.28
N PRO A 97 -2.91 -6.71 11.24
CA PRO A 97 -2.14 -6.37 12.42
C PRO A 97 -3.07 -5.92 13.56
N ALA A 98 -4.29 -5.44 13.31
CA ALA A 98 -5.20 -5.02 14.37
C ALA A 98 -5.55 -6.16 15.31
N GLU A 99 -5.44 -7.40 14.85
CA GLU A 99 -5.67 -8.59 15.65
C GLU A 99 -4.73 -8.69 16.85
N GLY A 100 -3.61 -7.97 16.81
CA GLY A 100 -2.62 -8.04 17.87
C GLY A 100 -1.79 -6.79 18.12
N LYS A 101 -1.93 -5.70 17.35
CA LYS A 101 -0.93 -4.64 17.32
C LYS A 101 -1.45 -3.32 17.85
N ASN A 102 -1.54 -3.24 19.18
CA ASN A 102 -1.80 -2.02 19.93
C ASN A 102 -0.73 -1.00 19.55
N ASN A 103 -1.08 0.29 19.52
CA ASN A 103 -0.22 1.38 19.12
C ASN A 103 -0.56 2.58 19.98
N SER A 104 -1.85 2.92 20.08
CA SER A 104 -2.44 4.01 20.84
C SER A 104 -1.77 5.34 20.47
N GLU A 105 -2.31 6.01 19.44
CA GLU A 105 -1.86 7.27 18.84
C GLU A 105 -0.78 6.96 17.83
N LEU A 106 0.13 6.04 18.16
CA LEU A 106 1.20 5.62 17.27
C LEU A 106 0.69 5.08 15.93
N ASN A 107 -0.58 4.67 15.88
CA ASN A 107 -1.22 4.18 14.68
C ASN A 107 -1.28 5.24 13.60
N GLN A 108 -1.11 6.51 13.94
CA GLN A 108 -1.30 7.61 13.02
C GLN A 108 -0.18 7.68 12.01
N LEU A 109 1.09 7.74 12.45
CA LEU A 109 2.23 7.89 11.55
C LEU A 109 2.36 6.59 10.78
N ASP A 110 2.19 5.44 11.44
CA ASP A 110 2.18 4.15 10.75
C ASP A 110 1.18 4.17 9.60
N THR A 111 -0.09 4.48 9.89
CA THR A 111 -1.14 4.63 8.88
C THR A 111 -0.76 5.66 7.81
N THR A 112 -0.15 6.78 8.18
CA THR A 112 0.17 7.90 7.29
C THR A 112 1.20 7.44 6.27
N VAL A 113 2.32 6.88 6.74
CA VAL A 113 3.34 6.33 5.88
C VAL A 113 2.72 5.20 5.06
N LYS A 114 2.01 4.27 5.69
CA LYS A 114 1.43 3.13 5.00
C LYS A 114 0.42 3.61 3.95
N SER A 115 -0.29 4.71 4.18
CA SER A 115 -1.23 5.28 3.24
C SER A 115 -0.46 5.84 2.05
N GLN A 116 0.48 6.75 2.31
CA GLN A 116 1.18 7.49 1.27
C GLN A 116 2.02 6.55 0.41
N ILE A 117 2.64 5.54 1.03
CA ILE A 117 3.36 4.50 0.31
C ILE A 117 2.38 3.69 -0.54
N ILE A 118 1.31 3.11 0.01
CA ILE A 118 0.44 2.19 -0.74
C ILE A 118 -0.09 2.86 -2.01
N ARG A 119 -0.52 4.12 -1.92
CA ARG A 119 -1.04 4.85 -3.07
C ARG A 119 0.03 4.97 -4.15
N GLU A 120 1.27 5.32 -3.77
CA GLU A 120 2.40 5.35 -4.69
C GLU A 120 2.70 3.95 -5.23
N MET A 121 2.76 2.92 -4.39
CA MET A 121 3.05 1.52 -4.74
C MET A 121 2.11 1.03 -5.83
N CYS A 122 0.87 1.49 -5.77
CA CYS A 122 -0.18 1.18 -6.73
C CYS A 122 0.06 1.89 -8.07
N ILE A 123 0.38 3.19 -8.04
CA ILE A 123 0.75 3.96 -9.24
C ILE A 123 2.00 3.34 -9.87
N THR A 124 2.97 2.93 -9.06
CA THR A 124 4.17 2.23 -9.47
C THR A 124 3.83 0.96 -10.26
N GLU A 125 2.77 0.21 -9.94
CA GLU A 125 2.45 -1.03 -10.67
C GLU A 125 2.13 -0.70 -12.12
N TYR A 126 1.27 0.29 -12.35
CA TYR A 126 0.93 0.79 -13.69
C TYR A 126 2.23 1.14 -14.42
N ARG A 127 3.08 1.94 -13.79
CA ARG A 127 4.27 2.50 -14.42
C ARG A 127 5.39 1.49 -14.63
N ARG A 128 5.44 0.37 -13.92
CA ARG A 128 6.28 -0.78 -14.27
C ARG A 128 5.64 -1.60 -15.36
N GLY A 129 4.44 -2.08 -15.07
CA GLY A 129 3.63 -2.98 -15.90
C GLY A 129 3.20 -2.36 -17.23
N SER A 130 3.57 -1.10 -17.44
CA SER A 130 3.49 -0.33 -18.66
C SER A 130 3.92 -1.20 -19.83
N ILE A 29 -13.52 -7.91 -8.84
CA ILE A 29 -12.20 -8.51 -8.99
C ILE A 29 -12.38 -10.02 -9.04
N GLY A 30 -11.52 -10.72 -9.78
CA GLY A 30 -11.60 -12.18 -9.94
C GLY A 30 -10.82 -12.93 -8.86
N GLY A 31 -9.88 -12.28 -8.19
CA GLY A 31 -9.12 -12.80 -7.07
C GLY A 31 -7.99 -11.82 -6.78
N TYR A 32 -7.48 -11.83 -5.56
CA TYR A 32 -6.43 -10.93 -5.11
C TYR A 32 -5.13 -11.73 -5.05
N MET A 33 -4.08 -11.26 -5.72
CA MET A 33 -2.75 -11.84 -5.62
C MET A 33 -1.74 -10.70 -5.48
N LEU A 34 -0.49 -11.08 -5.26
CA LEU A 34 0.70 -10.24 -5.26
C LEU A 34 1.24 -10.27 -6.67
N GLY A 35 1.19 -9.13 -7.36
CA GLY A 35 1.74 -8.93 -8.69
C GLY A 35 3.25 -8.79 -8.56
N ASN A 36 3.73 -7.56 -8.35
CA ASN A 36 5.12 -7.19 -8.23
C ASN A 36 5.39 -6.38 -6.98
N ALA A 37 6.68 -6.25 -6.67
CA ALA A 37 7.21 -5.57 -5.51
C ALA A 37 7.80 -4.23 -5.91
N VAL A 38 7.87 -3.30 -4.95
CA VAL A 38 8.07 -1.91 -5.30
C VAL A 38 9.52 -1.52 -5.52
N GLY A 39 10.39 -2.00 -4.64
CA GLY A 39 11.81 -1.73 -4.69
C GLY A 39 12.13 -0.39 -4.05
N ARG A 40 11.82 -0.24 -2.75
CA ARG A 40 12.15 0.91 -1.92
C ARG A 40 11.84 2.24 -2.58
N MET A 41 10.56 2.37 -2.94
CA MET A 41 9.87 3.52 -3.50
C MET A 41 10.55 4.86 -3.26
N SER A 42 10.79 5.21 -1.98
CA SER A 42 11.45 6.43 -1.55
C SER A 42 10.84 7.67 -2.20
N TYR A 43 9.52 7.66 -2.46
CA TYR A 43 8.84 8.79 -3.07
C TYR A 43 8.90 10.01 -2.15
N GLN A 44 8.67 11.17 -2.73
CA GLN A 44 8.81 12.45 -2.04
C GLN A 44 7.72 12.53 -0.99
N PHE A 45 8.10 12.46 0.29
CA PHE A 45 7.12 12.51 1.37
C PHE A 45 6.62 13.94 1.55
N ASN A 46 5.58 14.10 2.35
CA ASN A 46 5.03 15.39 2.75
C ASN A 46 5.84 15.87 3.96
N ASN A 47 6.38 14.95 4.77
CA ASN A 47 7.13 15.26 5.98
C ASN A 47 8.28 14.26 6.11
N PRO A 48 9.40 14.66 6.73
CA PRO A 48 10.55 13.78 6.85
C PRO A 48 10.30 12.67 7.90
N MET A 49 9.40 12.90 8.86
CA MET A 49 8.93 11.88 9.78
C MET A 49 8.41 10.68 9.02
N GLU A 50 7.70 10.88 7.91
CA GLU A 50 7.04 9.79 7.20
C GLU A 50 8.08 8.99 6.41
N SER A 51 9.12 9.65 5.91
CA SER A 51 10.28 9.04 5.27
C SER A 51 11.05 8.18 6.28
N ARG A 52 11.42 8.77 7.42
CA ARG A 52 12.16 8.14 8.49
C ARG A 52 11.36 6.96 8.99
N TYR A 53 10.08 7.15 9.28
CA TYR A 53 9.21 6.08 9.71
C TYR A 53 9.27 4.95 8.70
N TYR A 54 9.02 5.20 7.41
CA TYR A 54 9.03 4.14 6.40
C TYR A 54 10.39 3.43 6.29
N ASN A 55 11.47 4.06 6.73
CA ASN A 55 12.80 3.47 6.72
C ASN A 55 13.02 2.62 7.97
N ASP A 56 12.63 3.11 9.13
CA ASP A 56 12.78 2.44 10.42
C ASP A 56 11.82 1.27 10.53
N TYR A 57 10.67 1.38 9.87
CA TYR A 57 9.59 0.41 9.86
C TYR A 57 9.56 -0.36 8.55
N TYR A 58 10.58 -0.23 7.69
CA TYR A 58 10.62 -0.96 6.43
C TYR A 58 10.52 -2.48 6.68
N ASN A 59 11.04 -2.95 7.82
CA ASN A 59 10.99 -4.33 8.25
C ASN A 59 9.56 -4.85 8.30
N GLN A 60 8.65 -3.97 8.74
CA GLN A 60 7.25 -4.21 9.04
C GLN A 60 6.45 -4.10 7.75
N MET A 61 6.84 -3.08 6.97
CA MET A 61 6.12 -2.51 5.87
C MET A 61 5.84 -3.53 4.77
N PRO A 62 4.79 -3.29 3.97
CA PRO A 62 4.46 -4.13 2.84
C PRO A 62 5.57 -3.98 1.80
N ASN A 63 6.18 -5.08 1.37
CA ASN A 63 7.36 -5.08 0.51
C ASN A 63 6.98 -4.78 -0.95
N ARG A 64 5.69 -4.80 -1.23
CA ARG A 64 5.04 -4.98 -2.52
C ARG A 64 3.60 -4.50 -2.41
N VAL A 65 2.82 -4.53 -3.50
CA VAL A 65 1.49 -3.90 -3.50
C VAL A 65 0.51 -4.79 -4.24
N TYR A 66 -0.32 -5.53 -3.51
CA TYR A 66 -1.16 -6.57 -4.11
C TYR A 66 -1.90 -6.05 -5.35
N ARG A 67 -1.96 -6.85 -6.43
CA ARG A 67 -2.45 -6.43 -7.75
C ARG A 67 -3.89 -6.91 -7.98
N PRO A 68 -4.90 -6.03 -7.82
CA PRO A 68 -6.27 -6.34 -8.23
C PRO A 68 -6.32 -6.54 -9.75
N MET A 69 -6.85 -7.69 -10.17
CA MET A 69 -7.32 -7.92 -11.53
C MET A 69 -8.76 -7.39 -11.63
N TYR A 70 -9.26 -7.06 -12.81
CA TYR A 70 -10.63 -6.57 -12.97
C TYR A 70 -11.31 -7.27 -14.14
N ARG A 71 -12.58 -7.64 -13.97
CA ARG A 71 -13.47 -8.09 -15.05
C ARG A 71 -14.81 -7.36 -15.07
N GLY A 72 -15.02 -6.49 -14.08
CA GLY A 72 -16.25 -5.73 -13.90
C GLY A 72 -16.41 -4.78 -15.09
N GLU A 73 -15.60 -3.73 -15.12
CA GLU A 73 -15.55 -2.75 -16.18
C GLU A 73 -14.46 -3.04 -17.21
N GLU A 74 -13.37 -3.72 -16.81
CA GLU A 74 -12.01 -3.64 -17.37
C GLU A 74 -11.42 -2.23 -17.38
N TYR A 75 -12.20 -1.28 -17.83
CA TYR A 75 -11.91 0.11 -18.14
C TYR A 75 -11.75 0.93 -16.86
N VAL A 76 -10.71 0.60 -16.10
CA VAL A 76 -10.30 1.25 -14.89
C VAL A 76 -9.22 2.26 -15.30
N SER A 77 -9.34 3.49 -14.82
CA SER A 77 -8.38 4.56 -14.97
C SER A 77 -7.18 4.28 -14.05
N GLU A 78 -6.25 5.22 -13.98
CA GLU A 78 -5.25 5.22 -12.91
C GLU A 78 -6.00 5.41 -11.60
N ASP A 79 -6.88 6.40 -11.54
CA ASP A 79 -7.57 6.85 -10.34
C ASP A 79 -8.50 5.78 -9.75
N ARG A 80 -9.30 5.10 -10.58
CA ARG A 80 -10.14 3.99 -10.10
C ARG A 80 -9.29 2.82 -9.59
N PHE A 81 -8.20 2.47 -10.28
CA PHE A 81 -7.35 1.41 -9.78
C PHE A 81 -6.74 1.84 -8.45
N VAL A 82 -6.31 3.10 -8.34
CA VAL A 82 -5.75 3.66 -7.12
C VAL A 82 -6.75 3.50 -5.98
N ARG A 83 -8.02 3.94 -6.09
CA ARG A 83 -8.96 3.77 -4.97
C ARG A 83 -9.15 2.30 -4.59
N ASP A 84 -9.36 1.44 -5.58
CA ASP A 84 -9.73 0.06 -5.26
C ASP A 84 -8.53 -0.69 -4.68
N CYS A 85 -7.34 -0.49 -5.24
CA CYS A 85 -6.10 -1.05 -4.72
C CYS A 85 -5.84 -0.49 -3.33
N TYR A 86 -5.98 0.83 -3.15
CA TYR A 86 -5.84 1.54 -1.90
C TYR A 86 -6.67 0.88 -0.82
N ASN A 87 -7.98 0.76 -1.04
CA ASN A 87 -8.95 0.19 -0.11
C ASN A 87 -8.50 -1.16 0.43
N MET A 88 -8.09 -2.05 -0.46
CA MET A 88 -7.72 -3.42 -0.10
C MET A 88 -6.38 -3.47 0.60
N SER A 89 -5.33 -2.86 0.04
CA SER A 89 -4.03 -2.81 0.68
C SER A 89 -4.16 -2.16 2.07
N VAL A 90 -5.03 -1.15 2.25
CA VAL A 90 -5.37 -0.59 3.56
C VAL A 90 -5.78 -1.74 4.47
N THR A 91 -6.90 -2.41 4.24
CA THR A 91 -7.36 -3.40 5.21
C THR A 91 -6.34 -4.53 5.43
N GLU A 92 -5.69 -5.01 4.36
CA GLU A 92 -4.76 -6.12 4.44
C GLU A 92 -3.52 -5.79 5.28
N TYR A 93 -3.24 -4.52 5.54
CA TYR A 93 -2.11 -4.08 6.34
C TYR A 93 -2.55 -3.08 7.41
N ILE A 94 -3.83 -3.10 7.79
CA ILE A 94 -4.39 -2.33 8.91
C ILE A 94 -5.19 -3.28 9.80
N ILE A 95 -6.26 -3.90 9.30
CA ILE A 95 -7.12 -4.79 10.10
C ILE A 95 -6.35 -6.06 10.51
N LYS A 96 -5.40 -6.50 9.68
CA LYS A 96 -4.59 -7.69 9.92
C LYS A 96 -3.52 -7.44 10.96
N PRO A 97 -2.69 -6.38 10.85
CA PRO A 97 -1.81 -6.04 11.94
C PRO A 97 -2.61 -5.71 13.21
N ALA A 98 -3.86 -5.23 13.10
CA ALA A 98 -4.74 -5.03 14.24
C ALA A 98 -5.17 -6.33 14.93
N GLU A 99 -4.79 -7.53 14.48
CA GLU A 99 -5.13 -8.74 15.21
C GLU A 99 -4.55 -8.67 16.63
N GLY A 100 -3.37 -8.06 16.79
CA GLY A 100 -2.74 -7.86 18.10
C GLY A 100 -1.63 -6.84 18.16
N LYS A 101 -1.21 -6.23 17.04
CA LYS A 101 -0.07 -5.32 16.99
C LYS A 101 -0.61 -3.91 17.20
N ASN A 102 -0.87 -3.60 18.47
CA ASN A 102 -1.16 -2.25 18.96
C ASN A 102 0.04 -1.33 18.77
N ASN A 103 -0.12 -0.02 19.01
CA ASN A 103 0.86 1.01 18.73
C ASN A 103 0.77 2.19 19.71
N SER A 104 -0.43 2.60 20.12
CA SER A 104 -0.71 3.72 21.02
C SER A 104 -0.08 5.04 20.53
N GLU A 105 -0.87 5.86 19.83
CA GLU A 105 -0.51 7.14 19.22
C GLU A 105 0.22 6.86 17.93
N LEU A 106 1.12 5.87 17.93
CA LEU A 106 1.85 5.42 16.76
C LEU A 106 0.95 4.87 15.67
N ASN A 107 -0.28 4.51 16.03
CA ASN A 107 -1.28 4.01 15.12
C ASN A 107 -1.85 5.14 14.28
N GLN A 108 -1.51 6.39 14.60
CA GLN A 108 -1.66 7.47 13.65
C GLN A 108 -0.59 7.34 12.57
N LEU A 109 0.71 7.51 12.91
CA LEU A 109 1.79 7.73 11.97
C LEU A 109 1.97 6.46 11.14
N ASP A 110 1.96 5.27 11.75
CA ASP A 110 2.01 3.98 11.06
C ASP A 110 1.04 3.94 9.89
N THR A 111 -0.21 4.30 10.17
CA THR A 111 -1.34 4.22 9.25
C THR A 111 -1.38 5.41 8.29
N THR A 112 -0.96 6.58 8.73
CA THR A 112 -0.85 7.80 7.94
C THR A 112 0.18 7.54 6.85
N VAL A 113 1.39 7.11 7.22
CA VAL A 113 2.43 6.76 6.28
C VAL A 113 1.91 5.66 5.37
N LYS A 114 1.36 4.57 5.91
CA LYS A 114 0.80 3.49 5.10
C LYS A 114 -0.20 4.04 4.07
N SER A 115 -1.07 4.97 4.45
CA SER A 115 -2.04 5.56 3.54
C SER A 115 -1.31 6.29 2.40
N GLN A 116 -0.32 7.11 2.75
CA GLN A 116 0.46 7.92 1.82
C GLN A 116 1.20 7.00 0.86
N ILE A 117 1.92 6.01 1.41
CA ILE A 117 2.74 5.09 0.63
C ILE A 117 1.89 4.20 -0.26
N ILE A 118 0.77 3.64 0.23
CA ILE A 118 -0.07 2.74 -0.56
C ILE A 118 -0.46 3.44 -1.86
N ARG A 119 -0.97 4.67 -1.79
CA ARG A 119 -1.48 5.35 -2.99
C ARG A 119 -0.38 5.46 -4.06
N GLU A 120 0.86 5.74 -3.68
CA GLU A 120 1.95 5.77 -4.64
C GLU A 120 2.40 4.36 -5.07
N MET A 121 2.42 3.40 -4.13
CA MET A 121 2.73 2.01 -4.42
C MET A 121 1.82 1.52 -5.53
N CYS A 122 0.54 1.94 -5.48
CA CYS A 122 -0.46 1.58 -6.49
C CYS A 122 0.03 2.08 -7.85
N ILE A 123 0.30 3.39 -7.94
CA ILE A 123 0.76 4.07 -9.14
C ILE A 123 1.97 3.33 -9.74
N THR A 124 2.94 2.91 -8.92
CA THR A 124 4.07 2.11 -9.37
C THR A 124 3.61 0.75 -9.89
N GLU A 125 2.72 0.03 -9.21
CA GLU A 125 2.27 -1.30 -9.63
C GLU A 125 1.67 -1.22 -11.03
N TYR A 126 0.82 -0.23 -11.27
CA TYR A 126 0.27 0.07 -12.58
C TYR A 126 1.37 0.27 -13.61
N ARG A 127 2.39 1.08 -13.33
CA ARG A 127 3.50 1.33 -14.26
C ARG A 127 4.40 0.10 -14.46
N ARG A 128 4.50 -0.81 -13.50
CA ARG A 128 5.17 -2.10 -13.68
C ARG A 128 4.30 -3.02 -14.52
N GLY A 129 3.16 -3.38 -13.97
CA GLY A 129 2.24 -4.40 -14.45
C GLY A 129 1.58 -4.01 -15.77
N SER A 130 1.62 -2.73 -16.13
CA SER A 130 1.18 -2.19 -17.40
C SER A 130 2.39 -1.43 -17.94
N ILE A 29 -14.16 -7.97 -6.88
CA ILE A 29 -12.83 -8.29 -7.40
C ILE A 29 -12.77 -9.77 -7.85
N GLY A 30 -11.82 -10.10 -8.73
CA GLY A 30 -11.71 -11.42 -9.35
C GLY A 30 -10.75 -12.36 -8.64
N GLY A 31 -10.23 -11.98 -7.46
CA GLY A 31 -9.19 -12.68 -6.72
C GLY A 31 -7.93 -11.83 -6.63
N TYR A 32 -6.92 -12.31 -5.90
CA TYR A 32 -5.64 -11.65 -5.72
C TYR A 32 -4.54 -12.52 -6.33
N MET A 33 -3.46 -11.92 -6.82
CA MET A 33 -2.27 -12.61 -7.34
C MET A 33 -0.99 -11.86 -7.00
N LEU A 34 -1.14 -10.66 -6.45
CA LEU A 34 -0.21 -9.56 -6.37
C LEU A 34 0.18 -9.00 -7.73
N GLY A 35 0.68 -7.75 -7.71
CA GLY A 35 0.99 -6.99 -8.90
C GLY A 35 2.33 -6.30 -8.76
N ASN A 36 3.41 -7.05 -9.02
CA ASN A 36 4.80 -6.73 -8.81
C ASN A 36 5.15 -6.30 -7.37
N ALA A 37 6.45 -6.17 -7.12
CA ALA A 37 7.00 -5.93 -5.80
C ALA A 37 7.81 -4.62 -5.73
N VAL A 38 8.10 -4.18 -4.51
CA VAL A 38 8.62 -2.86 -4.23
C VAL A 38 9.73 -3.01 -3.19
N GLY A 39 9.39 -3.21 -1.92
CA GLY A 39 10.29 -3.44 -0.81
C GLY A 39 10.90 -2.13 -0.39
N ARG A 40 11.72 -1.55 -1.25
CA ARG A 40 12.27 -0.21 -1.10
C ARG A 40 11.78 0.61 -2.27
N MET A 41 10.59 1.19 -2.16
CA MET A 41 10.13 2.18 -3.15
C MET A 41 11.15 3.29 -3.35
N SER A 42 11.56 3.91 -2.24
CA SER A 42 12.35 5.12 -2.21
C SER A 42 11.72 6.20 -3.11
N TYR A 43 10.42 6.44 -2.90
CA TYR A 43 9.75 7.63 -3.42
C TYR A 43 10.22 8.85 -2.65
N GLN A 44 9.78 10.03 -3.09
CA GLN A 44 10.32 11.31 -2.66
C GLN A 44 9.84 11.68 -1.25
N PHE A 45 8.71 11.12 -0.80
CA PHE A 45 8.05 11.44 0.46
C PHE A 45 7.72 12.93 0.62
N ASN A 46 7.13 13.29 1.76
CA ASN A 46 6.81 14.67 2.13
C ASN A 46 7.63 15.09 3.33
N ASN A 47 7.73 14.25 4.36
CA ASN A 47 8.41 14.58 5.60
C ASN A 47 9.39 13.46 5.93
N PRO A 48 10.53 13.75 6.56
CA PRO A 48 11.58 12.76 6.77
C PRO A 48 11.18 11.69 7.77
N MET A 49 10.26 11.97 8.70
CA MET A 49 9.64 10.97 9.56
C MET A 49 9.03 9.84 8.74
N GLU A 50 8.33 10.18 7.66
CA GLU A 50 7.58 9.25 6.84
C GLU A 50 8.58 8.35 6.10
N SER A 51 9.68 8.98 5.63
CA SER A 51 10.74 8.31 4.91
C SER A 51 11.52 7.35 5.83
N ARG A 52 11.93 7.84 7.02
CA ARG A 52 12.70 7.05 7.97
C ARG A 52 11.85 5.94 8.57
N TYR A 53 10.58 6.19 8.89
CA TYR A 53 9.61 5.17 9.27
C TYR A 53 9.69 4.02 8.26
N TYR A 54 9.62 4.34 6.97
CA TYR A 54 9.68 3.36 5.89
C TYR A 54 11.03 2.60 5.82
N ASN A 55 12.01 2.95 6.66
CA ASN A 55 13.32 2.32 6.77
C ASN A 55 13.64 1.78 8.17
N ASP A 56 12.78 2.05 9.15
CA ASP A 56 12.86 1.67 10.57
C ASP A 56 11.79 0.62 10.91
N TYR A 57 10.68 0.65 10.17
CA TYR A 57 9.54 -0.24 10.26
C TYR A 57 9.60 -1.20 9.08
N TYR A 58 10.72 -1.30 8.36
CA TYR A 58 10.87 -2.19 7.21
C TYR A 58 10.58 -3.65 7.60
N ASN A 59 10.84 -4.00 8.87
CA ASN A 59 10.56 -5.32 9.43
C ASN A 59 9.09 -5.49 9.90
N GLN A 60 8.26 -4.46 9.70
CA GLN A 60 6.81 -4.43 9.86
C GLN A 60 6.16 -3.99 8.54
N MET A 61 6.82 -4.24 7.41
CA MET A 61 6.37 -3.81 6.10
C MET A 61 6.27 -4.96 5.11
N PRO A 62 5.30 -4.86 4.17
CA PRO A 62 5.22 -5.74 3.04
C PRO A 62 6.41 -5.51 2.12
N ASN A 63 6.59 -6.45 1.21
CA ASN A 63 7.64 -6.54 0.24
C ASN A 63 7.12 -6.14 -1.15
N ARG A 64 5.81 -6.24 -1.36
CA ARG A 64 5.18 -6.01 -2.65
C ARG A 64 3.88 -5.24 -2.52
N VAL A 65 3.08 -5.18 -3.57
CA VAL A 65 1.76 -4.57 -3.57
C VAL A 65 0.79 -5.53 -4.26
N TYR A 66 -0.51 -5.46 -3.94
CA TYR A 66 -1.46 -6.47 -4.33
C TYR A 66 -2.46 -5.92 -5.35
N ARG A 67 -2.16 -5.91 -6.65
CA ARG A 67 -3.10 -5.52 -7.70
C ARG A 67 -4.38 -6.38 -7.64
N PRO A 68 -5.56 -5.87 -7.24
CA PRO A 68 -6.81 -6.60 -7.44
C PRO A 68 -7.14 -6.59 -8.93
N MET A 69 -7.77 -7.66 -9.41
CA MET A 69 -8.19 -7.77 -10.81
C MET A 69 -9.68 -7.47 -10.91
N TYR A 70 -10.10 -6.87 -12.03
CA TYR A 70 -11.47 -6.44 -12.26
C TYR A 70 -11.97 -7.12 -13.51
N ARG A 71 -13.00 -7.95 -13.34
CA ARG A 71 -13.61 -8.76 -14.40
C ARG A 71 -15.04 -8.37 -14.72
N GLY A 72 -15.59 -7.51 -13.87
CA GLY A 72 -16.92 -6.96 -14.00
C GLY A 72 -16.83 -5.59 -14.65
N GLU A 73 -16.32 -4.64 -13.86
CA GLU A 73 -16.19 -3.24 -14.23
C GLU A 73 -15.43 -3.10 -15.55
N GLU A 74 -14.31 -3.83 -15.67
CA GLU A 74 -13.26 -3.80 -16.70
C GLU A 74 -12.74 -2.42 -17.17
N TYR A 75 -13.31 -1.30 -16.73
CA TYR A 75 -12.98 0.03 -17.19
C TYR A 75 -12.65 0.91 -15.99
N VAL A 76 -11.40 0.88 -15.58
CA VAL A 76 -10.90 1.52 -14.39
C VAL A 76 -9.85 2.54 -14.82
N SER A 77 -9.93 3.73 -14.21
CA SER A 77 -9.03 4.84 -14.37
C SER A 77 -8.10 4.86 -13.16
N GLU A 78 -7.08 5.70 -13.20
CA GLU A 78 -5.99 5.69 -12.23
C GLU A 78 -6.53 5.75 -10.81
N ASP A 79 -7.49 6.63 -10.54
CA ASP A 79 -7.95 6.82 -9.16
C ASP A 79 -8.76 5.64 -8.68
N ARG A 80 -9.73 5.15 -9.47
CA ARG A 80 -10.47 3.93 -9.15
C ARG A 80 -9.52 2.74 -8.97
N PHE A 81 -8.46 2.61 -9.77
CA PHE A 81 -7.45 1.57 -9.58
C PHE A 81 -6.80 1.75 -8.21
N VAL A 82 -6.28 2.95 -7.97
CA VAL A 82 -5.58 3.27 -6.74
C VAL A 82 -6.48 2.99 -5.54
N ARG A 83 -7.73 3.48 -5.47
CA ARG A 83 -8.59 3.24 -4.29
C ARG A 83 -9.02 1.79 -4.12
N ASP A 84 -9.21 1.00 -5.17
CA ASP A 84 -9.58 -0.41 -4.99
C ASP A 84 -8.36 -1.16 -4.49
N CYS A 85 -7.20 -0.94 -5.11
CA CYS A 85 -5.96 -1.56 -4.68
C CYS A 85 -5.54 -1.06 -3.28
N TYR A 86 -5.89 0.19 -2.95
CA TYR A 86 -5.76 0.81 -1.63
C TYR A 86 -6.55 -0.04 -0.66
N ASN A 87 -7.88 -0.09 -0.83
CA ASN A 87 -8.81 -0.72 0.11
C ASN A 87 -8.37 -2.12 0.45
N MET A 88 -8.06 -2.92 -0.57
CA MET A 88 -7.57 -4.29 -0.45
C MET A 88 -6.28 -4.30 0.38
N SER A 89 -5.23 -3.62 -0.08
CA SER A 89 -3.91 -3.64 0.54
C SER A 89 -3.97 -3.11 1.97
N VAL A 90 -4.63 -1.97 2.19
CA VAL A 90 -4.88 -1.39 3.49
C VAL A 90 -5.48 -2.45 4.39
N THR A 91 -6.60 -3.06 4.01
CA THR A 91 -7.25 -4.05 4.85
C THR A 91 -6.26 -5.14 5.25
N GLU A 92 -5.43 -5.63 4.31
CA GLU A 92 -4.46 -6.70 4.54
C GLU A 92 -3.43 -6.35 5.63
N TYR A 93 -3.24 -5.06 5.92
CA TYR A 93 -2.29 -4.57 6.90
C TYR A 93 -2.93 -3.53 7.84
N ILE A 94 -4.25 -3.57 8.01
CA ILE A 94 -4.99 -2.79 8.99
C ILE A 94 -5.94 -3.73 9.73
N ILE A 95 -6.88 -4.35 9.01
CA ILE A 95 -7.91 -5.18 9.62
C ILE A 95 -7.31 -6.52 10.11
N LYS A 96 -6.11 -6.86 9.64
CA LYS A 96 -5.33 -8.03 10.03
C LYS A 96 -4.43 -7.76 11.23
N PRO A 97 -3.57 -6.72 11.26
CA PRO A 97 -2.83 -6.38 12.46
C PRO A 97 -3.76 -5.98 13.62
N ALA A 98 -5.04 -5.67 13.34
CA ALA A 98 -6.06 -5.47 14.38
C ALA A 98 -6.22 -6.66 15.32
N GLU A 99 -5.66 -7.83 14.99
CA GLU A 99 -5.63 -8.99 15.87
C GLU A 99 -5.00 -8.63 17.22
N GLY A 100 -3.94 -7.81 17.22
CA GLY A 100 -3.34 -7.34 18.46
C GLY A 100 -2.10 -6.49 18.23
N LYS A 101 -2.26 -5.31 17.61
CA LYS A 101 -1.20 -4.35 17.37
C LYS A 101 -1.62 -3.01 17.96
N ASN A 102 -1.26 -2.80 19.22
CA ASN A 102 -1.31 -1.52 19.91
C ASN A 102 -0.12 -0.67 19.47
N ASN A 103 -0.35 0.40 18.72
CA ASN A 103 0.61 1.44 18.42
C ASN A 103 0.45 2.55 19.44
N SER A 104 -0.76 3.12 19.54
CA SER A 104 -1.14 4.19 20.45
C SER A 104 -0.29 5.46 20.21
N GLU A 105 -0.86 6.46 19.52
CA GLU A 105 -0.21 7.69 19.02
C GLU A 105 0.58 7.35 17.77
N LEU A 106 1.38 6.29 17.83
CA LEU A 106 2.13 5.76 16.70
C LEU A 106 1.21 5.32 15.55
N ASN A 107 -0.07 5.11 15.83
CA ASN A 107 -1.10 4.72 14.89
C ASN A 107 -1.56 5.91 14.06
N GLN A 108 -1.00 7.09 14.29
CA GLN A 108 -1.01 8.15 13.33
C GLN A 108 0.02 7.80 12.25
N LEU A 109 1.33 7.97 12.49
CA LEU A 109 2.38 7.97 11.47
C LEU A 109 2.39 6.63 10.74
N ASP A 110 2.27 5.53 11.48
CA ASP A 110 2.19 4.20 10.90
C ASP A 110 1.12 4.13 9.82
N THR A 111 -0.07 4.63 10.10
CA THR A 111 -1.21 4.68 9.19
C THR A 111 -1.04 5.79 8.13
N THR A 112 -0.52 6.96 8.47
CA THR A 112 -0.27 8.09 7.58
C THR A 112 0.61 7.60 6.42
N VAL A 113 1.80 7.07 6.74
CA VAL A 113 2.73 6.58 5.75
C VAL A 113 2.09 5.44 5.01
N LYS A 114 1.50 4.48 5.71
CA LYS A 114 0.87 3.30 5.13
C LYS A 114 -0.20 3.68 4.10
N SER A 115 -0.92 4.79 4.30
CA SER A 115 -1.83 5.37 3.33
C SER A 115 -1.06 5.82 2.09
N GLN A 116 -0.14 6.78 2.24
CA GLN A 116 0.65 7.39 1.17
C GLN A 116 1.33 6.31 0.33
N ILE A 117 2.04 5.39 1.00
CA ILE A 117 2.89 4.42 0.36
C ILE A 117 2.05 3.48 -0.49
N ILE A 118 0.97 2.89 0.03
CA ILE A 118 0.16 1.95 -0.73
C ILE A 118 -0.39 2.70 -1.97
N ARG A 119 -0.89 3.92 -1.78
CA ARG A 119 -1.35 4.78 -2.86
C ARG A 119 -0.29 4.88 -3.94
N GLU A 120 0.98 5.14 -3.62
CA GLU A 120 2.02 5.22 -4.63
C GLU A 120 2.55 3.87 -5.12
N MET A 121 2.49 2.82 -4.29
CA MET A 121 2.87 1.46 -4.68
C MET A 121 1.98 1.01 -5.84
N CYS A 122 0.73 1.48 -5.84
CA CYS A 122 -0.22 1.19 -6.90
C CYS A 122 0.18 1.95 -8.16
N ILE A 123 0.41 3.26 -8.04
CA ILE A 123 0.84 4.10 -9.16
C ILE A 123 2.08 3.50 -9.84
N THR A 124 3.07 3.03 -9.06
CA THR A 124 4.29 2.47 -9.62
C THR A 124 4.00 1.25 -10.50
N GLU A 125 2.96 0.45 -10.19
CA GLU A 125 2.68 -0.76 -10.94
C GLU A 125 2.42 -0.38 -12.39
N TYR A 126 1.56 0.62 -12.64
CA TYR A 126 1.27 1.09 -13.98
C TYR A 126 2.52 1.57 -14.69
N ARG A 127 3.37 2.34 -14.00
CA ARG A 127 4.60 2.87 -14.56
C ARG A 127 5.53 1.73 -15.00
N ARG A 128 5.67 0.66 -14.19
CA ARG A 128 6.40 -0.53 -14.59
C ARG A 128 5.68 -1.22 -15.74
N GLY A 129 4.54 -1.80 -15.40
CA GLY A 129 3.78 -2.81 -16.10
C GLY A 129 3.11 -2.34 -17.38
N SER A 130 3.28 -1.05 -17.70
CA SER A 130 3.02 -0.48 -19.00
C SER A 130 1.59 -0.80 -19.50
N ILE A 29 -13.95 -9.34 -7.76
CA ILE A 29 -12.60 -9.72 -8.22
C ILE A 29 -12.55 -11.22 -8.60
N GLY A 30 -11.59 -11.59 -9.45
CA GLY A 30 -11.46 -12.96 -9.96
C GLY A 30 -10.66 -13.89 -9.05
N GLY A 31 -10.00 -13.31 -8.05
CA GLY A 31 -9.04 -13.90 -7.13
C GLY A 31 -7.93 -12.87 -6.91
N TYR A 32 -6.99 -13.13 -6.00
CA TYR A 32 -6.00 -12.17 -5.56
C TYR A 32 -4.61 -12.71 -5.88
N MET A 33 -3.67 -11.82 -6.18
CA MET A 33 -2.27 -12.10 -6.44
C MET A 33 -1.45 -10.83 -6.16
N LEU A 34 -0.13 -10.97 -6.06
CA LEU A 34 0.76 -9.89 -5.70
C LEU A 34 1.36 -9.33 -6.98
N GLY A 35 1.01 -8.09 -7.34
CA GLY A 35 1.50 -7.39 -8.51
C GLY A 35 2.96 -7.04 -8.28
N ASN A 36 3.84 -7.96 -8.66
CA ASN A 36 5.26 -7.96 -8.47
C ASN A 36 5.66 -7.61 -7.05
N ALA A 37 6.85 -7.08 -6.91
CA ALA A 37 7.34 -6.34 -5.76
C ALA A 37 7.97 -5.04 -6.27
N VAL A 38 8.13 -4.05 -5.40
CA VAL A 38 8.45 -2.67 -5.75
C VAL A 38 9.95 -2.41 -5.60
N GLY A 39 10.61 -2.98 -4.59
CA GLY A 39 12.06 -2.91 -4.46
C GLY A 39 12.47 -1.56 -3.86
N ARG A 40 12.33 -1.42 -2.54
CA ARG A 40 12.76 -0.28 -1.73
C ARG A 40 12.22 1.12 -2.06
N MET A 41 11.30 1.22 -3.05
CA MET A 41 10.62 2.36 -3.65
C MET A 41 11.34 3.70 -3.51
N SER A 42 11.36 4.24 -2.30
CA SER A 42 11.92 5.53 -1.92
C SER A 42 11.45 6.64 -2.86
N TYR A 43 10.13 6.72 -3.04
CA TYR A 43 9.48 7.84 -3.70
C TYR A 43 9.74 9.14 -2.95
N GLN A 44 9.21 10.22 -3.52
CA GLN A 44 9.43 11.59 -3.10
C GLN A 44 8.53 11.85 -1.89
N PHE A 45 8.99 11.50 -0.69
CA PHE A 45 8.23 11.78 0.51
C PHE A 45 8.17 13.30 0.75
N ASN A 46 7.24 13.70 1.60
CA ASN A 46 7.03 15.08 2.02
C ASN A 46 7.96 15.39 3.19
N ASN A 47 8.28 14.40 4.04
CA ASN A 47 9.02 14.60 5.26
C ASN A 47 9.97 13.42 5.47
N PRO A 48 11.14 13.63 6.09
CA PRO A 48 12.11 12.57 6.28
C PRO A 48 11.65 11.52 7.29
N MET A 49 10.73 11.85 8.19
CA MET A 49 10.14 10.89 9.10
C MET A 49 9.41 9.82 8.32
N GLU A 50 8.76 10.15 7.20
CA GLU A 50 8.03 9.16 6.42
C GLU A 50 9.03 8.17 5.80
N SER A 51 10.13 8.69 5.29
CA SER A 51 11.19 7.93 4.66
C SER A 51 11.95 7.08 5.68
N ARG A 52 12.41 7.67 6.79
CA ARG A 52 13.18 6.96 7.80
C ARG A 52 12.30 5.99 8.53
N TYR A 53 11.05 6.32 8.86
CA TYR A 53 10.11 5.31 9.32
C TYR A 53 10.20 4.10 8.40
N TYR A 54 10.12 4.32 7.08
CA TYR A 54 10.15 3.25 6.12
C TYR A 54 11.46 2.49 5.99
N ASN A 55 12.58 3.11 6.32
CA ASN A 55 13.85 2.40 6.33
C ASN A 55 13.96 1.43 7.49
N ASP A 56 13.29 1.77 8.57
CA ASP A 56 13.43 1.16 9.90
C ASP A 56 12.45 0.03 10.05
N TYR A 57 11.30 0.22 9.43
CA TYR A 57 10.22 -0.72 9.35
C TYR A 57 10.31 -1.45 8.03
N TYR A 58 11.40 -1.31 7.27
CA TYR A 58 11.54 -1.91 5.96
C TYR A 58 11.29 -3.42 6.01
N ASN A 59 11.73 -4.10 7.08
CA ASN A 59 11.44 -5.52 7.27
C ASN A 59 9.93 -5.77 7.25
N GLN A 60 9.23 -4.95 8.04
CA GLN A 60 7.82 -5.10 8.35
C GLN A 60 6.93 -4.58 7.23
N MET A 61 7.44 -3.66 6.43
CA MET A 61 6.77 -3.04 5.30
C MET A 61 6.40 -4.07 4.25
N PRO A 62 5.37 -3.81 3.44
CA PRO A 62 5.19 -4.53 2.20
C PRO A 62 6.27 -4.10 1.21
N ASN A 63 7.09 -5.03 0.72
CA ASN A 63 8.03 -4.71 -0.34
C ASN A 63 7.32 -4.65 -1.69
N ARG A 64 6.12 -5.25 -1.76
CA ARG A 64 5.31 -5.51 -2.94
C ARG A 64 3.91 -4.92 -2.87
N VAL A 65 3.07 -5.09 -3.90
CA VAL A 65 1.74 -4.46 -3.90
C VAL A 65 0.68 -5.36 -4.52
N TYR A 66 -0.43 -5.59 -3.80
CA TYR A 66 -1.50 -6.45 -4.32
C TYR A 66 -2.06 -5.83 -5.58
N ARG A 67 -2.57 -6.65 -6.49
CA ARG A 67 -3.15 -6.17 -7.74
C ARG A 67 -4.47 -6.90 -7.96
N PRO A 68 -5.63 -6.29 -7.61
CA PRO A 68 -6.92 -6.93 -7.78
C PRO A 68 -7.21 -7.16 -9.26
N MET A 69 -7.29 -8.42 -9.69
CA MET A 69 -7.61 -8.74 -11.08
C MET A 69 -9.11 -8.58 -11.31
N TYR A 70 -9.48 -7.44 -11.87
CA TYR A 70 -10.86 -7.20 -12.27
C TYR A 70 -11.19 -8.11 -13.44
N ARG A 71 -12.42 -8.60 -13.46
CA ARG A 71 -13.04 -9.35 -14.55
C ARG A 71 -14.17 -8.53 -15.21
N GLY A 72 -14.35 -7.30 -14.77
CA GLY A 72 -15.33 -6.35 -15.27
C GLY A 72 -14.99 -5.01 -14.66
N GLU A 73 -13.89 -4.40 -15.11
CA GLU A 73 -13.57 -3.02 -14.81
C GLU A 73 -14.22 -2.17 -15.90
N GLU A 74 -13.77 -2.35 -17.15
CA GLU A 74 -14.09 -1.60 -18.35
C GLU A 74 -13.91 -0.10 -18.12
N TYR A 75 -12.67 0.36 -18.32
CA TYR A 75 -12.17 1.72 -18.14
C TYR A 75 -12.36 2.17 -16.68
N VAL A 76 -11.34 1.96 -15.86
CA VAL A 76 -11.24 2.52 -14.53
C VAL A 76 -10.24 3.68 -14.59
N SER A 77 -10.43 4.64 -13.69
CA SER A 77 -9.56 5.78 -13.50
C SER A 77 -8.45 5.33 -12.57
N GLU A 78 -7.30 5.94 -12.71
CA GLU A 78 -6.11 5.68 -11.89
C GLU A 78 -6.52 5.71 -10.42
N ASP A 79 -7.18 6.79 -10.00
CA ASP A 79 -7.52 7.04 -8.62
C ASP A 79 -8.50 5.99 -8.10
N ARG A 80 -9.46 5.51 -8.92
CA ARG A 80 -10.39 4.42 -8.54
C ARG A 80 -9.61 3.16 -8.22
N PHE A 81 -8.82 2.67 -9.19
CA PHE A 81 -8.00 1.49 -9.00
C PHE A 81 -7.12 1.69 -7.78
N VAL A 82 -6.49 2.86 -7.63
CA VAL A 82 -5.66 3.13 -6.48
C VAL A 82 -6.49 2.95 -5.20
N ARG A 83 -7.74 3.40 -5.10
CA ARG A 83 -8.55 3.24 -3.87
C ARG A 83 -8.76 1.78 -3.56
N ASP A 84 -9.26 1.07 -4.55
CA ASP A 84 -9.64 -0.34 -4.38
C ASP A 84 -8.40 -1.19 -4.10
N CYS A 85 -7.32 -0.95 -4.84
CA CYS A 85 -6.05 -1.63 -4.70
C CYS A 85 -5.43 -1.30 -3.34
N TYR A 86 -5.43 -0.02 -2.96
CA TYR A 86 -5.10 0.49 -1.62
C TYR A 86 -5.87 -0.32 -0.61
N ASN A 87 -7.19 -0.31 -0.66
CA ASN A 87 -8.06 -0.95 0.32
C ASN A 87 -7.78 -2.46 0.47
N MET A 88 -7.15 -3.11 -0.51
CA MET A 88 -6.64 -4.47 -0.35
C MET A 88 -5.29 -4.52 0.37
N SER A 89 -4.23 -3.94 -0.20
CA SER A 89 -2.91 -3.92 0.42
C SER A 89 -2.97 -3.33 1.83
N VAL A 90 -3.67 -2.21 2.03
CA VAL A 90 -3.85 -1.61 3.33
C VAL A 90 -4.45 -2.65 4.27
N THR A 91 -5.53 -3.35 3.92
CA THR A 91 -6.15 -4.33 4.80
C THR A 91 -5.11 -5.33 5.31
N GLU A 92 -4.25 -5.81 4.40
CA GLU A 92 -3.18 -6.75 4.70
C GLU A 92 -2.18 -6.23 5.75
N TYR A 93 -2.16 -4.92 6.04
CA TYR A 93 -1.31 -4.28 7.05
C TYR A 93 -2.08 -3.19 7.83
N ILE A 94 -3.40 -3.34 7.96
CA ILE A 94 -4.30 -2.48 8.73
C ILE A 94 -5.29 -3.35 9.49
N ILE A 95 -6.08 -4.14 8.77
CA ILE A 95 -7.14 -4.95 9.38
C ILE A 95 -6.50 -6.17 10.04
N LYS A 96 -5.48 -6.76 9.42
CA LYS A 96 -4.75 -7.88 10.02
C LYS A 96 -4.09 -7.44 11.33
N PRO A 97 -3.30 -6.36 11.35
CA PRO A 97 -2.78 -5.83 12.61
C PRO A 97 -3.91 -5.26 13.51
N ALA A 98 -5.17 -5.17 13.06
CA ALA A 98 -6.31 -4.84 13.93
C ALA A 98 -6.83 -6.06 14.68
N GLU A 99 -6.24 -7.25 14.53
CA GLU A 99 -6.58 -8.34 15.43
C GLU A 99 -6.19 -7.97 16.86
N GLY A 100 -5.27 -7.00 17.03
CA GLY A 100 -5.18 -6.16 18.20
C GLY A 100 -3.74 -5.70 18.38
N LYS A 101 -3.34 -4.64 17.66
CA LYS A 101 -2.04 -4.00 17.83
C LYS A 101 -2.29 -2.54 18.22
N ASN A 102 -2.33 -2.33 19.54
CA ASN A 102 -2.76 -1.15 20.28
C ASN A 102 -1.69 -0.03 20.24
N ASN A 103 -1.32 0.46 19.06
CA ASN A 103 -0.32 1.48 18.81
C ASN A 103 -0.67 2.85 19.42
N SER A 104 -1.94 3.15 19.71
CA SER A 104 -2.40 4.35 20.43
C SER A 104 -1.62 5.64 20.10
N GLU A 105 -2.02 6.35 19.05
CA GLU A 105 -1.36 7.50 18.41
C GLU A 105 -0.25 7.04 17.49
N LEU A 106 0.54 6.01 17.82
CA LEU A 106 1.58 5.49 16.93
C LEU A 106 0.99 4.94 15.64
N ASN A 107 -0.32 4.67 15.65
CA ASN A 107 -1.14 4.28 14.52
C ASN A 107 -1.44 5.44 13.61
N GLN A 108 -0.89 6.62 13.89
CA GLN A 108 -0.86 7.70 12.94
C GLN A 108 0.25 7.42 11.95
N LEU A 109 1.54 7.59 12.32
CA LEU A 109 2.65 7.67 11.38
C LEU A 109 2.75 6.36 10.62
N ASP A 110 2.67 5.24 11.35
CA ASP A 110 2.80 3.90 10.82
C ASP A 110 1.79 3.69 9.68
N THR A 111 0.56 4.15 9.89
CA THR A 111 -0.55 4.02 8.93
C THR A 111 -0.54 5.13 7.88
N THR A 112 -0.12 6.35 8.23
CA THR A 112 -0.02 7.52 7.38
C THR A 112 0.93 7.18 6.23
N VAL A 113 2.14 6.74 6.56
CA VAL A 113 3.13 6.40 5.56
C VAL A 113 2.66 5.17 4.80
N LYS A 114 2.16 4.11 5.46
CA LYS A 114 1.64 2.96 4.73
C LYS A 114 0.54 3.39 3.75
N SER A 115 -0.30 4.36 4.08
CA SER A 115 -1.28 4.90 3.17
C SER A 115 -0.61 5.57 1.98
N GLN A 116 0.31 6.52 2.21
CA GLN A 116 1.08 7.20 1.18
C GLN A 116 1.74 6.17 0.26
N ILE A 117 2.65 5.36 0.82
CA ILE A 117 3.43 4.43 0.04
C ILE A 117 2.52 3.51 -0.75
N ILE A 118 1.55 2.82 -0.16
CA ILE A 118 0.76 1.84 -0.90
C ILE A 118 -0.03 2.53 -2.02
N ARG A 119 -0.60 3.71 -1.77
CA ARG A 119 -1.27 4.51 -2.81
C ARG A 119 -0.31 4.70 -3.97
N GLU A 120 0.93 5.10 -3.69
CA GLU A 120 1.93 5.32 -4.71
C GLU A 120 2.39 4.02 -5.36
N MET A 121 2.42 2.92 -4.62
CA MET A 121 2.80 1.60 -5.13
C MET A 121 1.75 1.13 -6.12
N CYS A 122 0.51 1.60 -6.00
CA CYS A 122 -0.53 1.30 -6.99
C CYS A 122 -0.18 2.04 -8.29
N ILE A 123 0.18 3.31 -8.17
CA ILE A 123 0.57 4.18 -9.27
C ILE A 123 1.80 3.59 -9.97
N THR A 124 2.80 3.10 -9.22
CA THR A 124 3.98 2.44 -9.76
C THR A 124 3.57 1.21 -10.58
N GLU A 125 2.66 0.36 -10.08
CA GLU A 125 2.19 -0.86 -10.76
C GLU A 125 1.60 -0.46 -12.11
N TYR A 126 0.79 0.60 -12.14
CA TYR A 126 0.22 1.14 -13.37
C TYR A 126 1.32 1.58 -14.33
N ARG A 127 2.23 2.45 -13.88
CA ARG A 127 3.22 3.09 -14.74
C ARG A 127 4.20 2.10 -15.37
N ARG A 128 4.50 1.00 -14.69
CA ARG A 128 5.52 0.05 -15.10
C ARG A 128 4.85 -1.17 -15.73
N GLY A 129 3.72 -1.60 -15.16
CA GLY A 129 2.83 -2.59 -15.72
C GLY A 129 1.98 -2.07 -16.88
N SER A 130 2.18 -0.81 -17.26
CA SER A 130 1.48 -0.10 -18.33
C SER A 130 1.44 -0.95 -19.59
N ILE A 29 -15.94 -5.97 -8.18
CA ILE A 29 -14.61 -6.56 -8.07
C ILE A 29 -14.76 -8.07 -8.23
N GLY A 30 -13.75 -8.72 -8.80
CA GLY A 30 -13.62 -10.18 -8.86
C GLY A 30 -12.86 -10.68 -7.63
N GLY A 31 -11.77 -9.99 -7.29
CA GLY A 31 -10.90 -10.34 -6.18
C GLY A 31 -9.56 -9.64 -6.36
N TYR A 32 -8.55 -10.14 -5.64
CA TYR A 32 -7.25 -9.51 -5.52
C TYR A 32 -6.19 -10.59 -5.68
N MET A 33 -5.21 -10.34 -6.53
CA MET A 33 -4.03 -11.18 -6.62
C MET A 33 -2.82 -10.28 -6.78
N LEU A 34 -1.74 -10.60 -6.09
CA LEU A 34 -0.47 -9.90 -6.21
C LEU A 34 -0.04 -9.97 -7.67
N GLY A 35 0.12 -8.80 -8.28
CA GLY A 35 0.56 -8.66 -9.66
C GLY A 35 2.06 -8.82 -9.66
N ASN A 36 2.76 -7.77 -9.24
CA ASN A 36 4.18 -7.83 -8.93
C ASN A 36 4.52 -6.98 -7.71
N ALA A 37 5.72 -7.20 -7.19
CA ALA A 37 6.29 -6.41 -6.11
C ALA A 37 6.71 -5.03 -6.63
N VAL A 38 7.37 -4.25 -5.77
CA VAL A 38 7.64 -2.84 -6.05
C VAL A 38 9.12 -2.54 -6.16
N GLY A 39 9.93 -3.02 -5.22
CA GLY A 39 11.39 -2.94 -5.32
C GLY A 39 12.00 -2.03 -4.25
N ARG A 40 11.38 -1.96 -3.06
CA ARG A 40 11.83 -1.21 -1.91
C ARG A 40 11.57 0.27 -1.98
N MET A 41 10.88 0.76 -3.01
CA MET A 41 10.56 2.13 -3.37
C MET A 41 11.56 3.16 -2.81
N SER A 42 11.40 3.48 -1.53
CA SER A 42 12.15 4.44 -0.72
C SER A 42 12.57 5.63 -1.58
N TYR A 43 11.56 6.23 -2.21
CA TYR A 43 11.60 7.55 -2.83
C TYR A 43 12.03 8.61 -1.82
N GLN A 44 11.88 9.84 -2.26
CA GLN A 44 12.30 11.04 -1.59
C GLN A 44 11.50 11.28 -0.30
N PHE A 45 10.30 10.69 -0.21
CA PHE A 45 9.28 10.90 0.82
C PHE A 45 8.90 12.38 0.90
N ASN A 46 7.97 12.73 1.78
CA ASN A 46 7.75 14.13 2.07
C ASN A 46 8.75 14.51 3.17
N ASN A 47 8.87 13.68 4.22
CA ASN A 47 9.63 13.95 5.43
C ASN A 47 10.52 12.75 5.72
N PRO A 48 11.69 12.93 6.35
CA PRO A 48 12.63 11.83 6.56
C PRO A 48 12.11 10.78 7.54
N MET A 49 11.23 11.15 8.48
CA MET A 49 10.58 10.27 9.43
C MET A 49 9.82 9.19 8.70
N GLU A 50 9.16 9.53 7.61
CA GLU A 50 8.34 8.61 6.85
C GLU A 50 9.26 7.58 6.18
N SER A 51 10.39 8.05 5.65
CA SER A 51 11.38 7.27 4.94
C SER A 51 12.05 6.27 5.89
N ARG A 52 12.55 6.77 7.02
CA ARG A 52 13.17 5.98 8.05
C ARG A 52 12.16 5.00 8.59
N TYR A 53 10.93 5.44 8.92
CA TYR A 53 9.93 4.55 9.45
C TYR A 53 9.70 3.42 8.46
N TYR A 54 9.47 3.72 7.18
CA TYR A 54 9.26 2.71 6.17
C TYR A 54 10.42 1.72 6.09
N ASN A 55 11.64 2.18 6.31
CA ASN A 55 12.81 1.32 6.27
C ASN A 55 12.87 0.42 7.50
N ASP A 56 12.61 0.94 8.70
CA ASP A 56 12.72 0.17 9.94
C ASP A 56 11.48 -0.69 10.21
N TYR A 57 10.38 -0.44 9.50
CA TYR A 57 9.16 -1.21 9.52
C TYR A 57 8.99 -1.98 8.22
N TYR A 58 10.03 -2.02 7.36
CA TYR A 58 9.96 -2.58 6.03
C TYR A 58 9.42 -4.03 6.07
N ASN A 59 9.80 -4.79 7.11
CA ASN A 59 9.35 -6.17 7.29
C ASN A 59 7.85 -6.29 7.54
N GLN A 60 7.23 -5.33 8.25
CA GLN A 60 5.77 -5.34 8.46
C GLN A 60 5.05 -4.70 7.27
N MET A 61 5.78 -3.90 6.50
CA MET A 61 5.28 -3.14 5.38
C MET A 61 4.93 -4.05 4.20
N PRO A 62 4.25 -3.50 3.19
CA PRO A 62 3.83 -4.25 2.03
C PRO A 62 5.03 -4.48 1.12
N ASN A 63 5.55 -5.70 1.08
CA ASN A 63 6.59 -6.10 0.16
C ASN A 63 6.15 -5.88 -1.30
N ARG A 64 4.85 -6.03 -1.57
CA ARG A 64 4.27 -5.85 -2.90
C ARG A 64 2.94 -5.13 -2.83
N VAL A 65 2.34 -4.89 -3.99
CA VAL A 65 0.95 -4.44 -4.09
C VAL A 65 0.10 -5.63 -4.50
N TYR A 66 -1.19 -5.53 -4.21
CA TYR A 66 -2.14 -6.57 -4.54
C TYR A 66 -2.98 -6.01 -5.70
N ARG A 67 -2.86 -6.57 -6.90
CA ARG A 67 -3.58 -6.09 -8.07
C ARG A 67 -5.07 -6.43 -7.89
N PRO A 68 -5.97 -5.45 -7.82
CA PRO A 68 -7.40 -5.72 -7.91
C PRO A 68 -7.71 -6.23 -9.33
N MET A 69 -8.68 -7.14 -9.44
CA MET A 69 -9.20 -7.63 -10.69
C MET A 69 -10.72 -7.44 -10.67
N TYR A 70 -11.31 -7.24 -11.84
CA TYR A 70 -12.70 -6.86 -12.00
C TYR A 70 -13.28 -7.73 -13.11
N ARG A 71 -14.60 -7.92 -13.15
CA ARG A 71 -15.21 -8.96 -14.02
C ARG A 71 -15.74 -8.39 -15.33
N GLY A 72 -15.46 -7.12 -15.57
CA GLY A 72 -15.85 -6.41 -16.78
C GLY A 72 -15.43 -4.96 -16.71
N GLU A 73 -15.69 -4.33 -15.55
CA GLU A 73 -15.27 -2.98 -15.21
C GLU A 73 -13.79 -3.01 -14.79
N GLU A 74 -12.94 -3.65 -15.60
CA GLU A 74 -11.49 -3.41 -15.58
C GLU A 74 -11.12 -2.08 -16.23
N TYR A 75 -12.04 -1.56 -17.05
CA TYR A 75 -11.87 -0.34 -17.84
C TYR A 75 -12.03 0.90 -16.95
N VAL A 76 -11.62 0.81 -15.69
CA VAL A 76 -11.44 1.95 -14.83
C VAL A 76 -10.23 2.78 -15.31
N SER A 77 -10.03 3.91 -14.67
CA SER A 77 -8.78 4.63 -14.67
C SER A 77 -7.95 4.22 -13.46
N GLU A 78 -6.73 4.79 -13.42
CA GLU A 78 -5.76 4.62 -12.36
C GLU A 78 -6.41 4.98 -11.02
N ASP A 79 -7.31 5.97 -11.00
CA ASP A 79 -7.97 6.44 -9.77
C ASP A 79 -8.78 5.33 -9.10
N ARG A 80 -9.62 4.58 -9.85
CA ARG A 80 -10.35 3.50 -9.18
C ARG A 80 -9.42 2.35 -8.87
N PHE A 81 -8.45 2.05 -9.73
CA PHE A 81 -7.49 0.99 -9.46
C PHE A 81 -6.78 1.27 -8.12
N VAL A 82 -6.34 2.52 -7.94
CA VAL A 82 -5.64 3.03 -6.78
C VAL A 82 -6.49 2.90 -5.51
N ARG A 83 -7.73 3.41 -5.52
CA ARG A 83 -8.57 3.28 -4.32
C ARG A 83 -8.77 1.81 -4.02
N ASP A 84 -8.99 0.95 -5.01
CA ASP A 84 -9.47 -0.39 -4.74
C ASP A 84 -8.36 -1.29 -4.24
N CYS A 85 -7.16 -1.15 -4.82
CA CYS A 85 -5.94 -1.74 -4.29
C CYS A 85 -5.74 -1.28 -2.84
N TYR A 86 -5.78 0.04 -2.61
CA TYR A 86 -5.59 0.64 -1.30
C TYR A 86 -6.61 0.13 -0.28
N ASN A 87 -7.90 0.05 -0.64
CA ASN A 87 -8.99 -0.39 0.24
C ASN A 87 -8.67 -1.76 0.83
N MET A 88 -8.14 -2.66 -0.01
CA MET A 88 -7.67 -3.96 0.43
C MET A 88 -6.34 -3.87 1.16
N SER A 89 -5.28 -3.35 0.54
CA SER A 89 -3.97 -3.30 1.13
C SER A 89 -3.96 -2.63 2.51
N VAL A 90 -4.78 -1.60 2.76
CA VAL A 90 -5.03 -1.09 4.09
C VAL A 90 -5.43 -2.26 4.97
N THR A 91 -6.61 -2.84 4.74
CA THR A 91 -7.17 -3.86 5.61
C THR A 91 -6.17 -5.01 5.82
N GLU A 92 -5.55 -5.48 4.76
CA GLU A 92 -4.64 -6.60 4.74
C GLU A 92 -3.41 -6.36 5.63
N TYR A 93 -3.10 -5.11 5.99
CA TYR A 93 -2.04 -4.78 6.93
C TYR A 93 -2.48 -3.69 7.92
N ILE A 94 -3.77 -3.61 8.28
CA ILE A 94 -4.31 -2.78 9.36
C ILE A 94 -5.22 -3.64 10.23
N ILE A 95 -6.18 -4.35 9.64
CA ILE A 95 -7.14 -5.17 10.37
C ILE A 95 -6.46 -6.48 10.77
N LYS A 96 -5.67 -7.06 9.87
CA LYS A 96 -4.93 -8.29 10.12
C LYS A 96 -3.87 -8.13 11.22
N PRO A 97 -3.11 -7.02 11.30
CA PRO A 97 -2.27 -6.77 12.45
C PRO A 97 -3.08 -6.35 13.68
N ALA A 98 -4.32 -5.83 13.55
CA ALA A 98 -5.07 -5.31 14.71
C ALA A 98 -5.34 -6.38 15.76
N GLU A 99 -5.24 -7.65 15.38
CA GLU A 99 -5.33 -8.85 16.20
C GLU A 99 -4.51 -8.76 17.48
N GLY A 100 -3.38 -8.05 17.41
CA GLY A 100 -2.62 -7.63 18.59
C GLY A 100 -1.94 -6.26 18.50
N LYS A 101 -1.91 -5.61 17.35
CA LYS A 101 -1.13 -4.38 17.13
C LYS A 101 -1.90 -3.14 17.53
N ASN A 102 -2.00 -2.98 18.84
CA ASN A 102 -2.29 -1.70 19.46
C ASN A 102 -1.17 -0.74 19.08
N ASN A 103 -1.50 0.45 18.59
CA ASN A 103 -0.61 1.57 18.35
C ASN A 103 -1.53 2.78 18.51
N SER A 104 -2.10 2.97 19.69
CA SER A 104 -3.00 4.07 19.99
C SER A 104 -2.25 5.36 19.71
N GLU A 105 -2.69 6.06 18.66
CA GLU A 105 -2.13 7.29 18.11
C GLU A 105 -0.86 6.97 17.33
N LEU A 106 0.00 6.07 17.82
CA LEU A 106 1.25 5.69 17.16
C LEU A 106 1.03 5.11 15.76
N ASN A 107 -0.19 4.64 15.52
CA ASN A 107 -0.67 4.17 14.25
C ASN A 107 -0.71 5.26 13.22
N GLN A 108 -0.59 6.53 13.60
CA GLN A 108 -0.81 7.60 12.69
C GLN A 108 0.38 7.75 11.77
N LEU A 109 1.62 7.77 12.29
CA LEU A 109 2.80 7.89 11.43
C LEU A 109 2.88 6.61 10.58
N ASP A 110 2.63 5.46 11.22
CA ASP A 110 2.54 4.15 10.57
C ASP A 110 1.56 4.17 9.40
N THR A 111 0.34 4.65 9.61
CA THR A 111 -0.69 4.66 8.58
C THR A 111 -0.44 5.79 7.58
N THR A 112 0.09 6.94 7.99
CA THR A 112 0.43 8.04 7.10
C THR A 112 1.47 7.58 6.08
N VAL A 113 2.48 6.82 6.52
CA VAL A 113 3.44 6.19 5.63
C VAL A 113 2.71 5.15 4.80
N LYS A 114 2.06 4.15 5.41
CA LYS A 114 1.43 3.08 4.63
C LYS A 114 0.38 3.63 3.66
N SER A 115 -0.26 4.75 3.93
CA SER A 115 -1.22 5.38 3.05
C SER A 115 -0.46 5.89 1.83
N GLN A 116 0.49 6.80 2.06
CA GLN A 116 1.22 7.49 1.01
C GLN A 116 1.98 6.51 0.11
N ILE A 117 2.62 5.49 0.69
CA ILE A 117 3.38 4.47 -0.03
C ILE A 117 2.47 3.47 -0.74
N ILE A 118 1.39 2.95 -0.13
CA ILE A 118 0.55 1.95 -0.81
C ILE A 118 -0.10 2.65 -2.00
N ARG A 119 -0.67 3.83 -1.81
CA ARG A 119 -1.30 4.58 -2.89
C ARG A 119 -0.32 4.83 -4.03
N GLU A 120 0.93 5.16 -3.73
CA GLU A 120 1.94 5.34 -4.73
C GLU A 120 2.27 3.99 -5.39
N MET A 121 2.48 2.93 -4.63
CA MET A 121 2.89 1.63 -5.13
C MET A 121 1.86 1.14 -6.16
N CYS A 122 0.57 1.49 -6.00
CA CYS A 122 -0.48 1.26 -6.98
C CYS A 122 -0.26 2.05 -8.28
N ILE A 123 0.19 3.31 -8.17
CA ILE A 123 0.49 4.20 -9.30
C ILE A 123 1.71 3.67 -10.04
N THR A 124 2.78 3.40 -9.28
CA THR A 124 4.00 2.77 -9.74
C THR A 124 3.67 1.47 -10.49
N GLU A 125 2.77 0.60 -10.02
CA GLU A 125 2.51 -0.67 -10.70
C GLU A 125 1.90 -0.43 -12.10
N TYR A 126 1.29 0.72 -12.38
CA TYR A 126 1.10 1.12 -13.76
C TYR A 126 2.37 1.70 -14.37
N ARG A 127 2.89 2.83 -13.90
CA ARG A 127 3.99 3.55 -14.56
C ARG A 127 5.20 2.67 -14.86
N ARG A 128 5.61 1.81 -13.93
CA ARG A 128 6.75 0.93 -14.00
C ARG A 128 6.33 -0.47 -14.43
N GLY A 129 5.14 -0.94 -14.02
CA GLY A 129 4.68 -2.25 -14.42
C GLY A 129 4.36 -2.29 -15.91
N SER A 130 4.17 -1.12 -16.51
CA SER A 130 3.76 -0.90 -17.91
C SER A 130 4.48 -1.86 -18.86
N ILE A 29 -13.92 -6.47 -4.16
CA ILE A 29 -13.14 -7.30 -5.08
C ILE A 29 -13.54 -8.79 -4.87
N GLY A 30 -12.97 -9.70 -5.66
CA GLY A 30 -13.27 -11.12 -5.58
C GLY A 30 -12.20 -12.00 -6.20
N GLY A 31 -11.00 -11.48 -6.45
CA GLY A 31 -9.90 -12.23 -7.02
C GLY A 31 -8.64 -11.40 -6.88
N TYR A 32 -7.53 -12.09 -6.57
CA TYR A 32 -6.27 -11.47 -6.23
C TYR A 32 -5.17 -12.48 -6.53
N MET A 33 -4.05 -12.08 -7.12
CA MET A 33 -2.94 -12.97 -7.49
C MET A 33 -1.57 -12.34 -7.21
N LEU A 34 -1.54 -11.02 -7.09
CA LEU A 34 -0.41 -10.11 -7.01
C LEU A 34 0.17 -9.83 -8.39
N GLY A 35 0.73 -8.63 -8.53
CA GLY A 35 1.52 -8.24 -9.69
C GLY A 35 2.99 -8.37 -9.31
N ASN A 36 3.58 -7.29 -8.78
CA ASN A 36 4.92 -7.29 -8.21
C ASN A 36 4.87 -6.83 -6.76
N ALA A 37 6.03 -6.89 -6.09
CA ALA A 37 6.28 -6.30 -4.79
C ALA A 37 7.05 -4.97 -4.98
N VAL A 38 7.59 -4.37 -3.91
CA VAL A 38 8.50 -3.23 -3.99
C VAL A 38 9.77 -3.48 -3.17
N GLY A 39 9.62 -3.89 -1.92
CA GLY A 39 10.65 -4.07 -0.92
C GLY A 39 11.11 -2.69 -0.48
N ARG A 40 11.98 -2.10 -1.28
CA ARG A 40 12.67 -0.85 -0.99
C ARG A 40 12.29 0.14 -2.06
N MET A 41 11.03 0.60 -1.98
CA MET A 41 10.41 1.46 -2.99
C MET A 41 11.22 2.72 -3.30
N SER A 42 11.67 3.41 -2.25
CA SER A 42 12.48 4.62 -2.33
C SER A 42 11.78 5.76 -3.10
N TYR A 43 10.44 5.76 -3.14
CA TYR A 43 9.65 6.84 -3.72
C TYR A 43 9.94 8.16 -3.04
N GLN A 44 9.47 9.22 -3.70
CA GLN A 44 9.66 10.60 -3.32
C GLN A 44 8.75 10.96 -2.14
N PHE A 45 9.08 10.47 -0.93
CA PHE A 45 8.35 10.81 0.30
C PHE A 45 8.32 12.33 0.50
N ASN A 46 7.35 12.81 1.26
CA ASN A 46 7.21 14.23 1.54
C ASN A 46 8.09 14.62 2.71
N ASN A 47 8.17 13.79 3.76
CA ASN A 47 8.89 14.15 4.97
C ASN A 47 9.71 12.95 5.40
N PRO A 48 10.89 13.20 6.00
CA PRO A 48 11.84 12.14 6.26
C PRO A 48 11.39 11.22 7.40
N MET A 49 10.50 11.67 8.29
CA MET A 49 9.88 10.79 9.27
C MET A 49 9.20 9.64 8.54
N GLU A 50 8.48 9.90 7.45
CA GLU A 50 7.71 8.84 6.81
C GLU A 50 8.66 7.84 6.16
N SER A 51 9.74 8.34 5.56
CA SER A 51 10.81 7.57 4.93
C SER A 51 11.48 6.66 5.97
N ARG A 52 11.93 7.24 7.08
CA ARG A 52 12.57 6.58 8.19
C ARG A 52 11.64 5.53 8.76
N TYR A 53 10.35 5.80 8.87
CA TYR A 53 9.42 4.81 9.36
C TYR A 53 9.46 3.63 8.41
N TYR A 54 9.32 3.86 7.10
CA TYR A 54 9.32 2.78 6.12
C TYR A 54 10.63 1.98 6.10
N ASN A 55 11.70 2.48 6.75
CA ASN A 55 12.98 1.81 6.83
C ASN A 55 13.14 1.10 8.17
N ASP A 56 12.82 1.74 9.30
CA ASP A 56 12.90 1.13 10.62
C ASP A 56 11.89 0.01 10.78
N TYR A 57 10.71 0.21 10.22
CA TYR A 57 9.59 -0.71 10.19
C TYR A 57 9.63 -1.61 8.96
N TYR A 58 10.72 -1.60 8.18
CA TYR A 58 10.83 -2.39 6.97
C TYR A 58 10.50 -3.88 7.22
N ASN A 59 10.83 -4.40 8.40
CA ASN A 59 10.54 -5.78 8.78
C ASN A 59 9.03 -6.05 8.96
N GLN A 60 8.21 -4.99 9.05
CA GLN A 60 6.76 -4.97 9.18
C GLN A 60 6.07 -4.31 7.97
N MET A 61 6.82 -3.89 6.95
CA MET A 61 6.24 -3.21 5.79
C MET A 61 5.41 -4.18 4.92
N PRO A 62 4.59 -3.64 3.99
CA PRO A 62 3.93 -4.42 2.95
C PRO A 62 4.90 -5.37 2.28
N ASN A 63 4.49 -6.63 2.11
CA ASN A 63 5.27 -7.61 1.41
C ASN A 63 5.31 -7.22 -0.05
N ARG A 64 4.14 -6.94 -0.65
CA ARG A 64 3.98 -6.61 -2.05
C ARG A 64 2.76 -5.74 -2.29
N VAL A 65 2.49 -5.29 -3.53
CA VAL A 65 1.47 -4.25 -3.71
C VAL A 65 0.08 -4.80 -3.95
N TYR A 66 0.04 -6.04 -4.44
CA TYR A 66 -1.11 -6.77 -4.94
C TYR A 66 -1.79 -6.11 -6.14
N ARG A 67 -2.56 -6.91 -6.88
CA ARG A 67 -3.37 -6.49 -7.99
C ARG A 67 -4.78 -7.00 -7.76
N PRO A 68 -5.72 -6.20 -7.22
CA PRO A 68 -7.13 -6.54 -7.31
C PRO A 68 -7.48 -6.71 -8.79
N MET A 69 -7.99 -7.88 -9.17
CA MET A 69 -8.24 -8.20 -10.58
C MET A 69 -9.69 -7.95 -11.02
N TYR A 70 -10.50 -7.55 -10.04
CA TYR A 70 -11.93 -7.21 -10.04
C TYR A 70 -12.82 -8.29 -10.67
N ARG A 71 -14.02 -8.48 -10.11
CA ARG A 71 -14.94 -9.51 -10.66
C ARG A 71 -15.56 -9.12 -11.99
N GLY A 72 -15.49 -7.84 -12.29
CA GLY A 72 -16.06 -7.20 -13.46
C GLY A 72 -15.06 -6.24 -14.09
N GLU A 73 -14.38 -5.45 -13.26
CA GLU A 73 -13.65 -4.21 -13.45
C GLU A 73 -14.61 -3.14 -13.95
N GLU A 74 -15.20 -3.40 -15.10
CA GLU A 74 -16.05 -2.53 -15.88
C GLU A 74 -15.40 -1.15 -16.10
N TYR A 75 -14.33 -1.14 -16.91
CA TYR A 75 -13.60 0.03 -17.37
C TYR A 75 -13.27 0.99 -16.22
N VAL A 76 -12.40 0.51 -15.32
CA VAL A 76 -11.77 1.31 -14.31
C VAL A 76 -10.84 2.33 -15.00
N SER A 77 -10.47 3.33 -14.22
CA SER A 77 -9.54 4.38 -14.53
C SER A 77 -8.64 4.57 -13.30
N GLU A 78 -7.56 5.34 -13.45
CA GLU A 78 -6.41 5.25 -12.54
C GLU A 78 -6.79 5.60 -11.10
N ASP A 79 -7.77 6.48 -10.91
CA ASP A 79 -8.23 6.85 -9.58
C ASP A 79 -8.91 5.67 -8.90
N ARG A 80 -9.85 5.01 -9.58
CA ARG A 80 -10.47 3.77 -9.08
C ARG A 80 -9.40 2.71 -8.83
N PHE A 81 -8.49 2.54 -9.79
CA PHE A 81 -7.41 1.56 -9.67
C PHE A 81 -6.62 1.83 -8.39
N VAL A 82 -6.26 3.10 -8.15
CA VAL A 82 -5.55 3.50 -6.96
C VAL A 82 -6.42 3.21 -5.75
N ARG A 83 -7.64 3.75 -5.62
CA ARG A 83 -8.40 3.59 -4.37
C ARG A 83 -8.64 2.12 -4.05
N ASP A 84 -8.95 1.30 -5.05
CA ASP A 84 -9.37 -0.06 -4.78
C ASP A 84 -8.15 -0.92 -4.50
N CYS A 85 -7.04 -0.71 -5.22
CA CYS A 85 -5.77 -1.38 -4.93
C CYS A 85 -5.24 -0.95 -3.57
N TYR A 86 -5.30 0.34 -3.28
CA TYR A 86 -5.02 0.92 -1.98
C TYR A 86 -5.82 0.14 -0.96
N ASN A 87 -7.15 0.21 -0.97
CA ASN A 87 -7.98 -0.35 0.09
C ASN A 87 -7.81 -1.87 0.23
N MET A 88 -7.49 -2.59 -0.85
CA MET A 88 -7.14 -4.01 -0.81
C MET A 88 -5.83 -4.16 -0.03
N SER A 89 -4.74 -3.62 -0.53
CA SER A 89 -3.42 -3.77 0.06
C SER A 89 -3.35 -3.15 1.46
N VAL A 90 -4.06 -2.04 1.73
CA VAL A 90 -4.16 -1.49 3.07
C VAL A 90 -4.80 -2.56 3.94
N THR A 91 -5.93 -3.15 3.57
CA THR A 91 -6.61 -4.13 4.40
C THR A 91 -5.66 -5.28 4.76
N GLU A 92 -4.91 -5.80 3.79
CA GLU A 92 -3.94 -6.88 3.99
C GLU A 92 -2.93 -6.56 5.08
N TYR A 93 -2.67 -5.28 5.38
CA TYR A 93 -1.71 -4.87 6.38
C TYR A 93 -2.26 -3.76 7.29
N ILE A 94 -3.58 -3.70 7.49
CA ILE A 94 -4.25 -2.77 8.42
C ILE A 94 -5.31 -3.53 9.22
N ILE A 95 -6.13 -4.34 8.56
CA ILE A 95 -7.16 -5.12 9.23
C ILE A 95 -6.53 -6.40 9.77
N LYS A 96 -5.68 -7.05 8.98
CA LYS A 96 -4.99 -8.27 9.40
C LYS A 96 -4.07 -8.07 10.60
N PRO A 97 -3.43 -6.90 10.78
CA PRO A 97 -2.74 -6.55 12.01
C PRO A 97 -3.66 -5.94 13.08
N ALA A 98 -4.94 -5.66 12.79
CA ALA A 98 -5.87 -5.12 13.78
C ALA A 98 -6.19 -6.11 14.88
N GLU A 99 -5.88 -7.40 14.70
CA GLU A 99 -6.27 -8.47 15.64
C GLU A 99 -5.85 -8.17 17.09
N GLY A 100 -4.79 -7.39 17.26
CA GLY A 100 -4.45 -6.83 18.55
C GLY A 100 -3.06 -6.26 18.48
N LYS A 101 -2.93 -4.99 18.11
CA LYS A 101 -1.66 -4.28 18.03
C LYS A 101 -1.87 -2.87 18.59
N ASN A 102 -1.68 -2.69 19.90
CA ASN A 102 -1.87 -1.42 20.59
C ASN A 102 -0.79 -0.46 20.10
N ASN A 103 -1.19 0.66 19.48
CA ASN A 103 -0.38 1.71 18.90
C ASN A 103 -1.18 3.00 19.14
N SER A 104 -1.46 3.25 20.40
CA SER A 104 -2.01 4.50 20.93
C SER A 104 -1.17 5.66 20.42
N GLU A 105 -1.71 6.39 19.44
CA GLU A 105 -1.14 7.54 18.76
C GLU A 105 -0.12 7.08 17.74
N LEU A 106 0.61 6.01 18.02
CA LEU A 106 1.61 5.50 17.09
C LEU A 106 0.97 5.02 15.79
N ASN A 107 -0.31 4.63 15.85
CA ASN A 107 -1.00 4.15 14.69
C ASN A 107 -1.16 5.27 13.70
N GLN A 108 -1.04 6.54 14.09
CA GLN A 108 -1.14 7.65 13.19
C GLN A 108 -0.07 7.57 12.12
N LEU A 109 1.22 7.56 12.50
CA LEU A 109 2.31 7.64 11.56
C LEU A 109 2.40 6.33 10.79
N ASP A 110 2.21 5.18 11.45
CA ASP A 110 2.10 3.88 10.77
C ASP A 110 1.01 3.94 9.69
N THR A 111 -0.21 4.31 10.04
CA THR A 111 -1.35 4.41 9.11
C THR A 111 -1.09 5.43 8.01
N THR A 112 -0.51 6.57 8.36
CA THR A 112 -0.19 7.65 7.47
C THR A 112 0.83 7.13 6.47
N VAL A 113 2.00 6.66 6.90
CA VAL A 113 3.01 6.05 6.05
C VAL A 113 2.34 5.01 5.18
N LYS A 114 1.65 4.03 5.75
CA LYS A 114 1.06 2.95 4.94
C LYS A 114 0.03 3.51 3.95
N SER A 115 -0.67 4.59 4.25
CA SER A 115 -1.52 5.22 3.27
C SER A 115 -0.67 5.82 2.14
N GLN A 116 0.28 6.67 2.53
CA GLN A 116 1.17 7.41 1.67
C GLN A 116 1.86 6.46 0.69
N ILE A 117 2.54 5.44 1.21
CA ILE A 117 3.28 4.48 0.43
C ILE A 117 2.35 3.64 -0.43
N ILE A 118 1.30 3.02 0.12
CA ILE A 118 0.52 2.04 -0.63
C ILE A 118 -0.11 2.72 -1.84
N ARG A 119 -0.62 3.96 -1.69
CA ARG A 119 -1.19 4.69 -2.82
C ARG A 119 -0.19 4.83 -3.96
N GLU A 120 1.07 5.09 -3.63
CA GLU A 120 2.13 5.22 -4.61
C GLU A 120 2.54 3.85 -5.17
N MET A 121 2.58 2.80 -4.35
CA MET A 121 2.90 1.44 -4.77
C MET A 121 1.96 1.02 -5.91
N CYS A 122 0.71 1.50 -5.85
CA CYS A 122 -0.29 1.32 -6.89
C CYS A 122 0.16 2.03 -8.17
N ILE A 123 0.43 3.34 -8.08
CA ILE A 123 0.82 4.19 -9.22
C ILE A 123 2.08 3.63 -9.88
N THR A 124 3.04 3.13 -9.10
CA THR A 124 4.23 2.45 -9.59
C THR A 124 3.88 1.30 -10.51
N GLU A 125 2.86 0.49 -10.18
CA GLU A 125 2.59 -0.71 -10.94
C GLU A 125 2.23 -0.33 -12.38
N TYR A 126 1.44 0.74 -12.54
CA TYR A 126 1.10 1.31 -13.83
C TYR A 126 2.38 1.74 -14.55
N ARG A 127 3.25 2.54 -13.90
CA ARG A 127 4.48 3.06 -14.50
C ARG A 127 5.32 1.94 -15.12
N ARG A 128 5.55 0.85 -14.40
CA ARG A 128 6.36 -0.27 -14.91
C ARG A 128 5.57 -1.20 -15.81
N GLY A 129 4.28 -1.26 -15.54
CA GLY A 129 3.27 -1.92 -16.35
C GLY A 129 3.04 -1.21 -17.69
N SER A 130 3.78 -0.12 -17.94
CA SER A 130 3.65 0.75 -19.09
C SER A 130 4.91 0.75 -19.95
N ILE A 29 -13.88 -8.50 -7.30
CA ILE A 29 -12.53 -8.40 -7.85
C ILE A 29 -11.94 -9.81 -8.08
N GLY A 30 -11.06 -9.93 -9.06
CA GLY A 30 -10.69 -11.18 -9.70
C GLY A 30 -9.73 -12.06 -8.90
N GLY A 31 -9.38 -11.66 -7.67
CA GLY A 31 -8.52 -12.41 -6.76
C GLY A 31 -7.15 -11.75 -6.70
N TYR A 32 -6.76 -11.23 -5.54
CA TYR A 32 -5.52 -10.50 -5.37
C TYR A 32 -4.35 -11.49 -5.39
N MET A 33 -3.54 -11.48 -6.45
CA MET A 33 -2.43 -12.43 -6.60
C MET A 33 -1.08 -11.73 -6.52
N LEU A 34 -1.10 -10.40 -6.40
CA LEU A 34 0.06 -9.52 -6.48
C LEU A 34 0.63 -9.53 -7.89
N GLY A 35 0.95 -8.35 -8.41
CA GLY A 35 1.52 -8.19 -9.74
C GLY A 35 3.03 -8.16 -9.63
N ASN A 36 3.54 -7.08 -9.04
CA ASN A 36 4.97 -6.86 -8.85
C ASN A 36 5.20 -6.17 -7.50
N ALA A 37 6.29 -6.57 -6.82
CA ALA A 37 6.68 -6.06 -5.52
C ALA A 37 7.48 -4.75 -5.65
N VAL A 38 7.93 -4.17 -4.54
CA VAL A 38 8.72 -2.94 -4.51
C VAL A 38 10.08 -3.22 -3.87
N GLY A 39 10.21 -3.28 -2.53
CA GLY A 39 11.45 -3.52 -1.82
C GLY A 39 12.27 -2.25 -1.72
N ARG A 40 12.13 -1.53 -0.60
CA ARG A 40 12.59 -0.15 -0.41
C ARG A 40 12.16 0.73 -1.59
N MET A 41 10.84 0.84 -1.72
CA MET A 41 10.11 1.74 -2.60
C MET A 41 10.70 3.15 -2.68
N SER A 42 11.10 3.69 -1.54
CA SER A 42 11.92 4.91 -1.42
C SER A 42 11.31 6.15 -2.10
N TYR A 43 10.01 6.16 -2.35
CA TYR A 43 9.29 7.25 -3.00
C TYR A 43 9.30 8.56 -2.20
N GLN A 44 8.72 9.59 -2.82
CA GLN A 44 8.66 10.95 -2.36
C GLN A 44 7.53 11.07 -1.35
N PHE A 45 7.84 10.81 -0.08
CA PHE A 45 6.92 11.02 1.02
C PHE A 45 6.62 12.51 1.17
N ASN A 46 5.48 12.84 1.79
CA ASN A 46 5.18 14.24 2.08
C ASN A 46 6.07 14.72 3.20
N ASN A 47 6.39 13.84 4.15
CA ASN A 47 7.13 14.21 5.32
C ASN A 47 8.25 13.21 5.51
N PRO A 48 9.44 13.64 5.94
CA PRO A 48 10.55 12.73 6.17
C PRO A 48 10.24 11.80 7.34
N MET A 49 9.26 12.16 8.17
CA MET A 49 8.71 11.34 9.23
C MET A 49 8.15 10.04 8.68
N GLU A 50 7.46 10.05 7.54
CA GLU A 50 6.93 8.85 6.92
C GLU A 50 8.10 8.01 6.44
N SER A 51 9.08 8.65 5.79
CA SER A 51 10.23 8.00 5.18
C SER A 51 11.07 7.28 6.25
N ARG A 52 11.33 7.97 7.35
CA ARG A 52 11.95 7.49 8.57
C ARG A 52 11.08 6.41 9.17
N TYR A 53 9.79 6.65 9.40
CA TYR A 53 8.96 5.67 10.09
C TYR A 53 9.08 4.33 9.37
N TYR A 54 9.14 4.35 8.02
CA TYR A 54 9.30 3.16 7.22
C TYR A 54 10.66 2.50 7.26
N ASN A 55 11.70 3.25 7.56
CA ASN A 55 13.06 2.74 7.65
C ASN A 55 13.30 1.86 8.88
N ASP A 56 12.49 2.12 9.89
CA ASP A 56 12.63 1.58 11.26
C ASP A 56 11.60 0.49 11.49
N TYR A 57 10.51 0.56 10.74
CA TYR A 57 9.46 -0.44 10.74
C TYR A 57 9.68 -1.40 9.57
N TYR A 58 10.81 -1.28 8.85
CA TYR A 58 11.04 -1.95 7.59
C TYR A 58 10.76 -3.45 7.70
N ASN A 59 11.15 -4.10 8.80
CA ASN A 59 10.94 -5.54 8.98
C ASN A 59 9.50 -5.92 9.38
N GLN A 60 8.55 -4.98 9.35
CA GLN A 60 7.11 -5.14 9.56
C GLN A 60 6.29 -4.57 8.39
N MET A 61 6.96 -4.09 7.34
CA MET A 61 6.41 -3.22 6.31
C MET A 61 6.17 -3.96 4.98
N PRO A 62 5.37 -3.39 4.06
CA PRO A 62 5.04 -4.04 2.80
C PRO A 62 6.28 -4.05 1.90
N ASN A 63 6.73 -5.26 1.54
CA ASN A 63 7.72 -5.46 0.51
C ASN A 63 7.05 -5.32 -0.86
N ARG A 64 5.88 -5.94 -1.04
CA ARG A 64 5.19 -5.99 -2.33
C ARG A 64 3.91 -5.16 -2.40
N VAL A 65 3.16 -5.20 -3.51
CA VAL A 65 1.83 -4.58 -3.62
C VAL A 65 0.89 -5.62 -4.24
N TYR A 66 -0.43 -5.42 -4.18
CA TYR A 66 -1.43 -6.42 -4.56
C TYR A 66 -2.40 -5.90 -5.64
N ARG A 67 -2.20 -6.23 -6.92
CA ARG A 67 -3.13 -5.90 -8.00
C ARG A 67 -4.56 -6.36 -7.69
N PRO A 68 -5.58 -5.47 -7.61
CA PRO A 68 -6.96 -5.85 -7.84
C PRO A 68 -7.12 -6.11 -9.34
N MET A 69 -6.86 -7.35 -9.78
CA MET A 69 -7.16 -7.74 -11.14
C MET A 69 -8.68 -7.74 -11.30
N TYR A 70 -9.25 -7.03 -12.26
CA TYR A 70 -10.68 -7.11 -12.55
C TYR A 70 -10.91 -8.22 -13.57
N ARG A 71 -12.17 -8.66 -13.73
CA ARG A 71 -12.58 -9.72 -14.65
C ARG A 71 -13.61 -9.29 -15.68
N GLY A 72 -14.08 -8.06 -15.55
CA GLY A 72 -15.01 -7.46 -16.48
C GLY A 72 -15.34 -6.05 -16.05
N GLU A 73 -14.39 -5.14 -16.16
CA GLU A 73 -14.57 -3.73 -15.92
C GLU A 73 -13.78 -3.00 -16.99
N GLU A 74 -14.41 -2.76 -18.13
CA GLU A 74 -13.88 -1.89 -19.20
C GLU A 74 -13.94 -0.38 -18.83
N TYR A 75 -13.81 -0.10 -17.54
CA TYR A 75 -13.98 1.20 -16.93
C TYR A 75 -12.82 1.40 -15.96
N VAL A 76 -13.04 2.19 -14.91
CA VAL A 76 -12.06 2.62 -13.93
C VAL A 76 -11.07 3.60 -14.60
N SER A 77 -10.26 4.25 -13.78
CA SER A 77 -9.23 5.21 -14.12
C SER A 77 -8.02 4.89 -13.24
N GLU A 78 -6.88 5.54 -13.45
CA GLU A 78 -5.75 5.39 -12.53
C GLU A 78 -6.15 5.85 -11.12
N ASP A 79 -7.06 6.82 -10.97
CA ASP A 79 -7.64 7.21 -9.68
C ASP A 79 -8.47 6.07 -9.09
N ARG A 80 -9.49 5.57 -9.80
CA ARG A 80 -10.32 4.48 -9.28
C ARG A 80 -9.48 3.24 -8.96
N PHE A 81 -8.48 2.90 -9.79
CA PHE A 81 -7.58 1.79 -9.52
C PHE A 81 -6.82 2.06 -8.22
N VAL A 82 -6.23 3.26 -8.06
CA VAL A 82 -5.52 3.61 -6.84
C VAL A 82 -6.47 3.42 -5.66
N ARG A 83 -7.64 4.07 -5.61
CA ARG A 83 -8.51 3.93 -4.42
C ARG A 83 -8.87 2.49 -4.15
N ASP A 84 -9.20 1.66 -5.15
CA ASP A 84 -9.66 0.30 -4.91
C ASP A 84 -8.50 -0.55 -4.40
N CYS A 85 -7.35 -0.47 -5.09
CA CYS A 85 -6.13 -1.18 -4.71
C CYS A 85 -5.71 -0.75 -3.31
N TYR A 86 -5.72 0.56 -3.05
CA TYR A 86 -5.45 1.21 -1.78
C TYR A 86 -6.37 0.65 -0.70
N ASN A 87 -7.68 0.61 -0.95
CA ASN A 87 -8.72 0.31 0.02
C ASN A 87 -8.68 -1.16 0.44
N MET A 88 -8.24 -2.06 -0.43
CA MET A 88 -7.95 -3.44 -0.05
C MET A 88 -6.59 -3.49 0.66
N SER A 89 -5.55 -2.94 0.05
CA SER A 89 -4.17 -3.00 0.54
C SER A 89 -4.04 -2.61 2.01
N VAL A 90 -4.61 -1.47 2.39
CA VAL A 90 -4.62 -1.00 3.76
C VAL A 90 -5.08 -2.10 4.71
N THR A 91 -6.22 -2.72 4.44
CA THR A 91 -6.77 -3.75 5.29
C THR A 91 -5.75 -4.88 5.49
N GLU A 92 -5.07 -5.29 4.41
CA GLU A 92 -4.05 -6.34 4.43
C GLU A 92 -2.89 -6.01 5.39
N TYR A 93 -2.72 -4.74 5.78
CA TYR A 93 -1.69 -4.32 6.73
C TYR A 93 -2.25 -3.33 7.76
N ILE A 94 -3.55 -3.42 8.07
CA ILE A 94 -4.20 -2.78 9.21
C ILE A 94 -5.05 -3.81 9.93
N ILE A 95 -6.05 -4.40 9.28
CA ILE A 95 -7.01 -5.29 9.96
C ILE A 95 -6.32 -6.62 10.34
N LYS A 96 -5.18 -6.92 9.71
CA LYS A 96 -4.37 -8.11 9.92
C LYS A 96 -3.31 -7.93 11.00
N PRO A 97 -2.57 -6.81 11.07
CA PRO A 97 -1.77 -6.53 12.24
C PRO A 97 -2.69 -6.28 13.45
N ALA A 98 -3.91 -5.77 13.24
CA ALA A 98 -4.89 -5.51 14.30
C ALA A 98 -5.38 -6.78 15.02
N GLU A 99 -4.92 -7.97 14.62
CA GLU A 99 -5.25 -9.19 15.33
C GLU A 99 -4.80 -9.04 16.79
N GLY A 100 -3.62 -8.43 17.00
CA GLY A 100 -3.13 -8.13 18.33
C GLY A 100 -1.88 -7.24 18.27
N LYS A 101 -1.95 -6.07 17.65
CA LYS A 101 -0.86 -5.11 17.58
C LYS A 101 -1.40 -3.68 17.66
N ASN A 102 -1.71 -3.20 18.85
CA ASN A 102 -2.06 -1.79 19.03
C ASN A 102 -0.81 -0.94 18.81
N ASN A 103 -0.94 0.29 18.31
CA ASN A 103 0.12 1.27 18.18
C ASN A 103 -0.51 2.56 18.67
N SER A 104 -0.76 2.69 19.98
CA SER A 104 -1.58 3.79 20.49
C SER A 104 -1.02 5.12 20.03
N GLU A 105 -1.76 5.82 19.18
CA GLU A 105 -1.50 7.16 18.64
C GLU A 105 -0.48 7.10 17.50
N LEU A 106 0.45 6.16 17.57
CA LEU A 106 1.36 5.79 16.50
C LEU A 106 0.64 5.22 15.29
N ASN A 107 -0.63 4.88 15.49
CA ASN A 107 -1.62 4.42 14.56
C ASN A 107 -2.03 5.57 13.66
N GLN A 108 -1.72 6.82 14.03
CA GLN A 108 -1.80 7.92 13.12
C GLN A 108 -0.63 7.87 12.15
N LEU A 109 0.61 7.87 12.67
CA LEU A 109 1.81 8.06 11.84
C LEU A 109 1.90 6.91 10.90
N ASP A 110 1.72 5.68 11.38
CA ASP A 110 1.72 4.51 10.51
C ASP A 110 0.64 4.64 9.47
N THR A 111 -0.63 4.87 9.81
CA THR A 111 -1.70 5.03 8.82
C THR A 111 -1.37 6.13 7.80
N THR A 112 -0.77 7.24 8.22
CA THR A 112 -0.28 8.28 7.35
C THR A 112 0.76 7.68 6.39
N VAL A 113 1.91 7.19 6.86
CA VAL A 113 2.95 6.61 5.99
C VAL A 113 2.33 5.52 5.11
N LYS A 114 1.52 4.64 5.69
CA LYS A 114 0.80 3.50 5.09
C LYS A 114 -0.04 3.98 3.91
N SER A 115 -0.86 5.00 4.10
CA SER A 115 -1.69 5.56 3.05
C SER A 115 -0.81 6.10 1.92
N GLN A 116 0.24 6.85 2.27
CA GLN A 116 1.17 7.47 1.35
C GLN A 116 1.88 6.41 0.52
N ILE A 117 2.44 5.39 1.20
CA ILE A 117 3.14 4.31 0.54
C ILE A 117 2.18 3.60 -0.39
N ILE A 118 1.06 3.08 0.11
CA ILE A 118 0.20 2.23 -0.70
C ILE A 118 -0.29 3.00 -1.92
N ARG A 119 -0.65 4.29 -1.78
CA ARG A 119 -1.01 5.12 -2.92
C ARG A 119 0.08 5.04 -3.99
N GLU A 120 1.33 5.31 -3.64
CA GLU A 120 2.41 5.24 -4.60
C GLU A 120 2.64 3.83 -5.14
N MET A 121 2.53 2.83 -4.27
CA MET A 121 2.72 1.43 -4.61
C MET A 121 1.72 1.04 -5.71
N CYS A 122 0.50 1.57 -5.63
CA CYS A 122 -0.53 1.29 -6.63
C CYS A 122 -0.07 1.84 -7.99
N ILE A 123 0.39 3.09 -7.98
CA ILE A 123 0.90 3.77 -9.16
C ILE A 123 2.11 3.00 -9.73
N THR A 124 2.98 2.44 -8.87
CA THR A 124 4.11 1.61 -9.28
C THR A 124 3.64 0.39 -10.09
N GLU A 125 2.58 -0.29 -9.66
CA GLU A 125 2.22 -1.58 -10.24
C GLU A 125 1.77 -1.38 -11.68
N TYR A 126 1.05 -0.27 -11.93
CA TYR A 126 0.69 0.20 -13.27
C TYR A 126 1.94 0.38 -14.10
N ARG A 127 2.86 1.22 -13.62
CA ARG A 127 4.06 1.66 -14.32
C ARG A 127 5.01 0.51 -14.67
N ARG A 128 5.18 -0.47 -13.78
CA ARG A 128 6.03 -1.62 -14.07
C ARG A 128 5.27 -2.70 -14.82
N GLY A 129 3.95 -2.67 -14.77
CA GLY A 129 3.08 -3.48 -15.60
C GLY A 129 2.79 -2.79 -16.94
N SER A 130 3.46 -1.68 -17.21
CA SER A 130 3.24 -0.88 -18.41
C SER A 130 3.82 -1.61 -19.61
N ILE A 29 -14.25 -8.08 -7.85
CA ILE A 29 -12.89 -8.64 -7.95
C ILE A 29 -12.97 -10.16 -8.15
N GLY A 30 -12.11 -10.69 -9.04
CA GLY A 30 -12.21 -12.09 -9.47
C GLY A 30 -11.60 -13.06 -8.45
N GLY A 31 -10.60 -12.59 -7.72
CA GLY A 31 -9.80 -13.36 -6.80
C GLY A 31 -8.51 -12.59 -6.57
N TYR A 32 -7.61 -13.14 -5.77
CA TYR A 32 -6.35 -12.51 -5.39
C TYR A 32 -5.21 -13.38 -5.93
N MET A 33 -4.06 -12.76 -6.23
CA MET A 33 -2.86 -13.45 -6.70
C MET A 33 -1.59 -12.62 -6.50
N LEU A 34 -1.76 -11.35 -6.13
CA LEU A 34 -0.83 -10.24 -6.13
C LEU A 34 -0.25 -9.92 -7.52
N GLY A 35 0.13 -8.65 -7.68
CA GLY A 35 0.82 -8.17 -8.86
C GLY A 35 2.28 -8.57 -8.74
N ASN A 36 3.11 -7.64 -8.27
CA ASN A 36 4.51 -7.88 -7.94
C ASN A 36 4.85 -7.14 -6.65
N ALA A 37 5.97 -7.50 -6.06
CA ALA A 37 6.50 -6.87 -4.87
C ALA A 37 7.40 -5.67 -5.19
N VAL A 38 7.66 -4.87 -4.16
CA VAL A 38 8.47 -3.65 -4.23
C VAL A 38 9.65 -3.74 -3.26
N GLY A 39 9.34 -4.23 -2.06
CA GLY A 39 10.23 -4.47 -0.95
C GLY A 39 10.58 -3.16 -0.31
N ARG A 40 11.42 -2.39 -0.98
CA ARG A 40 11.91 -1.09 -0.55
C ARG A 40 11.55 -0.11 -1.65
N MET A 41 10.26 0.19 -1.74
CA MET A 41 9.70 1.08 -2.75
C MET A 41 10.49 2.38 -2.83
N SER A 42 10.69 3.01 -1.68
CA SER A 42 11.51 4.17 -1.44
C SER A 42 11.32 5.28 -2.49
N TYR A 43 10.08 5.55 -2.87
CA TYR A 43 9.76 6.87 -3.39
C TYR A 43 10.10 7.86 -2.28
N GLN A 44 11.23 8.56 -2.45
CA GLN A 44 11.43 9.97 -2.10
C GLN A 44 10.32 10.51 -1.19
N PHE A 45 10.50 10.27 0.11
CA PHE A 45 9.57 10.70 1.14
C PHE A 45 9.69 12.21 1.31
N ASN A 46 8.65 12.80 1.90
CA ASN A 46 8.61 14.23 2.16
C ASN A 46 9.43 14.52 3.41
N ASN A 47 9.33 13.68 4.45
CA ASN A 47 10.01 13.90 5.72
C ASN A 47 10.77 12.63 6.10
N PRO A 48 11.90 12.73 6.81
CA PRO A 48 12.71 11.57 7.13
C PRO A 48 12.03 10.56 8.06
N MET A 49 11.06 10.98 8.88
CA MET A 49 10.33 10.07 9.76
C MET A 49 9.56 9.08 8.90
N GLU A 50 8.99 9.54 7.80
CA GLU A 50 8.12 8.70 6.99
C GLU A 50 8.98 7.62 6.36
N SER A 51 10.23 7.97 6.00
CA SER A 51 11.20 7.05 5.47
C SER A 51 11.69 6.10 6.57
N ARG A 52 12.11 6.60 7.73
CA ARG A 52 12.67 5.78 8.78
C ARG A 52 11.62 4.81 9.26
N TYR A 53 10.38 5.28 9.40
CA TYR A 53 9.32 4.49 9.95
C TYR A 53 9.14 3.30 9.03
N TYR A 54 9.03 3.54 7.72
CA TYR A 54 8.90 2.49 6.73
C TYR A 54 10.03 1.46 6.82
N ASN A 55 11.24 1.90 7.18
CA ASN A 55 12.41 1.05 7.28
C ASN A 55 12.43 0.23 8.56
N ASP A 56 12.10 0.84 9.70
CA ASP A 56 12.10 0.14 10.98
C ASP A 56 10.94 -0.84 11.07
N TYR A 57 9.80 -0.43 10.52
CA TYR A 57 8.55 -1.17 10.52
C TYR A 57 8.45 -2.06 9.29
N TYR A 58 9.53 -2.21 8.54
CA TYR A 58 9.56 -2.96 7.32
C TYR A 58 9.03 -4.38 7.54
N ASN A 59 9.36 -4.99 8.69
CA ASN A 59 8.91 -6.33 9.04
C ASN A 59 7.38 -6.44 9.16
N GLN A 60 6.69 -5.31 9.39
CA GLN A 60 5.24 -5.22 9.51
C GLN A 60 4.61 -4.55 8.28
N MET A 61 5.42 -3.96 7.38
CA MET A 61 4.95 -3.21 6.22
C MET A 61 4.35 -4.17 5.19
N PRO A 62 3.65 -3.66 4.15
CA PRO A 62 3.53 -4.40 2.91
C PRO A 62 4.93 -4.77 2.39
N ASN A 63 5.03 -5.82 1.60
CA ASN A 63 6.22 -6.09 0.80
C ASN A 63 5.86 -5.92 -0.67
N ARG A 64 4.57 -6.11 -0.98
CA ARG A 64 4.02 -6.15 -2.30
C ARG A 64 2.64 -5.53 -2.33
N VAL A 65 2.15 -5.26 -3.54
CA VAL A 65 1.15 -4.22 -3.72
C VAL A 65 -0.30 -4.73 -3.66
N TYR A 66 -0.49 -6.03 -3.82
CA TYR A 66 -1.78 -6.67 -4.06
C TYR A 66 -2.64 -5.92 -5.09
N ARG A 67 -2.11 -5.68 -6.30
CA ARG A 67 -2.91 -5.34 -7.48
C ARG A 67 -3.99 -6.43 -7.64
N PRO A 68 -5.29 -6.15 -7.44
CA PRO A 68 -6.38 -7.11 -7.64
C PRO A 68 -6.51 -7.49 -9.12
N MET A 69 -7.40 -8.44 -9.46
CA MET A 69 -7.82 -8.72 -10.83
C MET A 69 -9.29 -8.33 -10.99
N TYR A 70 -9.60 -7.51 -12.00
CA TYR A 70 -10.96 -7.09 -12.32
C TYR A 70 -11.41 -7.86 -13.55
N ARG A 71 -12.61 -8.44 -13.51
CA ARG A 71 -13.08 -9.39 -14.53
C ARG A 71 -14.07 -8.76 -15.51
N GLY A 72 -14.43 -7.51 -15.26
CA GLY A 72 -15.14 -6.65 -16.19
C GLY A 72 -14.33 -5.38 -16.45
N GLU A 73 -13.66 -4.85 -15.41
CA GLU A 73 -12.95 -3.58 -15.24
C GLU A 73 -13.91 -2.40 -15.34
N GLU A 74 -14.77 -2.43 -16.37
CA GLU A 74 -15.87 -1.51 -16.58
C GLU A 74 -15.38 -0.06 -16.62
N TYR A 75 -14.23 0.12 -17.26
CA TYR A 75 -13.45 1.32 -17.44
C TYR A 75 -13.10 1.96 -16.11
N VAL A 76 -12.09 1.38 -15.47
CA VAL A 76 -11.39 1.95 -14.34
C VAL A 76 -10.63 3.21 -14.82
N SER A 77 -10.02 3.91 -13.89
CA SER A 77 -9.12 5.02 -14.03
C SER A 77 -7.92 4.74 -13.12
N GLU A 78 -6.78 5.43 -13.25
CA GLU A 78 -5.69 5.24 -12.28
C GLU A 78 -6.20 5.51 -10.87
N ASP A 79 -7.05 6.52 -10.66
CA ASP A 79 -7.57 6.81 -9.32
C ASP A 79 -8.49 5.69 -8.82
N ARG A 80 -9.39 5.17 -9.66
CA ARG A 80 -10.25 4.04 -9.29
C ARG A 80 -9.39 2.82 -8.94
N PHE A 81 -8.37 2.51 -9.72
CA PHE A 81 -7.46 1.42 -9.43
C PHE A 81 -6.79 1.68 -8.09
N VAL A 82 -6.25 2.89 -7.91
CA VAL A 82 -5.58 3.29 -6.69
C VAL A 82 -6.50 3.03 -5.52
N ARG A 83 -7.76 3.50 -5.48
CA ARG A 83 -8.58 3.22 -4.29
C ARG A 83 -8.80 1.74 -4.08
N ASP A 84 -9.01 0.95 -5.14
CA ASP A 84 -9.35 -0.46 -5.00
C ASP A 84 -8.18 -1.22 -4.41
N CYS A 85 -6.99 -0.97 -4.96
CA CYS A 85 -5.74 -1.61 -4.57
C CYS A 85 -5.29 -1.07 -3.20
N TYR A 86 -5.46 0.23 -2.98
CA TYR A 86 -5.28 0.92 -1.70
C TYR A 86 -6.08 0.18 -0.66
N ASN A 87 -7.39 0.03 -0.86
CA ASN A 87 -8.33 -0.65 0.04
C ASN A 87 -7.87 -2.05 0.37
N MET A 88 -7.57 -2.86 -0.65
CA MET A 88 -7.16 -4.25 -0.52
C MET A 88 -5.94 -4.34 0.39
N SER A 89 -4.85 -3.64 0.03
CA SER A 89 -3.64 -3.64 0.82
C SER A 89 -3.86 -3.00 2.19
N VAL A 90 -4.65 -1.92 2.29
CA VAL A 90 -5.07 -1.34 3.54
C VAL A 90 -5.60 -2.47 4.40
N THR A 91 -6.68 -3.10 4.03
CA THR A 91 -7.34 -4.04 4.88
C THR A 91 -6.40 -5.16 5.29
N GLU A 92 -5.69 -5.77 4.33
CA GLU A 92 -4.78 -6.88 4.55
C GLU A 92 -3.64 -6.52 5.52
N TYR A 93 -3.35 -5.24 5.69
CA TYR A 93 -2.27 -4.78 6.56
C TYR A 93 -2.74 -3.65 7.50
N ILE A 94 -4.03 -3.58 7.83
CA ILE A 94 -4.62 -2.65 8.79
C ILE A 94 -5.62 -3.41 9.65
N ILE A 95 -6.60 -4.08 9.04
CA ILE A 95 -7.63 -4.79 9.79
C ILE A 95 -6.98 -6.04 10.38
N LYS A 96 -6.20 -6.78 9.59
CA LYS A 96 -5.51 -7.97 10.06
C LYS A 96 -4.60 -7.65 11.24
N PRO A 97 -3.62 -6.75 11.11
CA PRO A 97 -2.79 -6.38 12.25
C PRO A 97 -3.60 -5.69 13.36
N ALA A 98 -4.83 -5.21 13.14
CA ALA A 98 -5.64 -4.57 14.20
C ALA A 98 -5.94 -5.54 15.33
N GLU A 99 -5.83 -6.84 15.07
CA GLU A 99 -5.92 -7.90 16.07
C GLU A 99 -5.04 -7.56 17.28
N GLY A 100 -3.85 -7.02 17.02
CA GLY A 100 -2.92 -6.56 18.02
C GLY A 100 -2.73 -5.04 17.96
N LYS A 101 -2.09 -4.56 16.88
CA LYS A 101 -1.41 -3.27 16.73
C LYS A 101 -1.11 -2.59 18.06
N ASN A 102 -0.10 -3.09 18.77
CA ASN A 102 0.41 -2.53 20.01
C ASN A 102 1.17 -1.23 19.73
N ASN A 103 0.45 -0.17 19.36
CA ASN A 103 0.93 1.15 19.06
C ASN A 103 0.10 2.12 19.88
N SER A 104 -1.22 2.13 19.69
CA SER A 104 -2.19 2.93 20.42
C SER A 104 -1.90 4.42 20.24
N GLU A 105 -2.57 5.05 19.27
CA GLU A 105 -2.35 6.43 18.82
C GLU A 105 -1.04 6.54 18.05
N LEU A 106 -0.01 5.78 18.39
CA LEU A 106 1.22 5.72 17.59
C LEU A 106 0.95 5.16 16.19
N ASN A 107 -0.21 4.53 15.99
CA ASN A 107 -0.61 4.06 14.69
C ASN A 107 -0.88 5.20 13.73
N GLN A 108 -0.92 6.46 14.19
CA GLN A 108 -1.17 7.60 13.35
C GLN A 108 -0.08 7.75 12.28
N LEU A 109 1.20 7.61 12.64
CA LEU A 109 2.35 7.71 11.74
C LEU A 109 2.37 6.49 10.83
N ASP A 110 2.07 5.30 11.36
CA ASP A 110 1.93 4.09 10.56
C ASP A 110 0.88 4.30 9.46
N THR A 111 -0.32 4.73 9.85
CA THR A 111 -1.46 5.00 9.00
C THR A 111 -1.07 5.99 7.90
N THR A 112 -0.49 7.13 8.28
CA THR A 112 -0.01 8.17 7.39
C THR A 112 0.96 7.58 6.38
N VAL A 113 2.06 6.96 6.83
CA VAL A 113 3.09 6.41 5.96
C VAL A 113 2.43 5.40 5.03
N LYS A 114 1.60 4.49 5.53
CA LYS A 114 0.97 3.48 4.70
C LYS A 114 0.05 4.13 3.69
N SER A 115 -0.60 5.25 3.98
CA SER A 115 -1.38 5.96 2.98
C SER A 115 -0.45 6.48 1.89
N GLN A 116 0.61 7.19 2.30
CA GLN A 116 1.56 7.84 1.41
C GLN A 116 2.15 6.81 0.45
N ILE A 117 2.74 5.74 1.01
CA ILE A 117 3.35 4.70 0.21
C ILE A 117 2.31 3.97 -0.62
N ILE A 118 1.25 3.39 -0.04
CA ILE A 118 0.36 2.48 -0.77
C ILE A 118 -0.28 3.23 -1.94
N ARG A 119 -0.66 4.51 -1.79
CA ARG A 119 -1.19 5.29 -2.90
C ARG A 119 -0.22 5.29 -4.08
N GLU A 120 1.09 5.36 -3.83
CA GLU A 120 2.08 5.36 -4.87
C GLU A 120 2.49 3.97 -5.31
N MET A 121 2.51 2.96 -4.43
CA MET A 121 2.77 1.57 -4.81
C MET A 121 1.77 1.13 -5.88
N CYS A 122 0.54 1.65 -5.76
CA CYS A 122 -0.51 1.42 -6.73
C CYS A 122 -0.09 2.03 -8.07
N ILE A 123 0.29 3.32 -8.07
CA ILE A 123 0.69 4.00 -9.30
C ILE A 123 1.95 3.34 -9.88
N THR A 124 2.84 2.78 -9.05
CA THR A 124 4.02 2.05 -9.51
C THR A 124 3.61 0.78 -10.25
N GLU A 125 2.58 0.05 -9.81
CA GLU A 125 2.10 -1.14 -10.52
C GLU A 125 1.74 -0.73 -11.95
N TYR A 126 1.04 0.40 -12.11
CA TYR A 126 0.77 0.93 -13.44
C TYR A 126 2.06 1.32 -14.16
N ARG A 127 2.93 2.15 -13.57
CA ARG A 127 4.14 2.61 -14.25
C ARG A 127 5.01 1.47 -14.79
N ARG A 128 4.91 0.27 -14.23
CA ARG A 128 5.78 -0.85 -14.56
C ARG A 128 5.06 -1.95 -15.31
N GLY A 129 3.75 -2.08 -15.13
CA GLY A 129 2.91 -2.89 -16.02
C GLY A 129 2.59 -2.14 -17.31
N SER A 130 2.88 -0.85 -17.35
CA SER A 130 2.65 0.11 -18.42
C SER A 130 3.94 0.95 -18.52
#